data_7X1L
#
_entry.id   7X1L
#
_cell.length_a   242.850
_cell.length_b   82.724
_cell.length_c   136.703
_cell.angle_alpha   90.000
_cell.angle_beta   98.588
_cell.angle_gamma   90.000
#
_symmetry.space_group_name_H-M   'C 1 2 1'
#
loop_
_entity.id
_entity.type
_entity.pdbx_description
1 polymer 'Malate dehydrogenase'
2 non-polymer NICOTINAMIDE-ADENINE-DINUCLEOTIDE
3 water water
#
_entity_poly.entity_id   1
_entity_poly.type   'polypeptide(L)'
_entity_poly.pdbx_seq_one_letter_code
;MGSSHHHHHHSSGLVPRGSHMAMKRKKISVIGAGFTGATTAFLLAQKELGDVVLVDIPQLENPTKGKALDMLEASPVLGF
DANIIGTSDYADTADSDIVVITAGIARKPGMSRDDLVTTNQKIMKQVTKEVVKYSPNCYIIVLTNPVDAMTYTVFKESGF
PKNRVIGQSGVLDTARFRTFVAEELNISVKDVTGFVLGGHGDDMVPLVRYSYAGGIPLEKLIPKDRLDAIVERTRKGGGE
IVNLLGNGSAYYAPAASLVEMVEAILKDQRRILPAIAYLEGEYGYEGIYLGVPTILGGNGIEKVIELELTEEEKAALAKS
VESVKNVMRML
;
_entity_poly.pdbx_strand_id   A,B,E,F,C,D
#
loop_
_chem_comp.id
_chem_comp.type
_chem_comp.name
_chem_comp.formula
NAD non-polymer NICOTINAMIDE-ADENINE-DINUCLEOTIDE 'C21 H27 N7 O14 P2'
#
# COMPACT_ATOMS: atom_id res chain seq x y z
N ALA A 22 42.38 5.02 -16.62
CA ALA A 22 42.25 4.43 -15.24
C ALA A 22 40.96 4.96 -14.59
N MET A 23 39.83 4.46 -15.09
CA MET A 23 38.45 4.74 -14.57
C MET A 23 38.27 3.91 -13.29
N LYS A 24 38.08 4.55 -12.14
CA LYS A 24 38.07 3.85 -10.83
C LYS A 24 36.72 4.07 -10.15
N ARG A 25 36.25 3.10 -9.38
CA ARG A 25 34.95 3.22 -8.67
C ARG A 25 35.06 4.33 -7.63
N LYS A 26 33.97 5.09 -7.49
CA LYS A 26 33.70 5.90 -6.27
C LYS A 26 33.85 4.96 -5.07
N LYS A 27 34.44 5.47 -4.00
CA LYS A 27 34.56 4.73 -2.73
C LYS A 27 33.71 5.46 -1.69
N ILE A 28 32.82 4.73 -1.03
CA ILE A 28 31.92 5.32 0.00
C ILE A 28 32.18 4.57 1.29
N SER A 29 32.58 5.29 2.35
CA SER A 29 32.69 4.71 3.70
C SER A 29 31.43 5.03 4.51
N VAL A 30 30.81 4.02 5.12
CA VAL A 30 29.66 4.22 6.04
C VAL A 30 30.12 3.91 7.47
N ILE A 31 30.07 4.92 8.33
CA ILE A 31 30.51 4.80 9.75
C ILE A 31 29.30 4.42 10.60
N GLY A 32 29.36 3.26 11.26
CA GLY A 32 28.23 2.70 12.03
C GLY A 32 27.51 1.66 11.20
N ALA A 33 27.62 0.40 11.63
CA ALA A 33 27.10 -0.82 10.99
C ALA A 33 25.86 -1.26 11.74
N GLY A 34 25.19 -0.32 12.40
CA GLY A 34 23.84 -0.53 12.92
C GLY A 34 22.83 -0.55 11.78
N PHE A 35 21.56 -0.63 12.11
CA PHE A 35 20.48 -0.83 11.11
C PHE A 35 20.55 0.28 10.06
N THR A 36 20.72 1.54 10.43
CA THR A 36 20.72 2.65 9.43
C THR A 36 21.95 2.53 8.50
N GLY A 37 23.13 2.24 9.04
CA GLY A 37 24.38 2.20 8.26
C GLY A 37 24.45 0.97 7.36
N ALA A 38 23.93 -0.17 7.83
CA ALA A 38 23.95 -1.41 7.05
C ALA A 38 22.95 -1.27 5.90
N THR A 39 21.75 -0.76 6.16
CA THR A 39 20.71 -0.48 5.14
C THR A 39 21.25 0.46 4.07
N THR A 40 21.85 1.57 4.47
CA THR A 40 22.54 2.54 3.57
C THR A 40 23.57 1.80 2.71
N ALA A 41 24.46 1.00 3.30
CA ALA A 41 25.52 0.30 2.56
C ALA A 41 24.89 -0.56 1.45
N PHE A 42 23.79 -1.25 1.75
CA PHE A 42 23.21 -2.26 0.85
C PHE A 42 22.57 -1.52 -0.34
N LEU A 43 21.91 -0.39 -0.07
CA LEU A 43 21.29 0.47 -1.09
C LEU A 43 22.37 1.04 -2.01
N LEU A 44 23.48 1.54 -1.47
CA LEU A 44 24.59 2.14 -2.26
C LEU A 44 25.17 1.09 -3.22
N ALA A 45 25.41 -0.12 -2.71
CA ALA A 45 25.96 -1.24 -3.50
C ALA A 45 24.95 -1.69 -4.58
N GLN A 46 23.67 -1.87 -4.24
CA GLN A 46 22.58 -2.26 -5.20
C GLN A 46 22.53 -1.28 -6.38
N LYS A 47 22.73 0.03 -6.14
CA LYS A 47 22.69 1.09 -7.18
C LYS A 47 24.03 1.26 -7.89
N GLU A 48 25.06 0.48 -7.54
CA GLU A 48 26.43 0.53 -8.13
C GLU A 48 26.98 1.96 -8.04
N LEU A 49 26.74 2.65 -6.93
CA LEU A 49 27.20 4.04 -6.78
C LEU A 49 28.69 4.05 -6.47
N GLY A 50 29.17 2.95 -5.90
CA GLY A 50 30.61 2.70 -5.71
C GLY A 50 30.87 1.45 -4.89
N ASP A 51 32.12 1.32 -4.50
CA ASP A 51 32.59 0.35 -3.48
C ASP A 51 32.26 0.94 -2.10
N VAL A 52 31.85 0.09 -1.18
CA VAL A 52 31.38 0.49 0.16
C VAL A 52 32.30 -0.11 1.23
N VAL A 53 32.73 0.73 2.16
CA VAL A 53 33.43 0.26 3.40
C VAL A 53 32.48 0.57 4.56
N LEU A 54 32.00 -0.49 5.24
CA LEU A 54 31.15 -0.47 6.45
C LEU A 54 32.07 -0.53 7.68
N VAL A 55 32.08 0.51 8.51
CA VAL A 55 33.01 0.66 9.67
C VAL A 55 32.24 0.58 10.98
N ASP A 56 32.76 -0.14 11.98
CA ASP A 56 32.23 -0.03 13.37
C ASP A 56 33.37 -0.19 14.39
N ILE A 57 33.03 -0.10 15.67
CA ILE A 57 34.01 -0.16 16.79
C ILE A 57 34.62 -1.55 16.77
N PRO A 58 35.83 -1.72 17.35
CA PRO A 58 36.54 -2.99 17.31
C PRO A 58 35.77 -4.18 17.89
N GLN A 59 35.00 -3.94 18.95
CA GLN A 59 34.30 -5.04 19.67
C GLN A 59 33.21 -5.61 18.75
N LEU A 60 32.69 -4.84 17.77
CA LEU A 60 31.66 -5.27 16.77
C LEU A 60 32.28 -5.54 15.41
N GLU A 61 33.55 -5.97 15.38
CA GLU A 61 34.30 -6.13 14.11
C GLU A 61 33.73 -7.31 13.32
N ASN A 62 33.49 -8.42 14.00
CA ASN A 62 33.05 -9.68 13.36
C ASN A 62 31.65 -9.52 12.79
N PRO A 63 30.65 -9.08 13.59
CA PRO A 63 29.33 -8.73 13.08
C PRO A 63 29.39 -7.83 11.83
N THR A 64 30.25 -6.82 11.82
CA THR A 64 30.38 -5.83 10.70
C THR A 64 30.84 -6.55 9.43
N LYS A 65 31.88 -7.40 9.52
CA LYS A 65 32.31 -8.24 8.37
C LYS A 65 31.21 -9.24 7.97
N GLY A 66 30.46 -9.79 8.92
CA GLY A 66 29.36 -10.71 8.60
C GLY A 66 28.32 -10.04 7.72
N LYS A 67 27.93 -8.82 8.07
CA LYS A 67 26.87 -8.05 7.37
C LYS A 67 27.34 -7.74 5.96
N ALA A 68 28.55 -7.23 5.83
CA ALA A 68 29.20 -6.85 4.55
C ALA A 68 29.32 -8.05 3.63
N LEU A 69 29.82 -9.18 4.13
CA LEU A 69 29.96 -10.39 3.30
C LEU A 69 28.58 -10.88 2.90
N ASP A 70 27.60 -10.77 3.81
CA ASP A 70 26.19 -11.20 3.53
C ASP A 70 25.67 -10.32 2.38
N MET A 71 25.88 -9.01 2.44
CA MET A 71 25.41 -8.10 1.37
C MET A 71 26.13 -8.46 0.07
N LEU A 72 27.43 -8.68 0.14
CA LEU A 72 28.25 -8.97 -1.05
C LEU A 72 27.79 -10.29 -1.67
N GLU A 73 27.36 -11.26 -0.87
CA GLU A 73 26.92 -12.58 -1.40
C GLU A 73 25.56 -12.46 -2.10
N ALA A 74 24.88 -11.33 -1.92
CA ALA A 74 23.63 -10.95 -2.61
C ALA A 74 23.91 -10.42 -4.01
N SER A 75 25.14 -9.98 -4.33
CA SER A 75 25.46 -9.25 -5.57
C SER A 75 25.27 -10.09 -6.84
N PRO A 76 25.61 -11.40 -6.88
CA PRO A 76 25.37 -12.18 -8.08
C PRO A 76 23.86 -12.31 -8.36
N VAL A 77 23.05 -12.36 -7.31
CA VAL A 77 21.58 -12.60 -7.39
C VAL A 77 20.92 -11.30 -7.85
N LEU A 78 21.16 -10.18 -7.18
CA LEU A 78 20.59 -8.87 -7.58
C LEU A 78 21.34 -8.30 -8.79
N GLY A 79 22.50 -8.88 -9.13
CA GLY A 79 23.26 -8.51 -10.33
C GLY A 79 23.80 -7.10 -10.25
N PHE A 80 24.50 -6.74 -9.16
CA PHE A 80 25.31 -5.51 -9.04
C PHE A 80 26.78 -5.87 -8.86
N ASP A 81 27.66 -5.06 -9.44
CA ASP A 81 29.13 -5.10 -9.28
C ASP A 81 29.51 -3.97 -8.33
N ALA A 82 29.69 -4.29 -7.05
CA ALA A 82 30.18 -3.36 -6.02
C ALA A 82 30.96 -4.23 -5.05
N ASN A 83 32.10 -3.77 -4.54
CA ASN A 83 32.75 -4.39 -3.35
C ASN A 83 32.14 -3.73 -2.12
N ILE A 84 31.87 -4.58 -1.13
CA ILE A 84 31.43 -4.24 0.24
C ILE A 84 32.39 -4.96 1.20
N ILE A 85 32.99 -4.24 2.14
CA ILE A 85 33.76 -4.88 3.24
C ILE A 85 33.34 -4.22 4.56
N GLY A 86 33.41 -5.03 5.61
CA GLY A 86 33.23 -4.63 7.01
C GLY A 86 34.56 -4.53 7.69
N THR A 87 34.73 -3.50 8.51
CA THR A 87 36.01 -3.26 9.18
C THR A 87 35.80 -2.47 10.47
N SER A 88 36.79 -2.57 11.38
CA SER A 88 36.99 -1.66 12.53
C SER A 88 38.30 -0.90 12.37
N ASP A 89 39.03 -1.15 11.28
CA ASP A 89 40.27 -0.43 10.88
C ASP A 89 39.93 0.75 9.94
N TYR A 90 40.03 1.99 10.40
CA TYR A 90 39.73 3.18 9.57
C TYR A 90 40.73 3.34 8.41
N ALA A 91 41.90 2.70 8.42
CA ALA A 91 42.82 2.70 7.24
C ALA A 91 42.07 2.16 6.00
N ASP A 92 41.09 1.28 6.19
CA ASP A 92 40.31 0.69 5.08
C ASP A 92 39.45 1.77 4.40
N THR A 93 39.19 2.91 5.03
CA THR A 93 38.40 4.03 4.46
C THR A 93 39.26 4.99 3.65
N ALA A 94 40.56 4.74 3.48
CA ALA A 94 41.51 5.72 2.88
C ALA A 94 40.99 6.16 1.51
N ASP A 95 41.01 7.47 1.25
CA ASP A 95 40.64 8.07 -0.06
C ASP A 95 39.18 7.76 -0.36
N SER A 96 38.30 7.84 0.62
CA SER A 96 36.84 7.78 0.39
C SER A 96 36.46 9.07 -0.33
N ASP A 97 35.59 8.99 -1.32
CA ASP A 97 35.02 10.19 -1.99
C ASP A 97 33.95 10.77 -1.07
N ILE A 98 33.14 9.91 -0.45
CA ILE A 98 32.04 10.31 0.46
C ILE A 98 32.15 9.42 1.71
N VAL A 99 31.89 10.04 2.85
CA VAL A 99 31.84 9.33 4.16
C VAL A 99 30.51 9.73 4.80
N VAL A 100 29.71 8.71 5.12
CA VAL A 100 28.38 8.88 5.74
C VAL A 100 28.51 8.52 7.22
N ILE A 101 28.11 9.41 8.12
CA ILE A 101 28.25 9.15 9.58
C ILE A 101 26.87 8.84 10.15
N THR A 102 26.69 7.62 10.63
CA THR A 102 25.43 7.13 11.25
C THR A 102 25.73 6.62 12.66
N ALA A 103 26.95 6.80 13.17
CA ALA A 103 27.38 6.49 14.54
C ALA A 103 26.73 7.43 15.55
N GLY A 104 26.50 6.96 16.76
CA GLY A 104 25.91 7.75 17.86
C GLY A 104 24.77 7.02 18.55
N ILE A 105 24.13 7.65 19.53
CA ILE A 105 23.01 7.01 20.28
C ILE A 105 21.74 7.74 19.89
N ALA A 106 20.58 7.12 20.17
CA ALA A 106 19.24 7.72 20.03
C ALA A 106 18.86 8.40 21.36
N ARG A 107 17.94 9.38 21.34
CA ARG A 107 17.40 9.94 22.61
C ARG A 107 16.41 8.93 23.23
N LYS A 108 16.86 8.16 24.23
CA LYS A 108 16.06 7.26 25.11
C LYS A 108 14.96 8.05 25.84
N PRO A 109 13.76 7.47 26.09
CA PRO A 109 12.73 8.17 26.87
C PRO A 109 13.28 8.62 28.23
N GLY A 110 13.08 9.89 28.58
CA GLY A 110 13.52 10.45 29.87
C GLY A 110 14.93 11.02 29.85
N MET A 111 15.73 10.74 28.80
CA MET A 111 17.10 11.30 28.56
C MET A 111 16.98 12.80 28.23
N SER A 112 17.80 13.67 28.83
CA SER A 112 17.77 15.13 28.48
C SER A 112 18.41 15.32 27.09
N ARG A 113 18.03 16.39 26.41
CA ARG A 113 18.64 16.81 25.12
C ARG A 113 20.14 17.06 25.30
N ASP A 114 20.54 17.75 26.38
CA ASP A 114 21.97 18.01 26.68
C ASP A 114 22.76 16.70 26.80
N ASP A 115 22.22 15.67 27.45
CA ASP A 115 22.92 14.36 27.55
C ASP A 115 23.05 13.76 26.13
N LEU A 116 22.03 13.90 25.27
CA LEU A 116 22.10 13.36 23.88
C LEU A 116 23.29 14.03 23.16
N VAL A 117 23.39 15.34 23.29
CA VAL A 117 24.40 16.19 22.61
C VAL A 117 25.78 15.86 23.18
N THR A 118 25.95 15.88 24.51
CA THR A 118 27.24 15.56 25.16
C THR A 118 27.81 14.25 24.59
N THR A 119 27.02 13.17 24.54
CA THR A 119 27.51 11.82 24.14
C THR A 119 27.85 11.83 22.65
N ASN A 120 26.98 12.40 21.80
CA ASN A 120 27.14 12.31 20.32
C ASN A 120 28.22 13.30 19.86
N GLN A 121 28.28 14.51 20.46
CA GLN A 121 29.39 15.48 20.28
C GLN A 121 30.73 14.74 20.34
N LYS A 122 30.92 13.90 21.37
CA LYS A 122 32.20 13.19 21.62
C LYS A 122 32.46 12.20 20.48
N ILE A 123 31.46 11.40 20.12
CA ILE A 123 31.58 10.39 19.04
C ILE A 123 31.89 11.13 17.73
N MET A 124 31.26 12.28 17.48
CA MET A 124 31.46 13.03 16.22
C MET A 124 32.93 13.49 16.14
N LYS A 125 33.55 13.92 17.24
CA LYS A 125 34.97 14.39 17.27
C LYS A 125 35.90 13.19 17.02
N GLN A 126 35.72 12.09 17.73
CA GLN A 126 36.53 10.86 17.55
C GLN A 126 36.36 10.30 16.14
N VAL A 127 35.17 10.38 15.56
CA VAL A 127 34.94 9.77 14.22
C VAL A 127 35.58 10.66 13.16
N THR A 128 35.30 11.96 13.20
CA THR A 128 35.80 12.92 12.18
C THR A 128 37.33 12.87 12.16
N LYS A 129 37.94 12.71 13.34
CA LYS A 129 39.41 12.72 13.49
C LYS A 129 39.96 11.63 12.56
N GLU A 130 39.49 10.39 12.70
CA GLU A 130 39.98 9.21 11.92
C GLU A 130 39.51 9.30 10.47
N VAL A 131 38.34 9.85 10.20
CA VAL A 131 37.83 9.99 8.81
C VAL A 131 38.81 10.87 8.04
N VAL A 132 39.07 12.09 8.50
CA VAL A 132 39.86 13.10 7.74
C VAL A 132 41.34 12.67 7.77
N LYS A 133 41.76 11.93 8.77
CA LYS A 133 43.12 11.33 8.83
C LYS A 133 43.31 10.50 7.55
N TYR A 134 42.34 9.67 7.13
CA TYR A 134 42.57 8.76 5.98
C TYR A 134 41.93 9.26 4.67
N SER A 135 40.93 10.14 4.71
CA SER A 135 40.30 10.75 3.50
C SER A 135 40.25 12.26 3.65
N PRO A 136 41.40 12.97 3.54
CA PRO A 136 41.43 14.43 3.67
C PRO A 136 40.59 15.23 2.66
N ASN A 137 40.14 14.62 1.55
CA ASN A 137 39.37 15.30 0.45
C ASN A 137 37.89 14.86 0.38
N CYS A 138 37.36 14.05 1.31
CA CYS A 138 35.98 13.50 1.15
C CYS A 138 34.89 14.55 1.35
N TYR A 139 33.67 14.21 0.93
CA TYR A 139 32.41 14.84 1.37
C TYR A 139 31.88 14.03 2.55
N ILE A 140 31.27 14.73 3.51
CA ILE A 140 30.74 14.09 4.74
C ILE A 140 29.26 14.43 4.86
N ILE A 141 28.44 13.39 5.01
CA ILE A 141 26.98 13.53 5.26
C ILE A 141 26.74 12.97 6.65
N VAL A 142 26.09 13.72 7.53
CA VAL A 142 25.95 13.33 8.96
C VAL A 142 24.48 12.99 9.19
N LEU A 143 24.21 11.81 9.78
CA LEU A 143 22.84 11.43 10.20
C LEU A 143 22.64 11.72 11.70
N THR A 144 23.69 11.61 12.51
CA THR A 144 23.62 11.64 14.00
C THR A 144 22.78 12.82 14.51
N ASN A 145 21.87 12.54 15.45
CA ASN A 145 20.96 13.54 16.09
C ASN A 145 21.59 14.16 17.32
N PRO A 146 21.29 15.44 17.68
CA PRO A 146 20.54 16.36 16.81
C PRO A 146 21.40 16.92 15.67
N VAL A 147 20.89 16.89 14.45
CA VAL A 147 21.77 16.86 13.26
C VAL A 147 22.44 18.23 13.07
N ASP A 148 21.77 19.36 13.33
CA ASP A 148 22.40 20.71 13.22
C ASP A 148 23.62 20.77 14.15
N ALA A 149 23.50 20.25 15.37
CA ALA A 149 24.57 20.26 16.39
C ALA A 149 25.68 19.30 15.98
N MET A 150 25.33 18.14 15.42
CA MET A 150 26.35 17.10 15.14
C MET A 150 27.06 17.45 13.83
N THR A 151 26.37 17.97 12.82
CA THR A 151 27.03 18.38 11.55
C THR A 151 28.01 19.53 11.85
N TYR A 152 27.64 20.45 12.72
CA TYR A 152 28.51 21.59 13.14
C TYR A 152 29.79 21.03 13.77
N THR A 153 29.65 20.07 14.69
CA THR A 153 30.82 19.48 15.35
C THR A 153 31.73 18.85 14.30
N VAL A 154 31.17 18.16 13.30
CA VAL A 154 31.97 17.49 12.24
C VAL A 154 32.76 18.57 11.47
N PHE A 155 32.07 19.61 11.03
CA PHE A 155 32.61 20.74 10.26
C PHE A 155 33.84 21.28 10.99
N LYS A 156 33.67 21.66 12.26
CA LYS A 156 34.69 22.34 13.10
C LYS A 156 35.85 21.36 13.36
N GLU A 157 35.56 20.10 13.64
CA GLU A 157 36.62 19.07 13.79
C GLU A 157 37.32 18.81 12.43
N SER A 158 36.62 18.84 11.30
CA SER A 158 37.22 18.35 10.03
C SER A 158 38.28 19.35 9.56
N GLY A 159 38.04 20.64 9.79
CA GLY A 159 38.73 21.76 9.13
C GLY A 159 38.31 21.91 7.68
N PHE A 160 37.30 21.17 7.22
CA PHE A 160 36.89 21.18 5.79
C PHE A 160 36.20 22.51 5.50
N PRO A 161 36.19 22.97 4.23
CA PRO A 161 35.32 24.08 3.87
C PRO A 161 33.86 23.59 3.94
N LYS A 162 32.95 24.56 3.99
CA LYS A 162 31.55 24.37 4.48
C LYS A 162 30.78 23.53 3.46
N ASN A 163 31.11 23.66 2.17
CA ASN A 163 30.39 22.99 1.07
C ASN A 163 30.57 21.47 1.18
N ARG A 164 31.46 20.98 2.05
CA ARG A 164 31.90 19.57 2.11
C ARG A 164 31.31 18.83 3.33
N VAL A 165 30.61 19.51 4.23
CA VAL A 165 30.06 18.88 5.47
C VAL A 165 28.59 19.23 5.60
N ILE A 166 27.74 18.21 5.55
CA ILE A 166 26.27 18.34 5.29
C ILE A 166 25.56 17.36 6.20
N GLY A 167 24.39 17.72 6.73
CA GLY A 167 23.56 16.82 7.53
C GLY A 167 22.30 16.44 6.76
N GLN A 168 21.77 15.25 7.01
CA GLN A 168 20.42 14.81 6.54
C GLN A 168 19.38 15.27 7.59
N SER A 169 18.28 15.90 7.17
CA SER A 169 17.06 16.11 8.00
C SER A 169 15.80 16.21 7.15
N GLY A 170 15.69 17.23 6.30
CA GLY A 170 14.43 17.57 5.63
C GLY A 170 13.96 16.47 4.67
N VAL A 171 14.88 15.75 4.03
CA VAL A 171 14.55 14.70 3.03
C VAL A 171 13.69 13.68 3.75
N LEU A 172 14.11 13.26 4.95
CA LEU A 172 13.38 12.27 5.77
C LEU A 172 12.07 12.90 6.27
N ASP A 173 12.08 14.11 6.78
CA ASP A 173 10.81 14.80 7.17
C ASP A 173 9.90 14.91 5.94
N THR A 174 10.39 15.31 4.76
CA THR A 174 9.49 15.48 3.58
C THR A 174 9.00 14.12 3.05
N ALA A 175 9.81 13.06 3.17
CA ALA A 175 9.42 11.68 2.83
C ALA A 175 8.22 11.24 3.70
N ARG A 176 8.25 11.43 5.03
CA ARG A 176 7.12 11.04 5.88
C ARG A 176 5.90 11.89 5.50
N PHE A 177 6.07 13.20 5.33
CA PHE A 177 5.00 14.16 4.97
C PHE A 177 4.32 13.71 3.68
N ARG A 178 5.09 13.41 2.64
CA ARG A 178 4.58 12.96 1.32
C ARG A 178 3.84 11.63 1.49
N THR A 179 4.27 10.76 2.40
CA THR A 179 3.62 9.45 2.62
C THR A 179 2.23 9.69 3.22
N PHE A 180 2.15 10.49 4.26
CA PHE A 180 0.86 10.78 4.95
C PHE A 180 -0.13 11.43 3.95
N VAL A 181 0.34 12.38 3.15
CA VAL A 181 -0.48 13.16 2.18
C VAL A 181 -0.93 12.24 1.04
N ALA A 182 -0.05 11.40 0.52
CA ALA A 182 -0.40 10.33 -0.45
C ALA A 182 -1.57 9.48 0.06
N GLU A 183 -1.51 9.02 1.30
CA GLU A 183 -2.60 8.24 1.94
C GLU A 183 -3.91 9.07 1.98
N GLU A 184 -3.85 10.31 2.48
CA GLU A 184 -5.02 11.23 2.63
C GLU A 184 -5.74 11.44 1.30
N LEU A 185 -5.01 11.58 0.17
CA LEU A 185 -5.57 11.92 -1.15
C LEU A 185 -5.64 10.70 -2.08
N ASN A 186 -5.11 9.54 -1.68
CA ASN A 186 -5.06 8.31 -2.53
C ASN A 186 -4.43 8.64 -3.88
N ILE A 187 -3.20 9.14 -3.89
CA ILE A 187 -2.42 9.37 -5.13
C ILE A 187 -0.99 8.85 -4.91
N SER A 188 -0.22 8.74 -5.99
CA SER A 188 1.20 8.36 -5.91
C SER A 188 1.96 9.43 -5.12
N VAL A 189 2.83 8.99 -4.21
CA VAL A 189 3.88 9.80 -3.53
C VAL A 189 4.71 10.57 -4.55
N LYS A 190 4.89 10.07 -5.76
CA LYS A 190 5.68 10.79 -6.79
C LYS A 190 5.10 12.19 -7.04
N ASP A 191 3.81 12.40 -6.78
CA ASP A 191 3.15 13.66 -7.21
C ASP A 191 2.86 14.57 -6.02
N VAL A 192 3.35 14.22 -4.82
CA VAL A 192 3.27 15.08 -3.61
C VAL A 192 4.62 15.78 -3.39
N THR A 193 4.56 17.06 -3.05
CA THR A 193 5.70 17.93 -2.69
C THR A 193 5.54 18.37 -1.24
N GLY A 194 6.55 18.12 -0.42
CA GLY A 194 6.68 18.73 0.92
C GLY A 194 7.79 19.75 0.92
N PHE A 195 7.85 20.56 1.96
CA PHE A 195 8.81 21.67 2.10
C PHE A 195 8.96 21.98 3.59
N VAL A 196 10.17 21.76 4.12
CA VAL A 196 10.51 21.90 5.56
C VAL A 196 11.87 22.61 5.68
N LEU A 197 11.92 23.64 6.52
CA LEU A 197 13.15 24.29 7.01
C LEU A 197 13.40 23.69 8.39
N GLY A 198 14.55 23.95 9.01
CA GLY A 198 14.81 23.55 10.40
C GLY A 198 14.94 22.05 10.57
N GLY A 199 14.87 21.60 11.83
CA GLY A 199 15.17 20.23 12.26
C GLY A 199 13.92 19.40 12.39
N HIS A 200 14.01 18.30 13.16
CA HIS A 200 12.90 17.36 13.46
C HIS A 200 12.06 17.88 14.64
N GLY A 201 10.86 17.32 14.83
CA GLY A 201 10.08 17.54 16.04
C GLY A 201 9.62 18.99 16.14
N ASP A 202 9.81 19.60 17.30
CA ASP A 202 9.39 21.00 17.55
C ASP A 202 10.29 21.95 16.75
N ASP A 203 11.42 21.46 16.23
CA ASP A 203 12.41 22.30 15.50
C ASP A 203 12.04 22.40 14.01
N MET A 204 11.12 21.58 13.53
CA MET A 204 10.64 21.58 12.11
C MET A 204 9.82 22.84 11.82
N VAL A 205 10.07 23.45 10.67
CA VAL A 205 9.34 24.65 10.21
C VAL A 205 8.77 24.29 8.84
N PRO A 206 7.58 23.64 8.80
CA PRO A 206 6.97 23.27 7.54
C PRO A 206 6.47 24.55 6.86
N LEU A 207 6.63 24.63 5.53
CA LEU A 207 5.88 25.57 4.67
C LEU A 207 4.85 24.75 3.92
N VAL A 208 3.70 24.54 4.55
CA VAL A 208 2.51 23.91 3.91
C VAL A 208 2.16 24.68 2.61
N ARG A 209 2.44 25.99 2.52
CA ARG A 209 2.05 26.84 1.35
C ARG A 209 2.96 26.55 0.16
N TYR A 210 4.12 25.91 0.37
CA TYR A 210 5.00 25.41 -0.72
C TYR A 210 4.88 23.88 -0.79
N SER A 211 3.73 23.32 -0.39
CA SER A 211 3.40 21.87 -0.42
C SER A 211 2.15 21.64 -1.28
N TYR A 212 2.27 20.76 -2.27
CA TYR A 212 1.32 20.56 -3.38
C TYR A 212 1.07 19.07 -3.66
N ALA A 213 -0.08 18.78 -4.25
CA ALA A 213 -0.43 17.52 -4.95
C ALA A 213 -0.59 17.84 -6.44
N GLY A 214 0.33 17.35 -7.27
CA GLY A 214 0.40 17.65 -8.71
C GLY A 214 0.58 19.12 -8.98
N GLY A 215 1.19 19.83 -8.05
CA GLY A 215 1.44 21.29 -8.11
C GLY A 215 0.27 22.13 -7.61
N ILE A 216 -0.81 21.50 -7.15
CA ILE A 216 -1.96 22.19 -6.50
C ILE A 216 -1.69 22.33 -5.00
N PRO A 217 -1.73 23.56 -4.45
CA PRO A 217 -1.54 23.78 -3.01
C PRO A 217 -2.39 22.82 -2.18
N LEU A 218 -1.82 22.25 -1.12
CA LEU A 218 -2.50 21.23 -0.30
C LEU A 218 -3.60 21.91 0.52
N GLU A 219 -3.48 23.20 0.83
CA GLU A 219 -4.50 23.94 1.63
C GLU A 219 -5.84 23.96 0.86
N LYS A 220 -5.76 23.92 -0.46
CA LYS A 220 -6.93 23.90 -1.40
C LYS A 220 -7.55 22.50 -1.52
N LEU A 221 -6.93 21.44 -0.97
CA LEU A 221 -7.27 20.02 -1.26
C LEU A 221 -7.61 19.25 0.02
N ILE A 222 -6.93 19.57 1.13
CA ILE A 222 -7.07 18.86 2.43
C ILE A 222 -7.56 19.89 3.45
N PRO A 223 -8.65 19.62 4.20
CA PRO A 223 -9.14 20.59 5.19
C PRO A 223 -8.16 20.82 6.35
N LYS A 224 -8.34 21.93 7.07
CA LYS A 224 -7.37 22.45 8.08
C LYS A 224 -7.08 21.41 9.16
N ASP A 225 -8.08 20.71 9.70
CA ASP A 225 -7.91 19.82 10.88
C ASP A 225 -6.98 18.63 10.53
N ARG A 226 -7.18 18.00 9.38
CA ARG A 226 -6.49 16.76 8.95
C ARG A 226 -5.11 17.07 8.37
N LEU A 227 -4.91 18.26 7.78
CA LEU A 227 -3.60 18.73 7.27
C LEU A 227 -2.70 19.08 8.45
N ASP A 228 -3.25 19.76 9.46
CA ASP A 228 -2.58 20.08 10.73
C ASP A 228 -2.16 18.77 11.41
N ALA A 229 -3.01 17.76 11.36
CA ALA A 229 -2.73 16.42 11.94
C ALA A 229 -1.51 15.83 11.20
N ILE A 230 -1.49 15.92 9.86
CA ILE A 230 -0.41 15.44 8.96
C ILE A 230 0.93 16.10 9.30
N VAL A 231 0.93 17.42 9.54
CA VAL A 231 2.12 18.22 9.97
C VAL A 231 2.61 17.70 11.33
N GLU A 232 1.68 17.44 12.25
CA GLU A 232 1.97 17.01 13.65
C GLU A 232 2.52 15.56 13.65
N ARG A 233 1.94 14.66 12.84
CA ARG A 233 2.48 13.30 12.59
C ARG A 233 3.89 13.38 11.96
N THR A 234 4.13 14.29 11.02
CA THR A 234 5.51 14.52 10.48
C THR A 234 6.48 14.88 11.61
N ARG A 235 6.13 15.83 12.48
CA ARG A 235 6.97 16.24 13.65
C ARG A 235 7.30 15.04 14.55
N LYS A 236 6.35 14.13 14.70
CA LYS A 236 6.39 12.99 15.63
C LYS A 236 6.85 11.72 14.92
N GLY A 237 7.11 11.78 13.62
CA GLY A 237 7.31 10.60 12.76
C GLY A 237 8.39 9.67 13.25
N GLY A 238 9.54 10.22 13.67
CA GLY A 238 10.69 9.44 14.16
C GLY A 238 10.30 8.69 15.43
N GLY A 239 9.66 9.38 16.36
CA GLY A 239 9.12 8.80 17.61
C GLY A 239 8.04 7.77 17.36
N GLU A 240 7.21 7.96 16.32
CA GLU A 240 6.15 6.98 15.92
C GLU A 240 6.82 5.63 15.61
N ILE A 241 7.91 5.62 14.83
CA ILE A 241 8.63 4.35 14.48
C ILE A 241 9.31 3.80 15.75
N VAL A 242 9.99 4.64 16.54
CA VAL A 242 10.60 4.17 17.83
C VAL A 242 9.51 3.49 18.68
N ASN A 243 8.38 4.15 18.91
CA ASN A 243 7.28 3.56 19.74
C ASN A 243 6.89 2.21 19.15
N LEU A 244 6.69 2.10 17.83
CA LEU A 244 6.26 0.82 17.19
C LEU A 244 7.36 -0.24 17.27
N LEU A 245 8.64 0.07 17.02
CA LEU A 245 9.70 -0.96 17.02
C LEU A 245 9.97 -1.46 18.46
N GLY A 246 9.89 -0.60 19.48
CA GLY A 246 10.21 -0.99 20.86
C GLY A 246 11.71 -1.10 21.16
N ASN A 247 12.55 -1.42 20.15
CA ASN A 247 13.96 -1.84 20.33
C ASN A 247 14.98 -0.78 19.85
N GLY A 248 14.58 0.23 19.07
CA GLY A 248 15.50 1.22 18.49
C GLY A 248 14.78 2.24 17.60
N SER A 249 15.42 2.77 16.55
CA SER A 249 14.86 3.87 15.71
C SER A 249 14.70 3.44 14.24
N ALA A 250 14.05 4.28 13.44
CA ALA A 250 13.79 4.05 12.01
C ALA A 250 15.11 3.84 11.28
N TYR A 251 15.16 3.00 10.24
CA TYR A 251 16.39 2.83 9.43
C TYR A 251 16.11 2.85 7.91
N TYR A 252 14.98 2.32 7.47
CA TYR A 252 14.73 2.21 6.01
C TYR A 252 14.65 3.59 5.39
N ALA A 253 13.81 4.47 5.91
CA ALA A 253 13.59 5.79 5.31
C ALA A 253 14.82 6.66 5.53
N PRO A 254 15.39 6.72 6.76
CA PRO A 254 16.68 7.37 6.98
C PRO A 254 17.78 6.92 6.00
N ALA A 255 17.95 5.62 5.78
CA ALA A 255 18.99 5.08 4.86
C ALA A 255 18.72 5.62 3.44
N ALA A 256 17.45 5.57 3.01
CA ALA A 256 16.95 6.09 1.72
C ALA A 256 17.31 7.57 1.55
N SER A 257 17.07 8.37 2.58
CA SER A 257 17.35 9.83 2.61
C SER A 257 18.85 10.10 2.43
N LEU A 258 19.72 9.34 3.09
CA LEU A 258 21.21 9.48 2.98
C LEU A 258 21.62 9.15 1.53
N VAL A 259 21.04 8.09 0.95
CA VAL A 259 21.41 7.58 -0.40
C VAL A 259 21.02 8.60 -1.46
N GLU A 260 19.86 9.23 -1.32
CA GLU A 260 19.44 10.34 -2.24
C GLU A 260 20.50 11.46 -2.19
N MET A 261 21.00 11.81 -1.01
CA MET A 261 22.00 12.91 -0.91
C MET A 261 23.37 12.47 -1.48
N VAL A 262 23.82 11.23 -1.18
CA VAL A 262 25.08 10.65 -1.72
C VAL A 262 25.05 10.64 -3.26
N GLU A 263 23.93 10.25 -3.85
CA GLU A 263 23.71 10.15 -5.32
C GLU A 263 23.84 11.55 -5.91
N ALA A 264 23.14 12.54 -5.31
CA ALA A 264 23.11 13.93 -5.82
C ALA A 264 24.55 14.42 -6.00
N ILE A 265 25.44 14.03 -5.06
CA ILE A 265 26.86 14.44 -5.04
C ILE A 265 27.69 13.61 -6.02
N LEU A 266 27.65 12.27 -5.92
CA LEU A 266 28.52 11.37 -6.71
C LEU A 266 28.25 11.56 -8.21
N LYS A 267 27.01 11.83 -8.61
CA LYS A 267 26.52 11.95 -10.02
C LYS A 267 26.29 13.43 -10.40
N ASP A 268 26.73 14.34 -9.52
CA ASP A 268 26.67 15.81 -9.71
C ASP A 268 25.30 16.20 -10.29
N GLN A 269 24.20 15.99 -9.55
CA GLN A 269 22.83 16.09 -10.11
C GLN A 269 22.29 17.53 -9.97
N ARG A 270 22.85 18.35 -9.09
CA ARG A 270 22.32 19.70 -8.75
C ARG A 270 20.83 19.58 -8.38
N ARG A 271 20.51 18.64 -7.50
CA ARG A 271 19.15 18.48 -6.92
C ARG A 271 18.89 19.70 -6.05
N ILE A 272 17.65 20.10 -5.93
CA ILE A 272 17.21 21.02 -4.84
C ILE A 272 16.62 20.12 -3.77
N LEU A 273 17.28 20.10 -2.62
CA LEU A 273 16.97 19.21 -1.50
C LEU A 273 17.18 20.02 -0.23
N PRO A 274 16.31 19.80 0.79
CA PRO A 274 16.56 20.30 2.12
C PRO A 274 17.75 19.52 2.73
N ALA A 275 18.71 20.28 3.24
CA ALA A 275 19.96 19.80 3.85
C ALA A 275 20.24 20.66 5.08
N ILE A 276 21.01 20.14 6.01
CA ILE A 276 21.51 20.91 7.18
C ILE A 276 22.83 21.53 6.72
N ALA A 277 22.84 22.84 6.51
CA ALA A 277 23.95 23.59 5.86
C ALA A 277 24.43 24.76 6.72
N TYR A 278 25.72 25.07 6.63
CA TYR A 278 26.40 26.17 7.35
C TYR A 278 26.01 27.50 6.70
N LEU A 279 25.42 28.41 7.47
CA LEU A 279 24.97 29.73 6.97
C LEU A 279 26.05 30.79 7.23
N GLU A 280 26.24 31.69 6.26
CA GLU A 280 27.18 32.84 6.38
C GLU A 280 26.46 34.05 5.81
N GLY A 281 25.35 34.42 6.44
CA GLY A 281 24.52 35.56 6.04
C GLY A 281 23.12 35.14 5.66
N GLU A 282 22.96 33.91 5.17
CA GLU A 282 21.66 33.38 4.66
C GLU A 282 20.65 33.39 5.81
N TYR A 283 19.42 33.85 5.55
CA TYR A 283 18.30 33.87 6.51
C TYR A 283 18.60 34.82 7.68
N GLY A 284 19.70 35.58 7.58
CA GLY A 284 20.20 36.50 8.62
C GLY A 284 20.92 35.78 9.75
N TYR A 285 21.45 34.56 9.52
CA TYR A 285 22.22 33.80 10.54
C TYR A 285 23.64 33.59 10.03
N GLU A 286 24.57 33.44 10.98
CA GLU A 286 26.02 33.39 10.73
C GLU A 286 26.66 32.40 11.69
N GLY A 287 27.54 31.52 11.19
CA GLY A 287 28.31 30.58 12.01
C GLY A 287 27.46 29.48 12.61
N ILE A 288 26.34 29.11 11.97
CA ILE A 288 25.49 27.97 12.42
C ILE A 288 25.12 27.05 11.25
N TYR A 289 24.77 25.81 11.59
CA TYR A 289 24.11 24.87 10.65
C TYR A 289 22.61 24.96 10.88
N LEU A 290 21.86 25.04 9.79
CA LEU A 290 20.37 25.09 9.79
C LEU A 290 19.84 24.23 8.63
N GLY A 291 18.60 23.78 8.76
CA GLY A 291 17.90 23.02 7.72
C GLY A 291 17.30 23.97 6.72
N VAL A 292 17.81 23.96 5.49
CA VAL A 292 17.44 24.97 4.45
C VAL A 292 17.37 24.28 3.10
N PRO A 293 16.66 24.87 2.11
CA PRO A 293 16.69 24.36 0.73
C PRO A 293 18.10 24.65 0.19
N THR A 294 18.75 23.66 -0.41
CA THR A 294 20.10 23.76 -1.00
C THR A 294 20.05 23.22 -2.44
N ILE A 295 21.03 23.58 -3.27
CA ILE A 295 21.34 22.82 -4.51
C ILE A 295 22.50 21.91 -4.14
N LEU A 296 22.34 20.62 -4.35
CA LEU A 296 23.33 19.56 -4.02
C LEU A 296 23.93 18.99 -5.31
N GLY A 297 25.26 18.93 -5.39
CA GLY A 297 26.00 18.51 -6.57
C GLY A 297 27.38 18.02 -6.23
N GLY A 298 28.23 18.01 -7.25
CA GLY A 298 29.62 17.52 -7.26
C GLY A 298 30.51 18.25 -6.29
N ASN A 299 30.22 19.51 -5.99
CA ASN A 299 31.00 20.31 -5.00
C ASN A 299 30.28 20.28 -3.65
N GLY A 300 29.26 19.42 -3.49
CA GLY A 300 28.45 19.27 -2.28
C GLY A 300 27.36 20.31 -2.23
N ILE A 301 27.31 21.12 -1.17
CA ILE A 301 26.36 22.25 -1.09
C ILE A 301 26.86 23.32 -2.07
N GLU A 302 26.25 23.38 -3.26
CA GLU A 302 26.62 24.37 -4.31
C GLU A 302 26.10 25.74 -3.84
N LYS A 303 24.90 25.80 -3.25
CA LYS A 303 24.17 27.04 -2.89
C LYS A 303 23.11 26.81 -1.80
N VAL A 304 23.06 27.65 -0.77
CA VAL A 304 21.87 27.79 0.13
C VAL A 304 20.84 28.69 -0.55
N ILE A 305 19.62 28.20 -0.82
CA ILE A 305 18.56 29.01 -1.51
C ILE A 305 17.85 29.87 -0.45
N GLU A 306 17.90 31.19 -0.62
CA GLU A 306 17.35 32.20 0.32
C GLU A 306 15.89 32.43 -0.05
N LEU A 307 14.94 32.16 0.85
CA LEU A 307 13.49 32.38 0.57
C LEU A 307 13.01 33.62 1.32
N GLU A 308 11.95 34.24 0.81
CA GLU A 308 11.15 35.28 1.50
C GLU A 308 10.15 34.54 2.40
N LEU A 309 10.35 34.61 3.71
CA LEU A 309 9.50 33.94 4.74
C LEU A 309 8.48 34.96 5.28
N THR A 310 7.35 34.48 5.74
CA THR A 310 6.39 35.23 6.60
C THR A 310 7.03 35.44 7.97
N GLU A 311 6.47 36.33 8.78
CA GLU A 311 7.03 36.70 10.11
C GLU A 311 6.84 35.51 11.07
N GLU A 312 5.74 34.76 10.89
CA GLU A 312 5.43 33.52 11.65
C GLU A 312 6.53 32.50 11.37
N GLU A 313 6.89 32.36 10.08
CA GLU A 313 7.99 31.48 9.60
C GLU A 313 9.34 31.97 10.16
N LYS A 314 9.68 33.27 10.03
CA LYS A 314 10.96 33.81 10.56
C LYS A 314 11.08 33.54 12.08
N ALA A 315 9.98 33.67 12.82
CA ALA A 315 9.88 33.38 14.27
C ALA A 315 10.12 31.89 14.56
N ALA A 316 9.39 30.99 13.88
CA ALA A 316 9.54 29.52 14.10
C ALA A 316 10.99 29.14 13.77
N LEU A 317 11.59 29.78 12.76
CA LEU A 317 12.99 29.48 12.39
C LEU A 317 13.96 30.00 13.47
N ALA A 318 13.68 31.14 14.11
CA ALA A 318 14.48 31.70 15.24
C ALA A 318 14.45 30.79 16.47
N LYS A 319 13.32 30.15 16.79
CA LYS A 319 13.25 29.16 17.90
C LYS A 319 14.12 27.94 17.55
N SER A 320 14.04 27.44 16.31
CA SER A 320 14.77 26.24 15.82
C SER A 320 16.29 26.47 15.95
N VAL A 321 16.76 27.68 15.61
CA VAL A 321 18.19 28.10 15.62
C VAL A 321 18.79 27.95 17.04
N GLU A 322 18.00 28.21 18.09
CA GLU A 322 18.46 28.32 19.51
C GLU A 322 19.13 27.02 19.98
N SER A 323 19.24 26.01 19.11
CA SER A 323 19.65 24.63 19.50
C SER A 323 20.99 24.22 18.83
N VAL A 324 21.46 24.97 17.83
CA VAL A 324 22.87 24.88 17.29
C VAL A 324 23.73 26.00 17.91
N LYS A 325 23.07 27.05 18.44
CA LYS A 325 23.72 28.17 19.16
C LYS A 325 24.46 27.59 20.38
N ASN A 326 23.91 26.55 21.03
CA ASN A 326 24.55 25.92 22.22
C ASN A 326 25.77 25.07 21.81
N VAL A 327 26.13 25.02 20.52
CA VAL A 327 27.29 24.21 20.04
C VAL A 327 28.38 25.11 19.42
N MET A 328 28.08 26.38 19.12
CA MET A 328 28.93 27.36 18.37
C MET A 328 30.35 27.45 18.96
N ALA B 22 -10.19 -4.03 -14.29
CA ALA B 22 -9.17 -3.08 -13.73
C ALA B 22 -7.78 -3.73 -13.63
N MET B 23 -6.77 -3.11 -14.22
CA MET B 23 -5.34 -3.34 -13.90
C MET B 23 -5.17 -3.24 -12.37
N LYS B 24 -4.77 -4.34 -11.74
CA LYS B 24 -4.57 -4.43 -10.27
C LYS B 24 -3.10 -4.78 -10.01
N ARG B 25 -2.51 -4.21 -8.96
CA ARG B 25 -1.15 -4.58 -8.49
C ARG B 25 -1.15 -6.06 -8.07
N LYS B 26 -0.07 -6.78 -8.36
CA LYS B 26 0.23 -8.09 -7.72
C LYS B 26 0.30 -7.87 -6.22
N LYS B 27 -0.02 -8.90 -5.44
CA LYS B 27 -0.05 -8.87 -3.97
C LYS B 27 0.84 -9.99 -3.43
N ILE B 28 1.72 -9.65 -2.47
CA ILE B 28 2.70 -10.60 -1.88
C ILE B 28 2.56 -10.51 -0.38
N SER B 29 2.30 -11.65 0.28
CA SER B 29 2.31 -11.74 1.74
C SER B 29 3.64 -12.38 2.14
N VAL B 30 4.26 -11.85 3.19
CA VAL B 30 5.56 -12.38 3.67
C VAL B 30 5.28 -12.74 5.10
N ILE B 31 5.34 -14.04 5.39
CA ILE B 31 5.02 -14.60 6.73
C ILE B 31 6.34 -14.68 7.50
N GLY B 32 6.39 -13.95 8.59
CA GLY B 32 7.58 -13.75 9.43
C GLY B 32 8.21 -12.43 9.03
N ALA B 33 8.19 -11.46 9.92
CA ALA B 33 8.60 -10.08 9.66
C ALA B 33 9.93 -9.83 10.36
N GLY B 34 10.81 -10.85 10.34
CA GLY B 34 12.13 -10.85 10.97
C GLY B 34 13.18 -10.31 10.00
N PHE B 35 14.43 -10.69 10.20
CA PHE B 35 15.61 -10.29 9.38
C PHE B 35 15.38 -10.61 7.90
N THR B 36 15.04 -11.85 7.56
CA THR B 36 14.87 -12.26 6.14
C THR B 36 13.54 -11.72 5.60
N GLY B 37 12.43 -11.89 6.29
CA GLY B 37 11.10 -11.38 5.90
C GLY B 37 11.07 -9.89 5.59
N ALA B 38 11.61 -9.05 6.48
CA ALA B 38 11.67 -7.57 6.32
C ALA B 38 12.59 -7.19 5.15
N THR B 39 13.80 -7.75 5.11
CA THR B 39 14.79 -7.52 4.02
C THR B 39 14.12 -7.86 2.67
N THR B 40 13.41 -8.99 2.59
CA THR B 40 12.69 -9.44 1.35
C THR B 40 11.58 -8.44 0.99
N ALA B 41 10.74 -8.07 1.94
CA ALA B 41 9.66 -7.09 1.77
C ALA B 41 10.22 -5.81 1.18
N PHE B 42 11.30 -5.28 1.75
CA PHE B 42 11.88 -4.00 1.25
C PHE B 42 12.35 -4.14 -0.21
N LEU B 43 12.99 -5.24 -0.59
CA LEU B 43 13.46 -5.45 -1.98
C LEU B 43 12.26 -5.57 -2.93
N LEU B 44 11.21 -6.29 -2.53
CA LEU B 44 9.98 -6.48 -3.34
C LEU B 44 9.32 -5.11 -3.60
N ALA B 45 9.16 -4.29 -2.56
CA ALA B 45 8.59 -2.92 -2.71
C ALA B 45 9.45 -2.04 -3.62
N GLN B 46 10.76 -1.98 -3.37
CA GLN B 46 11.74 -1.18 -4.17
C GLN B 46 11.58 -1.52 -5.65
N LYS B 47 11.47 -2.80 -5.96
CA LYS B 47 11.43 -3.32 -7.36
C LYS B 47 10.04 -3.14 -7.97
N GLU B 48 9.02 -2.81 -7.16
CA GLU B 48 7.60 -2.56 -7.56
C GLU B 48 6.93 -3.85 -8.08
N LEU B 49 7.20 -4.98 -7.45
CA LEU B 49 6.69 -6.31 -7.89
C LEU B 49 5.28 -6.51 -7.37
N GLY B 50 4.87 -5.70 -6.40
CA GLY B 50 3.49 -5.65 -5.91
C GLY B 50 3.40 -5.03 -4.55
N ASP B 51 2.17 -4.98 -4.02
CA ASP B 51 1.86 -4.60 -2.64
C ASP B 51 2.36 -5.72 -1.72
N VAL B 52 2.69 -5.36 -0.48
CA VAL B 52 3.34 -6.28 0.48
C VAL B 52 2.58 -6.24 1.79
N VAL B 53 2.30 -7.43 2.30
CA VAL B 53 1.72 -7.66 3.64
C VAL B 53 2.74 -8.47 4.44
N LEU B 54 3.28 -7.85 5.49
CA LEU B 54 4.19 -8.45 6.49
C LEU B 54 3.29 -8.99 7.58
N VAL B 55 3.36 -10.30 7.80
CA VAL B 55 2.57 -10.95 8.87
C VAL B 55 3.56 -11.47 9.92
N ASP B 56 3.22 -11.33 11.20
CA ASP B 56 3.96 -11.97 12.31
C ASP B 56 2.99 -12.37 13.42
N ILE B 57 3.51 -12.86 14.55
CA ILE B 57 2.71 -13.26 15.74
C ILE B 57 2.09 -12.00 16.33
N PRO B 58 0.93 -12.10 17.06
CA PRO B 58 0.23 -10.93 17.58
C PRO B 58 1.10 -10.04 18.47
N GLN B 59 2.03 -10.61 19.23
CA GLN B 59 2.90 -9.88 20.18
C GLN B 59 3.92 -9.00 19.43
N LEU B 60 4.22 -9.31 18.16
CA LEU B 60 5.21 -8.59 17.34
C LEU B 60 4.52 -7.80 16.23
N GLU B 61 3.26 -7.44 16.45
CA GLU B 61 2.46 -6.72 15.42
C GLU B 61 2.92 -5.26 15.34
N ASN B 62 3.22 -4.61 16.47
CA ASN B 62 3.73 -3.22 16.48
C ASN B 62 5.11 -3.13 15.82
N PRO B 63 6.14 -3.92 16.20
CA PRO B 63 7.39 -3.98 15.43
C PRO B 63 7.16 -4.12 13.91
N THR B 64 6.20 -4.94 13.48
CA THR B 64 5.93 -5.28 12.06
C THR B 64 5.33 -4.08 11.31
N LYS B 65 4.38 -3.38 11.94
CA LYS B 65 3.80 -2.11 11.44
C LYS B 65 4.90 -1.05 11.40
N GLY B 66 5.76 -1.00 12.40
CA GLY B 66 6.91 -0.07 12.43
C GLY B 66 7.85 -0.25 11.24
N LYS B 67 8.21 -1.49 10.91
CA LYS B 67 9.09 -1.77 9.73
C LYS B 67 8.35 -1.42 8.43
N ALA B 68 7.09 -1.87 8.32
CA ALA B 68 6.20 -1.64 7.15
C ALA B 68 6.10 -0.14 6.88
N LEU B 69 5.86 0.63 7.94
CA LEU B 69 5.67 2.10 7.81
C LEU B 69 7.00 2.76 7.46
N ASP B 70 8.09 2.30 8.07
CA ASP B 70 9.48 2.79 7.80
C ASP B 70 9.80 2.58 6.31
N MET B 71 9.58 1.37 5.79
CA MET B 71 9.80 1.04 4.36
C MET B 71 8.97 1.97 3.47
N LEU B 72 7.69 2.14 3.77
CA LEU B 72 6.72 2.92 2.96
C LEU B 72 7.19 4.39 2.92
N GLU B 73 7.77 4.86 4.01
CA GLU B 73 8.27 6.27 4.09
C GLU B 73 9.55 6.42 3.25
N ALA B 74 10.20 5.32 2.84
CA ALA B 74 11.33 5.34 1.88
C ALA B 74 10.81 5.53 0.45
N SER B 75 9.54 5.23 0.15
CA SER B 75 8.98 5.16 -1.23
C SER B 75 9.15 6.49 -1.97
N PRO B 76 8.81 7.65 -1.38
CA PRO B 76 8.93 8.90 -2.10
C PRO B 76 10.40 9.26 -2.36
N VAL B 77 11.33 8.75 -1.54
CA VAL B 77 12.77 9.10 -1.68
C VAL B 77 13.39 8.18 -2.73
N LEU B 78 13.06 6.90 -2.76
CA LEU B 78 13.67 5.96 -3.73
C LEU B 78 12.84 5.97 -5.02
N GLY B 79 11.64 6.57 -4.98
CA GLY B 79 10.78 6.72 -6.18
C GLY B 79 10.11 5.41 -6.57
N PHE B 80 9.49 4.71 -5.63
CA PHE B 80 8.67 3.53 -5.95
C PHE B 80 7.27 3.76 -5.38
N ASP B 81 6.26 3.25 -6.07
CA ASP B 81 4.87 3.20 -5.54
C ASP B 81 4.61 1.79 -5.04
N ALA B 82 4.44 1.64 -3.73
CA ALA B 82 3.99 0.37 -3.15
C ALA B 82 3.22 0.64 -1.86
N ASN B 83 2.24 -0.20 -1.57
CA ASN B 83 1.58 -0.36 -0.26
C ASN B 83 2.36 -1.46 0.46
N ILE B 84 2.66 -1.20 1.72
CA ILE B 84 3.31 -2.14 2.65
C ILE B 84 2.56 -1.96 3.96
N ILE B 85 2.07 -3.06 4.52
CA ILE B 85 1.38 -3.01 5.84
C ILE B 85 1.92 -4.13 6.71
N GLY B 86 1.59 -4.06 7.98
CA GLY B 86 1.96 -5.01 9.03
C GLY B 86 0.70 -5.50 9.71
N THR B 87 0.63 -6.79 10.02
CA THR B 87 -0.60 -7.38 10.61
C THR B 87 -0.28 -8.66 11.37
N SER B 88 -1.14 -9.03 12.32
CA SER B 88 -1.18 -10.35 13.01
C SER B 88 -2.39 -11.17 12.53
N ASP B 89 -3.06 -10.70 11.48
CA ASP B 89 -4.42 -11.15 11.08
C ASP B 89 -4.37 -11.56 9.60
N TYR B 90 -4.61 -12.84 9.31
CA TYR B 90 -4.43 -13.44 7.96
C TYR B 90 -5.48 -12.94 6.96
N ALA B 91 -6.56 -12.25 7.39
CA ALA B 91 -7.55 -11.62 6.47
C ALA B 91 -6.88 -10.56 5.60
N ASP B 92 -5.84 -9.90 6.09
CA ASP B 92 -5.11 -8.83 5.35
C ASP B 92 -4.31 -9.44 4.20
N THR B 93 -4.17 -10.78 4.17
CA THR B 93 -3.35 -11.50 3.15
C THR B 93 -4.22 -12.00 2.00
N ALA B 94 -5.54 -11.81 2.12
CA ALA B 94 -6.58 -12.30 1.17
C ALA B 94 -6.15 -12.04 -0.27
N ASP B 95 -6.32 -13.05 -1.14
CA ASP B 95 -6.11 -12.96 -2.60
C ASP B 95 -4.65 -12.57 -2.91
N SER B 96 -3.69 -12.92 -2.04
CA SER B 96 -2.25 -12.85 -2.39
C SER B 96 -2.00 -13.68 -3.66
N ASP B 97 -1.19 -13.17 -4.59
CA ASP B 97 -0.68 -13.94 -5.75
C ASP B 97 0.50 -14.85 -5.32
N ILE B 98 1.26 -14.43 -4.29
CA ILE B 98 2.47 -15.15 -3.77
C ILE B 98 2.56 -14.91 -2.26
N VAL B 99 2.79 -16.00 -1.54
CA VAL B 99 3.16 -16.01 -0.09
C VAL B 99 4.56 -16.58 0.03
N VAL B 100 5.45 -15.82 0.68
CA VAL B 100 6.82 -16.21 1.06
C VAL B 100 6.77 -16.57 2.54
N ILE B 101 7.25 -17.75 2.93
CA ILE B 101 7.23 -18.19 4.35
C ILE B 101 8.66 -18.08 4.90
N THR B 102 8.87 -17.12 5.78
CA THR B 102 10.16 -16.94 6.48
C THR B 102 9.93 -17.10 7.99
N ALA B 103 8.80 -17.67 8.40
CA ALA B 103 8.46 -17.86 9.83
C ALA B 103 9.31 -18.98 10.43
N GLY B 104 9.77 -18.76 11.65
CA GLY B 104 10.49 -19.73 12.46
C GLY B 104 10.58 -19.25 13.89
N ILE B 105 10.74 -20.18 14.82
CA ILE B 105 10.63 -19.92 16.29
C ILE B 105 11.93 -19.25 16.72
N ALA B 106 11.85 -18.35 17.70
CA ALA B 106 13.00 -17.68 18.34
C ALA B 106 13.88 -18.72 19.04
N ARG B 107 15.09 -18.95 18.52
CA ARG B 107 16.08 -19.92 19.08
C ARG B 107 16.40 -19.54 20.54
N LYS B 108 15.60 -20.03 21.48
CA LYS B 108 15.83 -19.96 22.95
C LYS B 108 17.17 -20.63 23.28
N PRO B 109 17.69 -20.50 24.53
CA PRO B 109 19.00 -21.08 24.88
C PRO B 109 19.07 -22.62 24.85
N GLY B 110 18.08 -23.31 25.44
CA GLY B 110 18.08 -24.78 25.60
C GLY B 110 17.21 -25.51 24.58
N MET B 111 16.99 -24.91 23.40
CA MET B 111 16.13 -25.45 22.31
C MET B 111 16.85 -26.62 21.61
N SER B 112 16.28 -27.83 21.73
CA SER B 112 16.80 -29.07 21.09
C SER B 112 16.67 -28.95 19.57
N ARG B 113 17.73 -29.26 18.83
CA ARG B 113 17.69 -29.30 17.34
C ARG B 113 16.35 -29.90 16.92
N ASP B 114 15.96 -31.02 17.52
CA ASP B 114 14.75 -31.80 17.16
C ASP B 114 13.53 -31.03 17.68
N ASP B 115 13.63 -30.37 18.84
CA ASP B 115 12.58 -29.46 19.38
C ASP B 115 12.35 -28.29 18.39
N LEU B 116 13.43 -27.70 17.87
CA LEU B 116 13.37 -26.54 16.93
C LEU B 116 12.66 -26.96 15.64
N VAL B 117 13.06 -28.07 15.03
CA VAL B 117 12.45 -28.63 13.78
C VAL B 117 10.98 -28.95 14.01
N THR B 118 10.63 -29.47 15.20
CA THR B 118 9.25 -29.85 15.65
C THR B 118 8.39 -28.58 15.72
N THR B 119 8.83 -27.59 16.52
CA THR B 119 8.19 -26.26 16.58
C THR B 119 7.97 -25.69 15.17
N ASN B 120 8.99 -25.69 14.32
CA ASN B 120 8.91 -25.07 12.97
C ASN B 120 7.98 -25.88 12.08
N GLN B 121 8.02 -27.21 12.19
CA GLN B 121 7.08 -28.08 11.45
C GLN B 121 5.66 -27.64 11.85
N LYS B 122 5.40 -27.38 13.12
CA LYS B 122 4.05 -26.98 13.64
C LYS B 122 3.71 -25.55 13.16
N ILE B 123 4.70 -24.66 13.12
CA ILE B 123 4.48 -23.28 12.59
C ILE B 123 4.07 -23.39 11.13
N MET B 124 4.71 -24.26 10.32
CA MET B 124 4.41 -24.35 8.87
C MET B 124 2.95 -24.76 8.64
N LYS B 125 2.40 -25.63 9.50
CA LYS B 125 1.02 -26.17 9.35
C LYS B 125 0.02 -25.07 9.74
N GLN B 126 0.22 -24.46 10.90
CA GLN B 126 -0.63 -23.35 11.41
C GLN B 126 -0.64 -22.24 10.36
N VAL B 127 0.54 -21.87 9.85
CA VAL B 127 0.70 -20.73 8.91
C VAL B 127 -0.03 -21.10 7.63
N THR B 128 0.21 -22.32 7.14
CA THR B 128 -0.28 -22.77 5.80
C THR B 128 -1.82 -22.89 5.81
N LYS B 129 -2.40 -23.41 6.89
CA LYS B 129 -3.88 -23.50 7.05
C LYS B 129 -4.47 -22.10 6.86
N GLU B 130 -3.99 -21.10 7.61
CA GLU B 130 -4.50 -19.71 7.50
C GLU B 130 -4.23 -19.14 6.10
N VAL B 131 -3.09 -19.45 5.46
CA VAL B 131 -2.74 -18.84 4.13
C VAL B 131 -3.71 -19.35 3.07
N VAL B 132 -4.00 -20.65 2.99
CA VAL B 132 -4.77 -21.25 1.84
C VAL B 132 -6.27 -20.98 2.00
N LYS B 133 -6.77 -20.80 3.22
CA LYS B 133 -8.13 -20.28 3.54
C LYS B 133 -8.31 -18.90 2.90
N TYR B 134 -7.36 -17.96 3.09
CA TYR B 134 -7.49 -16.54 2.61
C TYR B 134 -6.94 -16.40 1.21
N SER B 135 -6.05 -17.30 0.77
CA SER B 135 -5.42 -17.24 -0.58
C SER B 135 -5.39 -18.63 -1.20
N PRO B 136 -6.56 -19.21 -1.54
CA PRO B 136 -6.63 -20.58 -2.04
C PRO B 136 -5.84 -20.77 -3.34
N ASN B 137 -5.61 -19.70 -4.10
CA ASN B 137 -4.93 -19.70 -5.43
C ASN B 137 -3.45 -19.27 -5.37
N CYS B 138 -2.84 -19.07 -4.19
CA CYS B 138 -1.46 -18.52 -4.13
C CYS B 138 -0.39 -19.53 -4.57
N TYR B 139 0.73 -19.00 -5.07
CA TYR B 139 2.04 -19.69 -5.12
C TYR B 139 2.77 -19.39 -3.80
N ILE B 140 3.38 -20.39 -3.18
CA ILE B 140 4.07 -20.33 -1.85
C ILE B 140 5.55 -20.64 -2.06
N ILE B 141 6.45 -19.78 -1.57
CA ILE B 141 7.93 -20.02 -1.50
C ILE B 141 8.30 -20.11 -0.03
N VAL B 142 8.92 -21.22 0.36
CA VAL B 142 9.38 -21.52 1.75
C VAL B 142 10.89 -21.25 1.83
N LEU B 143 11.32 -20.57 2.89
CA LEU B 143 12.72 -20.35 3.29
C LEU B 143 13.03 -21.13 4.57
N THR B 144 12.09 -21.28 5.49
CA THR B 144 12.36 -21.85 6.85
C THR B 144 13.19 -23.14 6.72
N ASN B 145 14.26 -23.23 7.50
CA ASN B 145 15.18 -24.40 7.64
C ASN B 145 14.59 -25.40 8.62
N PRO B 146 14.71 -26.74 8.39
CA PRO B 146 15.33 -27.30 7.18
C PRO B 146 14.34 -27.32 6.00
N VAL B 147 14.74 -26.72 4.88
CA VAL B 147 13.77 -26.20 3.87
C VAL B 147 13.12 -27.36 3.10
N ASP B 148 13.84 -28.44 2.85
CA ASP B 148 13.25 -29.66 2.21
C ASP B 148 12.07 -30.17 3.07
N ALA B 149 12.23 -30.24 4.39
CA ALA B 149 11.23 -30.82 5.31
C ALA B 149 10.16 -29.76 5.60
N MET B 150 10.54 -28.49 5.70
CA MET B 150 9.54 -27.41 5.96
C MET B 150 8.64 -27.27 4.73
N THR B 151 9.22 -27.29 3.53
CA THR B 151 8.44 -27.14 2.28
C THR B 151 7.50 -28.33 2.09
N TYR B 152 7.94 -29.56 2.31
CA TYR B 152 7.04 -30.74 2.28
C TYR B 152 5.87 -30.52 3.25
N THR B 153 6.15 -30.09 4.48
CA THR B 153 5.10 -29.83 5.49
C THR B 153 4.10 -28.79 4.94
N VAL B 154 4.60 -27.76 4.24
CA VAL B 154 3.73 -26.69 3.69
C VAL B 154 2.87 -27.33 2.59
N PHE B 155 3.50 -28.08 1.69
CA PHE B 155 2.84 -28.78 0.55
C PHE B 155 1.63 -29.61 1.01
N LYS B 156 1.83 -30.46 2.02
CA LYS B 156 0.83 -31.46 2.47
C LYS B 156 -0.27 -30.76 3.26
N GLU B 157 0.04 -29.73 4.05
CA GLU B 157 -1.00 -28.93 4.75
C GLU B 157 -1.80 -28.10 3.74
N SER B 158 -1.20 -27.65 2.64
CA SER B 158 -1.83 -26.65 1.73
C SER B 158 -2.92 -27.28 0.86
N GLY B 159 -2.73 -28.55 0.48
CA GLY B 159 -3.65 -29.26 -0.44
C GLY B 159 -3.49 -28.77 -1.86
N PHE B 160 -2.43 -28.01 -2.14
CA PHE B 160 -2.15 -27.50 -3.51
C PHE B 160 -1.41 -28.58 -4.28
N PRO B 161 -1.40 -28.49 -5.62
CA PRO B 161 -0.52 -29.29 -6.44
C PRO B 161 0.92 -28.73 -6.42
N LYS B 162 1.85 -29.62 -6.78
CA LYS B 162 3.31 -29.55 -6.52
C LYS B 162 3.93 -28.30 -7.15
N ASN B 163 3.47 -27.89 -8.34
CA ASN B 163 4.02 -26.73 -9.10
C ASN B 163 3.87 -25.44 -8.28
N ARG B 164 3.02 -25.40 -7.23
CA ARG B 164 2.60 -24.16 -6.52
C ARG B 164 3.20 -24.05 -5.11
N VAL B 165 3.97 -25.04 -4.66
CA VAL B 165 4.77 -24.99 -3.40
C VAL B 165 6.24 -25.30 -3.73
N ILE B 166 7.13 -24.31 -3.53
CA ILE B 166 8.57 -24.33 -3.92
C ILE B 166 9.40 -23.95 -2.71
N GLY B 167 10.62 -24.51 -2.60
CA GLY B 167 11.62 -24.14 -1.58
C GLY B 167 12.78 -23.34 -2.16
N GLN B 168 13.36 -22.44 -1.36
CA GLN B 168 14.66 -21.75 -1.67
C GLN B 168 15.85 -22.47 -1.00
N SER B 169 16.89 -22.80 -1.75
CA SER B 169 18.15 -23.39 -1.24
C SER B 169 19.28 -23.11 -2.23
N GLY B 170 19.14 -23.58 -3.46
CA GLY B 170 20.20 -23.59 -4.47
C GLY B 170 20.62 -22.19 -4.88
N VAL B 171 19.67 -21.26 -4.98
CA VAL B 171 20.03 -19.88 -5.42
C VAL B 171 21.03 -19.30 -4.41
N LEU B 172 20.73 -19.39 -3.12
CA LEU B 172 21.66 -18.87 -2.10
C LEU B 172 23.04 -19.56 -2.21
N ASP B 173 23.09 -20.90 -2.32
CA ASP B 173 24.40 -21.60 -2.48
C ASP B 173 25.14 -21.09 -3.72
N THR B 174 24.48 -20.98 -4.87
CA THR B 174 25.12 -20.48 -6.11
C THR B 174 25.55 -19.03 -5.94
N ALA B 175 24.82 -18.22 -5.18
CA ALA B 175 25.25 -16.82 -4.98
C ALA B 175 26.59 -16.81 -4.27
N ARG B 176 26.70 -17.61 -3.20
CA ARG B 176 27.95 -17.65 -2.39
C ARG B 176 29.09 -18.18 -3.27
N PHE B 177 28.88 -19.29 -3.97
CA PHE B 177 29.88 -19.89 -4.91
C PHE B 177 30.34 -18.79 -5.88
N ARG B 178 29.40 -18.10 -6.52
CA ARG B 178 29.72 -17.10 -7.57
C ARG B 178 30.54 -15.96 -6.96
N THR B 179 30.18 -15.51 -5.76
CA THR B 179 30.96 -14.49 -5.02
C THR B 179 32.40 -14.97 -4.82
N PHE B 180 32.63 -16.21 -4.39
CA PHE B 180 34.01 -16.69 -4.06
C PHE B 180 34.83 -16.90 -5.34
N VAL B 181 34.19 -17.35 -6.43
CA VAL B 181 34.88 -17.58 -7.72
C VAL B 181 35.34 -16.22 -8.28
N ALA B 182 34.44 -15.22 -8.21
CA ALA B 182 34.67 -13.83 -8.67
C ALA B 182 35.83 -13.20 -7.91
N GLU B 183 35.87 -13.36 -6.58
CA GLU B 183 36.98 -12.90 -5.70
C GLU B 183 38.27 -13.55 -6.21
N GLU B 184 38.23 -14.85 -6.50
CA GLU B 184 39.41 -15.70 -6.79
C GLU B 184 40.00 -15.25 -8.13
N LEU B 185 39.14 -14.99 -9.13
CA LEU B 185 39.56 -14.66 -10.52
C LEU B 185 39.58 -13.15 -10.73
N ASN B 186 39.07 -12.36 -9.77
CA ASN B 186 38.97 -10.89 -9.91
C ASN B 186 38.20 -10.57 -11.20
N ILE B 187 36.99 -11.09 -11.32
CA ILE B 187 36.04 -10.77 -12.43
C ILE B 187 34.67 -10.44 -11.85
N SER B 188 33.79 -9.85 -12.66
CA SER B 188 32.36 -9.62 -12.35
C SER B 188 31.66 -10.94 -11.97
N VAL B 189 30.78 -10.86 -10.98
CA VAL B 189 29.88 -11.96 -10.50
C VAL B 189 28.81 -12.24 -11.57
N LYS B 190 28.51 -11.27 -12.42
CA LYS B 190 27.57 -11.47 -13.57
C LYS B 190 28.08 -12.57 -14.52
N ASP B 191 29.39 -12.77 -14.61
CA ASP B 191 30.03 -13.67 -15.60
C ASP B 191 30.43 -15.01 -14.96
N VAL B 192 30.03 -15.29 -13.71
CA VAL B 192 30.34 -16.59 -13.04
C VAL B 192 29.02 -17.33 -12.85
N THR B 193 29.03 -18.64 -13.05
CA THR B 193 27.83 -19.49 -12.86
C THR B 193 28.18 -20.74 -12.05
N GLY B 194 27.28 -21.12 -11.17
CA GLY B 194 27.41 -22.30 -10.31
C GLY B 194 26.31 -23.28 -10.64
N PHE B 195 26.55 -24.55 -10.38
CA PHE B 195 25.52 -25.60 -10.54
C PHE B 195 25.49 -26.38 -9.23
N VAL B 196 24.34 -26.40 -8.55
CA VAL B 196 24.15 -27.13 -7.28
C VAL B 196 22.79 -27.84 -7.28
N LEU B 197 22.82 -29.15 -7.06
CA LEU B 197 21.68 -30.05 -6.74
C LEU B 197 21.66 -30.22 -5.22
N GLY B 198 20.59 -30.77 -4.66
CA GLY B 198 20.49 -31.07 -3.21
C GLY B 198 20.54 -29.84 -2.31
N GLY B 199 20.71 -30.07 -1.01
CA GLY B 199 20.54 -29.05 0.05
C GLY B 199 21.81 -28.29 0.39
N HIS B 200 21.77 -27.55 1.49
CA HIS B 200 22.95 -26.83 2.05
C HIS B 200 23.98 -27.82 2.60
N GLY B 201 25.19 -27.32 2.88
CA GLY B 201 26.23 -28.01 3.66
C GLY B 201 26.59 -29.35 3.07
N ASP B 202 26.64 -30.39 3.89
CA ASP B 202 27.12 -31.74 3.49
C ASP B 202 26.19 -32.33 2.43
N ASP B 203 24.91 -31.91 2.44
CA ASP B 203 23.87 -32.44 1.51
C ASP B 203 23.97 -31.74 0.14
N MET B 204 24.86 -30.75 -0.01
CA MET B 204 25.04 -30.03 -1.30
C MET B 204 25.79 -30.95 -2.26
N VAL B 205 25.38 -30.97 -3.53
CA VAL B 205 26.02 -31.74 -4.62
C VAL B 205 26.37 -30.72 -5.70
N PRO B 206 27.51 -30.00 -5.55
CA PRO B 206 27.92 -29.06 -6.59
C PRO B 206 28.34 -29.88 -7.83
N LEU B 207 28.12 -29.30 -9.01
CA LEU B 207 28.68 -29.78 -10.31
C LEU B 207 29.62 -28.69 -10.83
N VAL B 208 30.87 -28.65 -10.35
CA VAL B 208 31.93 -27.71 -10.83
C VAL B 208 32.17 -27.91 -12.34
N ARG B 209 31.90 -29.10 -12.90
CA ARG B 209 32.03 -29.36 -14.38
C ARG B 209 30.99 -28.54 -15.15
N TYR B 210 29.86 -28.18 -14.51
CA TYR B 210 28.79 -27.31 -15.08
C TYR B 210 28.86 -25.90 -14.45
N SER B 211 30.05 -25.49 -14.01
CA SER B 211 30.33 -24.15 -13.45
C SER B 211 31.40 -23.49 -14.29
N TYR B 212 31.23 -22.21 -14.66
CA TYR B 212 32.07 -21.49 -15.65
C TYR B 212 32.37 -20.04 -15.23
N ALA B 213 33.41 -19.47 -15.83
CA ALA B 213 33.65 -18.01 -15.91
C ALA B 213 33.56 -17.56 -17.38
N GLY B 214 32.54 -16.77 -17.71
CA GLY B 214 32.24 -16.39 -19.10
C GLY B 214 32.25 -17.59 -20.05
N GLY B 215 31.61 -18.69 -19.66
CA GLY B 215 31.47 -19.89 -20.51
C GLY B 215 32.63 -20.85 -20.36
N ILE B 216 33.74 -20.44 -19.74
CA ILE B 216 34.96 -21.27 -19.59
C ILE B 216 34.83 -22.14 -18.35
N PRO B 217 34.99 -23.48 -18.44
CA PRO B 217 34.93 -24.36 -17.27
C PRO B 217 35.94 -23.90 -16.23
N LEU B 218 35.51 -23.75 -14.99
CA LEU B 218 36.35 -23.27 -13.87
C LEU B 218 37.52 -24.23 -13.65
N GLU B 219 37.35 -25.52 -13.92
CA GLU B 219 38.43 -26.54 -13.72
C GLU B 219 39.68 -26.14 -14.52
N LYS B 220 39.51 -25.41 -15.63
CA LYS B 220 40.63 -24.94 -16.50
C LYS B 220 41.21 -23.62 -16.00
N LEU B 221 40.58 -22.95 -15.04
CA LEU B 221 40.95 -21.56 -14.61
C LEU B 221 41.56 -21.52 -13.21
N ILE B 222 41.07 -22.39 -12.33
CA ILE B 222 41.38 -22.38 -10.87
C ILE B 222 41.98 -23.73 -10.56
N PRO B 223 43.14 -23.80 -9.88
CA PRO B 223 43.73 -25.09 -9.50
C PRO B 223 42.81 -25.83 -8.54
N LYS B 224 42.82 -27.17 -8.58
CA LYS B 224 41.91 -28.10 -7.85
C LYS B 224 41.90 -27.83 -6.34
N ASP B 225 43.03 -27.52 -5.72
CA ASP B 225 43.07 -27.29 -4.26
C ASP B 225 42.24 -26.05 -3.93
N ARG B 226 42.39 -24.97 -4.72
CA ARG B 226 41.69 -23.67 -4.52
C ARG B 226 40.21 -23.83 -4.87
N LEU B 227 39.87 -24.71 -5.82
CA LEU B 227 38.47 -24.89 -6.29
C LEU B 227 37.71 -25.77 -5.29
N ASP B 228 38.33 -26.87 -4.83
CA ASP B 228 37.91 -27.67 -3.65
C ASP B 228 37.61 -26.79 -2.42
N ALA B 229 38.43 -25.78 -2.15
CA ALA B 229 38.30 -24.90 -0.97
C ALA B 229 37.10 -23.95 -1.14
N ILE B 230 36.87 -23.51 -2.39
CA ILE B 230 35.75 -22.63 -2.76
C ILE B 230 34.45 -23.39 -2.51
N VAL B 231 34.37 -24.63 -3.00
CA VAL B 231 33.24 -25.58 -2.78
C VAL B 231 32.97 -25.75 -1.28
N GLU B 232 34.03 -25.94 -0.50
CA GLU B 232 34.00 -26.20 0.96
C GLU B 232 33.50 -24.92 1.66
N ARG B 233 33.98 -23.77 1.24
CA ARG B 233 33.48 -22.48 1.73
C ARG B 233 31.98 -22.33 1.36
N THR B 234 31.54 -22.84 0.20
CA THR B 234 30.12 -22.79 -0.20
C THR B 234 29.27 -23.65 0.76
N ARG B 235 29.65 -24.90 1.01
CA ARG B 235 28.98 -25.81 1.98
C ARG B 235 28.88 -25.10 3.33
N LYS B 236 29.92 -24.37 3.75
CA LYS B 236 30.05 -23.78 5.11
C LYS B 236 29.53 -22.34 5.12
N GLY B 237 29.00 -21.82 4.00
CA GLY B 237 28.78 -20.36 3.79
C GLY B 237 27.73 -19.77 4.72
N GLY B 238 26.63 -20.49 4.96
CA GLY B 238 25.64 -20.09 5.97
C GLY B 238 26.28 -19.96 7.35
N GLY B 239 27.05 -20.96 7.80
CA GLY B 239 27.72 -20.96 9.13
C GLY B 239 28.82 -19.89 9.24
N GLU B 240 29.51 -19.59 8.12
CA GLU B 240 30.52 -18.49 8.09
C GLU B 240 29.88 -17.17 8.56
N ILE B 241 28.66 -16.85 8.12
CA ILE B 241 27.94 -15.58 8.50
C ILE B 241 27.46 -15.71 9.95
N VAL B 242 26.93 -16.87 10.35
CA VAL B 242 26.45 -17.15 11.74
C VAL B 242 27.62 -16.89 12.70
N ASN B 243 28.79 -17.39 12.37
CA ASN B 243 29.99 -17.26 13.24
C ASN B 243 30.37 -15.78 13.38
N LEU B 244 30.36 -15.04 12.28
CA LEU B 244 30.80 -13.64 12.30
C LEU B 244 29.77 -12.81 13.07
N LEU B 245 28.47 -13.08 12.87
CA LEU B 245 27.36 -12.30 13.49
C LEU B 245 27.28 -12.55 15.00
N GLY B 246 27.55 -13.76 15.50
CA GLY B 246 27.45 -14.08 16.95
C GLY B 246 26.03 -14.42 17.40
N ASN B 247 25.04 -13.59 17.10
CA ASN B 247 23.60 -13.92 17.27
C ASN B 247 22.95 -13.88 15.88
N GLY B 248 22.22 -14.93 15.49
CA GLY B 248 21.40 -14.93 14.26
C GLY B 248 22.17 -15.39 13.03
N SER B 249 21.50 -15.41 11.89
CA SER B 249 22.01 -15.99 10.63
C SER B 249 21.84 -15.00 9.46
N ALA B 250 22.23 -15.39 8.27
CA ALA B 250 22.35 -14.48 7.11
C ALA B 250 20.96 -13.98 6.72
N TYR B 251 20.86 -12.79 6.12
CA TYR B 251 19.53 -12.28 5.70
C TYR B 251 19.56 -11.53 4.38
N TYR B 252 20.66 -10.87 4.01
CA TYR B 252 20.72 -10.09 2.75
C TYR B 252 20.73 -11.05 1.56
N ALA B 253 21.62 -12.02 1.52
CA ALA B 253 21.69 -12.94 0.35
C ALA B 253 20.45 -13.82 0.33
N PRO B 254 19.98 -14.39 1.46
CA PRO B 254 18.73 -15.15 1.44
C PRO B 254 17.50 -14.36 0.94
N ALA B 255 17.35 -13.09 1.34
CA ALA B 255 16.24 -12.22 0.84
C ALA B 255 16.37 -12.07 -0.66
N ALA B 256 17.55 -11.72 -1.17
CA ALA B 256 17.82 -11.59 -2.61
C ALA B 256 17.43 -12.88 -3.31
N SER B 257 17.81 -14.02 -2.75
CA SER B 257 17.59 -15.35 -3.38
C SER B 257 16.08 -15.55 -3.55
N LEU B 258 15.30 -15.20 -2.52
CA LEU B 258 13.81 -15.30 -2.48
C LEU B 258 13.20 -14.44 -3.57
N VAL B 259 13.72 -13.22 -3.72
CA VAL B 259 13.15 -12.18 -4.61
C VAL B 259 13.39 -12.59 -6.05
N GLU B 260 14.54 -13.18 -6.37
CA GLU B 260 14.80 -13.70 -7.73
C GLU B 260 13.74 -14.75 -8.08
N MET B 261 13.37 -15.60 -7.12
CA MET B 261 12.36 -16.67 -7.35
C MET B 261 10.97 -16.04 -7.48
N VAL B 262 10.62 -15.13 -6.57
CA VAL B 262 9.35 -14.35 -6.67
C VAL B 262 9.26 -13.66 -8.05
N GLU B 263 10.32 -12.98 -8.49
CA GLU B 263 10.31 -12.21 -9.76
C GLU B 263 10.11 -13.15 -10.95
N ALA B 264 10.72 -14.34 -10.93
CA ALA B 264 10.63 -15.33 -12.04
C ALA B 264 9.18 -15.84 -12.14
N ILE B 265 8.44 -15.87 -11.03
CA ILE B 265 7.00 -16.26 -11.04
C ILE B 265 6.12 -15.07 -11.46
N LEU B 266 6.18 -13.92 -10.78
CA LEU B 266 5.24 -12.80 -11.05
C LEU B 266 5.36 -12.28 -12.48
N LYS B 267 6.54 -12.39 -13.08
CA LYS B 267 6.86 -11.81 -14.40
C LYS B 267 6.98 -12.93 -15.44
N ASP B 268 6.58 -14.15 -15.09
CA ASP B 268 6.60 -15.36 -15.95
C ASP B 268 7.88 -15.41 -16.77
N GLN B 269 9.04 -15.53 -16.12
CA GLN B 269 10.34 -15.31 -16.82
C GLN B 269 10.85 -16.62 -17.41
N ARG B 270 10.43 -17.77 -16.88
CA ARG B 270 10.95 -19.09 -17.28
C ARG B 270 12.47 -19.11 -17.01
N ARG B 271 12.87 -18.72 -15.81
CA ARG B 271 14.31 -18.76 -15.42
C ARG B 271 14.68 -20.24 -15.27
N ILE B 272 15.91 -20.61 -15.57
CA ILE B 272 16.46 -21.88 -15.01
C ILE B 272 17.16 -21.55 -13.70
N LEU B 273 16.57 -21.99 -12.58
CA LEU B 273 17.07 -21.80 -11.19
C LEU B 273 16.97 -23.10 -10.39
N PRO B 274 17.92 -23.36 -9.48
CA PRO B 274 17.75 -24.48 -8.54
C PRO B 274 16.71 -24.13 -7.47
N ALA B 275 15.83 -25.08 -7.19
CA ALA B 275 14.72 -24.95 -6.23
C ALA B 275 14.48 -26.30 -5.56
N ILE B 276 13.94 -26.26 -4.35
CA ILE B 276 13.51 -27.42 -3.58
C ILE B 276 12.12 -27.76 -4.10
N ALA B 277 12.04 -28.81 -4.92
CA ALA B 277 10.88 -29.16 -5.77
C ALA B 277 10.40 -30.59 -5.45
N TYR B 278 9.09 -30.83 -5.53
CA TYR B 278 8.50 -32.18 -5.27
C TYR B 278 8.83 -33.10 -6.43
N LEU B 279 9.41 -34.26 -6.16
CA LEU B 279 9.75 -35.24 -7.23
C LEU B 279 8.72 -36.39 -7.27
N GLU B 280 8.23 -36.72 -8.46
CA GLU B 280 7.44 -37.95 -8.75
C GLU B 280 8.12 -38.68 -9.92
N GLY B 281 9.37 -39.12 -9.73
CA GLY B 281 10.08 -40.05 -10.65
C GLY B 281 11.40 -39.48 -11.10
N GLU B 282 11.48 -38.14 -11.13
CA GLU B 282 12.68 -37.37 -11.54
C GLU B 282 13.84 -37.83 -10.66
N TYR B 283 14.99 -38.13 -11.28
CA TYR B 283 16.23 -38.61 -10.61
C TYR B 283 16.01 -40.00 -9.96
N GLY B 284 14.92 -40.69 -10.31
CA GLY B 284 14.57 -42.00 -9.71
C GLY B 284 14.02 -41.91 -8.28
N TYR B 285 13.57 -40.73 -7.81
CA TYR B 285 12.95 -40.58 -6.46
C TYR B 285 11.47 -40.18 -6.61
N GLU B 286 10.68 -40.50 -5.60
CA GLU B 286 9.21 -40.35 -5.62
C GLU B 286 8.75 -39.84 -4.27
N GLY B 287 7.93 -38.80 -4.27
CA GLY B 287 7.28 -38.30 -3.05
C GLY B 287 8.27 -37.64 -2.12
N ILE B 288 9.31 -37.00 -2.66
CA ILE B 288 10.24 -36.18 -1.83
C ILE B 288 10.42 -34.78 -2.44
N TYR B 289 10.74 -33.81 -1.59
CA TYR B 289 11.26 -32.48 -1.99
C TYR B 289 12.78 -32.60 -2.07
N LEU B 290 13.37 -32.09 -3.14
CA LEU B 290 14.83 -32.14 -3.40
C LEU B 290 15.28 -30.88 -4.12
N GLY B 291 16.50 -30.42 -3.83
CA GLY B 291 17.14 -29.35 -4.62
C GLY B 291 17.49 -29.81 -6.02
N VAL B 292 16.88 -29.22 -7.05
CA VAL B 292 17.03 -29.65 -8.48
C VAL B 292 16.96 -28.42 -9.38
N PRO B 293 17.61 -28.45 -10.57
CA PRO B 293 17.42 -27.40 -11.55
C PRO B 293 15.96 -27.50 -11.97
N THR B 294 15.28 -26.35 -12.01
CA THR B 294 13.86 -26.19 -12.42
C THR B 294 13.75 -25.07 -13.45
N ILE B 295 12.62 -25.03 -14.16
CA ILE B 295 12.15 -23.84 -14.91
C ILE B 295 11.07 -23.16 -14.06
N LEU B 296 11.24 -21.87 -13.80
CA LEU B 296 10.40 -21.12 -12.84
C LEU B 296 9.69 -20.01 -13.62
N GLY B 297 8.36 -20.02 -13.61
CA GLY B 297 7.53 -19.10 -14.40
C GLY B 297 6.18 -18.88 -13.76
N GLY B 298 5.25 -18.33 -14.54
CA GLY B 298 3.89 -17.96 -14.10
C GLY B 298 3.09 -19.11 -13.51
N ASN B 299 3.42 -20.35 -13.84
CA ASN B 299 2.76 -21.54 -13.21
C ASN B 299 3.69 -22.15 -12.15
N GLY B 300 4.67 -21.37 -11.64
CA GLY B 300 5.62 -21.81 -10.60
C GLY B 300 6.71 -22.70 -11.19
N ILE B 301 6.80 -23.95 -10.74
CA ILE B 301 7.70 -24.98 -11.34
C ILE B 301 7.05 -25.48 -12.63
N GLU B 302 7.57 -25.06 -13.78
CA GLU B 302 7.09 -25.49 -15.10
C GLU B 302 7.65 -26.89 -15.40
N LYS B 303 8.93 -27.13 -15.07
CA LYS B 303 9.64 -28.39 -15.35
C LYS B 303 10.72 -28.63 -14.27
N VAL B 304 10.80 -29.85 -13.74
CA VAL B 304 12.05 -30.34 -13.09
C VAL B 304 13.00 -30.80 -14.22
N ILE B 305 14.18 -30.20 -14.31
CA ILE B 305 15.19 -30.60 -15.31
C ILE B 305 15.94 -31.81 -14.76
N GLU B 306 16.10 -32.84 -15.59
CA GLU B 306 16.79 -34.10 -15.24
C GLU B 306 18.13 -34.14 -15.99
N LEU B 307 19.24 -34.24 -15.27
CA LEU B 307 20.59 -34.27 -15.90
C LEU B 307 21.06 -35.73 -15.94
N GLU B 308 21.94 -36.03 -16.90
CA GLU B 308 22.77 -37.26 -16.94
C GLU B 308 23.91 -37.07 -15.95
N LEU B 309 23.82 -37.71 -14.78
CA LEU B 309 24.78 -37.61 -13.65
C LEU B 309 25.79 -38.77 -13.72
N THR B 310 27.04 -38.52 -13.32
CA THR B 310 28.07 -39.58 -13.14
C THR B 310 27.62 -40.45 -11.96
N GLU B 311 28.11 -41.68 -11.86
CA GLU B 311 27.77 -42.63 -10.74
C GLU B 311 28.13 -41.98 -9.39
N GLU B 312 29.25 -41.23 -9.32
CA GLU B 312 29.71 -40.47 -8.12
C GLU B 312 28.66 -39.43 -7.72
N GLU B 313 28.09 -38.71 -8.71
CA GLU B 313 27.07 -37.64 -8.50
C GLU B 313 25.72 -38.25 -8.12
N LYS B 314 25.31 -39.33 -8.77
CA LYS B 314 24.11 -40.13 -8.37
C LYS B 314 24.27 -40.56 -6.91
N ALA B 315 25.49 -40.96 -6.50
CA ALA B 315 25.77 -41.52 -5.16
C ALA B 315 25.78 -40.41 -4.13
N ALA B 316 26.46 -39.29 -4.43
CA ALA B 316 26.40 -38.07 -3.60
C ALA B 316 24.93 -37.65 -3.42
N LEU B 317 24.15 -37.61 -4.51
CA LEU B 317 22.71 -37.22 -4.44
C LEU B 317 21.90 -38.25 -3.64
N ALA B 318 22.15 -39.55 -3.82
CA ALA B 318 21.49 -40.64 -3.06
C ALA B 318 21.69 -40.41 -1.56
N LYS B 319 22.93 -40.06 -1.17
CA LYS B 319 23.35 -39.77 0.22
C LYS B 319 22.63 -38.49 0.70
N SER B 320 22.44 -37.52 -0.19
CA SER B 320 21.71 -36.25 0.08
C SER B 320 20.22 -36.54 0.32
N VAL B 321 19.64 -37.45 -0.45
CA VAL B 321 18.21 -37.87 -0.29
C VAL B 321 18.03 -38.61 1.03
N GLU B 322 19.03 -39.37 1.49
CA GLU B 322 18.98 -40.14 2.76
C GLU B 322 18.99 -39.16 3.96
N SER B 323 19.39 -37.90 3.76
CA SER B 323 19.21 -36.77 4.73
C SER B 323 17.75 -36.32 4.73
N VAL B 324 17.19 -36.02 3.56
CA VAL B 324 15.83 -35.45 3.38
C VAL B 324 14.78 -36.36 4.06
N LYS B 325 14.96 -37.69 3.98
CA LYS B 325 14.03 -38.72 4.54
C LYS B 325 14.16 -38.79 6.07
N ASN B 326 15.39 -38.65 6.61
CA ASN B 326 15.75 -38.86 8.03
C ASN B 326 15.63 -37.55 8.82
N VAL B 327 14.90 -36.55 8.31
CA VAL B 327 14.61 -35.27 9.03
C VAL B 327 13.18 -34.81 8.68
N ALA C 22 36.46 17.94 -6.98
CA ALA C 22 34.96 17.86 -7.14
C ALA C 22 34.55 16.62 -7.92
N MET C 23 33.39 16.06 -7.56
CA MET C 23 32.80 14.91 -8.28
C MET C 23 32.30 15.47 -9.62
N LYS C 24 32.79 14.92 -10.73
CA LYS C 24 32.47 15.37 -12.10
C LYS C 24 31.75 14.20 -12.78
N ARG C 25 30.73 14.45 -13.60
CA ARG C 25 30.12 13.36 -14.42
C ARG C 25 31.16 12.86 -15.42
N LYS C 26 31.13 11.56 -15.72
CA LYS C 26 31.81 10.97 -16.90
C LYS C 26 31.28 11.66 -18.16
N LYS C 27 32.09 11.68 -19.22
CA LYS C 27 31.77 12.33 -20.51
C LYS C 27 32.01 11.33 -21.63
N ILE C 28 30.97 11.01 -22.39
CA ILE C 28 31.00 10.07 -23.54
C ILE C 28 30.71 10.87 -24.81
N SER C 29 31.62 10.87 -25.79
CA SER C 29 31.38 11.42 -27.15
C SER C 29 31.05 10.26 -28.10
N VAL C 30 29.91 10.39 -28.78
CA VAL C 30 29.42 9.43 -29.81
C VAL C 30 29.64 10.10 -31.17
N ILE C 31 30.65 9.64 -31.91
CA ILE C 31 31.05 10.16 -33.25
C ILE C 31 30.25 9.37 -34.28
N GLY C 32 29.27 10.01 -34.90
CA GLY C 32 28.29 9.36 -35.78
C GLY C 32 26.91 9.37 -35.12
N ALA C 33 26.01 10.19 -35.65
CA ALA C 33 24.70 10.49 -35.04
C ALA C 33 23.62 9.79 -35.84
N GLY C 34 23.99 8.71 -36.53
CA GLY C 34 23.08 7.85 -37.30
C GLY C 34 22.18 7.07 -36.38
N PHE C 35 21.51 6.04 -36.89
CA PHE C 35 20.59 5.16 -36.10
C PHE C 35 21.32 4.55 -34.90
N THR C 36 22.57 4.11 -35.07
CA THR C 36 23.30 3.34 -34.02
C THR C 36 23.78 4.31 -32.95
N GLY C 37 24.55 5.32 -33.33
CA GLY C 37 25.09 6.38 -32.45
C GLY C 37 24.01 7.03 -31.61
N ALA C 38 22.78 7.20 -32.14
CA ALA C 38 21.68 7.94 -31.50
C ALA C 38 21.02 7.07 -30.45
N THR C 39 20.86 5.78 -30.76
CA THR C 39 20.25 4.78 -29.85
C THR C 39 21.21 4.57 -28.68
N THR C 40 22.52 4.56 -28.98
CA THR C 40 23.63 4.41 -28.01
C THR C 40 23.59 5.59 -27.02
N ALA C 41 23.50 6.81 -27.53
CA ALA C 41 23.47 8.08 -26.78
C ALA C 41 22.28 8.10 -25.80
N PHE C 42 21.10 7.75 -26.28
CA PHE C 42 19.86 7.71 -25.49
C PHE C 42 19.96 6.67 -24.36
N LEU C 43 20.59 5.52 -24.65
CA LEU C 43 20.78 4.41 -23.69
C LEU C 43 21.74 4.88 -22.60
N LEU C 44 22.89 5.45 -22.99
CA LEU C 44 23.93 5.92 -22.07
C LEU C 44 23.29 6.94 -21.12
N ALA C 45 22.44 7.83 -21.67
CA ALA C 45 21.82 8.97 -20.96
C ALA C 45 20.78 8.47 -19.97
N GLN C 46 19.89 7.58 -20.40
CA GLN C 46 18.88 6.89 -19.54
C GLN C 46 19.54 6.16 -18.36
N LYS C 47 20.70 5.53 -18.57
CA LYS C 47 21.41 4.75 -17.52
C LYS C 47 22.17 5.71 -16.60
N GLU C 48 22.26 7.01 -16.96
CA GLU C 48 23.02 8.06 -16.23
C GLU C 48 24.50 7.67 -16.19
N LEU C 49 25.03 7.16 -17.30
CA LEU C 49 26.45 6.72 -17.33
C LEU C 49 27.33 7.95 -17.51
N GLY C 50 26.77 9.05 -18.04
CA GLY C 50 27.42 10.38 -17.98
C GLY C 50 26.83 11.40 -18.95
N ASP C 51 27.53 12.50 -19.16
CA ASP C 51 27.17 13.48 -20.20
C ASP C 51 27.56 12.91 -21.57
N VAL C 52 26.70 13.10 -22.56
CA VAL C 52 26.87 12.58 -23.95
C VAL C 52 27.05 13.76 -24.92
N VAL C 53 28.14 13.80 -25.69
CA VAL C 53 28.31 14.71 -26.87
C VAL C 53 28.07 13.90 -28.15
N LEU C 54 26.92 14.12 -28.80
CA LEU C 54 26.56 13.44 -30.07
C LEU C 54 27.11 14.28 -31.24
N VAL C 55 28.08 13.72 -31.98
CA VAL C 55 28.89 14.42 -33.04
C VAL C 55 28.56 13.84 -34.42
N ASP C 56 28.26 14.70 -35.40
CA ASP C 56 28.12 14.33 -36.83
C ASP C 56 28.83 15.37 -37.73
N ILE C 57 28.64 15.29 -39.05
CA ILE C 57 29.28 16.19 -40.07
C ILE C 57 28.54 17.52 -40.11
N PRO C 58 29.22 18.61 -40.50
CA PRO C 58 28.61 19.94 -40.57
C PRO C 58 27.26 20.03 -41.29
N GLN C 59 26.99 19.20 -42.31
CA GLN C 59 25.71 19.26 -43.08
C GLN C 59 24.60 18.49 -42.33
N LEU C 60 24.95 17.76 -41.27
CA LEU C 60 23.93 17.11 -40.39
C LEU C 60 23.96 17.74 -38.98
N GLU C 61 24.72 18.83 -38.76
CA GLU C 61 24.83 19.57 -37.48
C GLU C 61 23.44 19.73 -36.85
N ASN C 62 22.48 20.25 -37.62
CA ASN C 62 21.16 20.63 -37.09
C ASN C 62 20.40 19.37 -36.71
N PRO C 63 20.18 18.40 -37.63
CA PRO C 63 19.58 17.12 -37.26
C PRO C 63 20.17 16.49 -35.98
N THR C 64 21.48 16.62 -35.76
CA THR C 64 22.21 16.08 -34.60
C THR C 64 21.80 16.86 -33.34
N LYS C 65 21.58 18.18 -33.46
CA LYS C 65 21.14 19.07 -32.35
C LYS C 65 19.70 18.74 -31.94
N GLY C 66 18.86 18.35 -32.92
CA GLY C 66 17.44 18.03 -32.70
C GLY C 66 17.24 16.65 -32.09
N LYS C 67 18.07 15.66 -32.46
CA LYS C 67 18.05 14.29 -31.86
C LYS C 67 18.49 14.40 -30.38
N ALA C 68 19.60 15.10 -30.11
CA ALA C 68 20.12 15.44 -28.77
C ALA C 68 19.03 16.12 -27.92
N LEU C 69 18.40 17.19 -28.43
CA LEU C 69 17.43 18.01 -27.67
C LEU C 69 16.17 17.18 -27.43
N ASP C 70 15.85 16.30 -28.37
CA ASP C 70 14.68 15.40 -28.25
C ASP C 70 14.97 14.35 -27.16
N MET C 71 16.16 13.78 -27.13
CA MET C 71 16.56 12.85 -26.04
C MET C 71 16.48 13.58 -24.69
N LEU C 72 17.11 14.75 -24.59
CA LEU C 72 17.16 15.57 -23.35
C LEU C 72 15.75 15.86 -22.85
N GLU C 73 14.78 16.02 -23.75
CA GLU C 73 13.40 16.46 -23.38
C GLU C 73 12.61 15.29 -22.82
N ALA C 74 13.10 14.07 -23.05
CA ALA C 74 12.62 12.82 -22.42
C ALA C 74 13.09 12.74 -20.94
N SER C 75 14.18 13.45 -20.54
CA SER C 75 14.85 13.25 -19.22
C SER C 75 13.91 13.54 -18.04
N PRO C 76 13.06 14.58 -18.05
CA PRO C 76 12.12 14.79 -16.94
C PRO C 76 11.18 13.60 -16.73
N VAL C 77 10.79 12.92 -17.80
CA VAL C 77 9.69 11.93 -17.78
C VAL C 77 10.25 10.56 -17.37
N LEU C 78 11.39 10.17 -17.95
CA LEU C 78 12.05 8.90 -17.63
C LEU C 78 12.84 9.11 -16.33
N GLY C 79 13.24 10.36 -16.08
CA GLY C 79 13.74 10.81 -14.77
C GLY C 79 15.22 10.50 -14.63
N PHE C 80 16.00 10.93 -15.62
CA PHE C 80 17.48 10.82 -15.62
C PHE C 80 18.08 12.21 -15.70
N ASP C 81 19.19 12.38 -14.99
CA ASP C 81 20.06 13.58 -15.08
C ASP C 81 21.22 13.18 -16.00
N ALA C 82 21.18 13.65 -17.24
CA ALA C 82 22.32 13.65 -18.17
C ALA C 82 22.09 14.84 -19.09
N ASN C 83 23.17 15.56 -19.41
CA ASN C 83 23.25 16.54 -20.52
C ASN C 83 23.52 15.73 -21.80
N ILE C 84 22.75 16.01 -22.87
CA ILE C 84 22.92 15.45 -24.25
C ILE C 84 22.97 16.63 -25.21
N ILE C 85 24.09 16.88 -25.90
CA ILE C 85 24.24 17.95 -26.94
C ILE C 85 24.69 17.33 -28.27
N GLY C 86 24.24 17.97 -29.36
CA GLY C 86 24.59 17.67 -30.76
C GLY C 86 25.48 18.76 -31.34
N THR C 87 26.49 18.39 -32.12
CA THR C 87 27.63 19.28 -32.50
C THR C 87 28.38 18.71 -33.71
N SER C 88 29.13 19.58 -34.40
CA SER C 88 30.01 19.19 -35.52
C SER C 88 31.40 19.74 -35.23
N ASP C 89 31.63 20.17 -33.99
CA ASP C 89 32.86 20.83 -33.51
C ASP C 89 33.49 19.92 -32.45
N TYR C 90 34.67 19.35 -32.71
CA TYR C 90 35.32 18.37 -31.82
C TYR C 90 35.84 19.05 -30.55
N ALA C 91 35.90 20.39 -30.49
CA ALA C 91 36.30 21.12 -29.27
C ALA C 91 35.34 20.75 -28.12
N ASP C 92 34.09 20.40 -28.45
CA ASP C 92 33.00 20.03 -27.51
C ASP C 92 33.19 18.63 -26.92
N THR C 93 34.12 17.83 -27.47
CA THR C 93 34.44 16.46 -27.00
C THR C 93 35.66 16.49 -26.08
N ALA C 94 36.19 17.67 -25.77
CA ALA C 94 37.41 17.83 -24.93
C ALA C 94 37.26 17.03 -23.62
N ASP C 95 38.29 16.29 -23.23
CA ASP C 95 38.35 15.59 -21.93
C ASP C 95 37.14 14.64 -21.83
N SER C 96 36.69 14.07 -22.96
CA SER C 96 35.84 12.86 -22.99
C SER C 96 36.59 11.68 -22.36
N ASP C 97 35.88 10.88 -21.57
CA ASP C 97 36.42 9.69 -20.87
C ASP C 97 36.36 8.52 -21.84
N ILE C 98 35.25 8.39 -22.59
CA ILE C 98 35.04 7.33 -23.60
C ILE C 98 34.51 7.98 -24.86
N VAL C 99 35.01 7.55 -26.02
CA VAL C 99 34.55 7.98 -27.36
C VAL C 99 34.13 6.71 -28.10
N VAL C 100 32.88 6.66 -28.55
CA VAL C 100 32.27 5.56 -29.34
C VAL C 100 32.24 6.01 -30.81
N ILE C 101 33.03 5.36 -31.67
CA ILE C 101 33.12 5.66 -33.14
C ILE C 101 32.16 4.72 -33.87
N THR C 102 30.95 5.23 -34.17
CA THR C 102 29.92 4.64 -35.06
C THR C 102 29.89 5.37 -36.42
N ALA C 103 30.93 6.13 -36.77
CA ALA C 103 31.01 6.97 -38.00
C ALA C 103 31.32 6.06 -39.18
N GLY C 104 30.31 5.79 -40.01
CA GLY C 104 30.44 4.98 -41.24
C GLY C 104 29.85 5.69 -42.46
N ILE C 105 30.27 5.23 -43.65
CA ILE C 105 29.63 5.55 -44.97
C ILE C 105 29.23 4.22 -45.62
N ARG C 113 33.86 -2.95 -52.03
CA ARG C 113 34.10 -3.24 -50.59
C ARG C 113 35.50 -2.74 -50.19
N ASP C 114 36.51 -2.96 -51.04
CA ASP C 114 37.92 -2.55 -50.77
C ASP C 114 38.03 -1.02 -50.91
N ASP C 115 37.10 -0.40 -51.63
CA ASP C 115 36.96 1.08 -51.75
C ASP C 115 36.24 1.62 -50.51
N LEU C 116 35.18 0.94 -50.08
CA LEU C 116 34.40 1.22 -48.84
C LEU C 116 35.34 1.21 -47.63
N VAL C 117 36.11 0.13 -47.48
CA VAL C 117 37.14 -0.01 -46.42
C VAL C 117 38.04 1.22 -46.43
N THR C 118 38.50 1.63 -47.62
CA THR C 118 39.45 2.76 -47.83
C THR C 118 38.75 4.09 -47.52
N THR C 119 37.44 4.21 -47.77
CA THR C 119 36.62 5.39 -47.41
C THR C 119 36.48 5.46 -45.88
N ASN C 120 36.00 4.38 -45.28
CA ASN C 120 35.82 4.28 -43.81
C ASN C 120 37.18 4.45 -43.15
N GLN C 121 38.25 3.90 -43.75
CA GLN C 121 39.63 3.99 -43.22
C GLN C 121 40.08 5.46 -43.25
N LYS C 122 39.61 6.25 -44.23
CA LYS C 122 39.93 7.69 -44.35
C LYS C 122 39.23 8.44 -43.21
N ILE C 123 37.94 8.15 -43.02
CA ILE C 123 37.09 8.71 -41.94
C ILE C 123 37.80 8.46 -40.60
N MET C 124 37.97 7.19 -40.24
CA MET C 124 38.61 6.73 -38.97
C MET C 124 39.82 7.60 -38.64
N LYS C 125 40.61 7.99 -39.66
CA LYS C 125 41.89 8.73 -39.48
C LYS C 125 41.60 10.22 -39.25
N GLN C 126 40.58 10.78 -39.91
CA GLN C 126 40.14 12.18 -39.73
C GLN C 126 39.62 12.33 -38.29
N VAL C 127 38.63 11.51 -37.93
CA VAL C 127 37.96 11.41 -36.59
C VAL C 127 39.02 11.21 -35.49
N THR C 128 39.86 10.18 -35.60
CA THR C 128 40.83 9.81 -34.53
C THR C 128 41.79 10.96 -34.26
N LYS C 129 42.17 11.73 -35.27
CA LYS C 129 43.16 12.83 -35.11
C LYS C 129 42.50 13.95 -34.30
N GLU C 130 41.25 14.28 -34.58
CA GLU C 130 40.47 15.30 -33.81
C GLU C 130 40.28 14.80 -32.36
N VAL C 131 39.80 13.56 -32.20
CA VAL C 131 39.48 12.89 -30.90
C VAL C 131 40.66 12.98 -29.94
N VAL C 132 41.86 12.57 -30.36
CA VAL C 132 43.02 12.47 -29.42
C VAL C 132 43.69 13.83 -29.27
N LYS C 133 43.33 14.82 -30.09
CA LYS C 133 43.79 16.21 -29.86
C LYS C 133 43.10 16.73 -28.59
N TYR C 134 41.77 16.65 -28.60
CA TYR C 134 40.85 17.19 -27.55
C TYR C 134 40.76 16.23 -26.34
N SER C 135 40.84 14.92 -26.56
CA SER C 135 40.72 13.88 -25.50
C SER C 135 41.93 12.95 -25.57
N PRO C 136 43.12 13.43 -25.17
CA PRO C 136 44.32 12.59 -25.24
C PRO C 136 44.31 11.36 -24.31
N ASN C 137 43.37 11.29 -23.36
CA ASN C 137 43.35 10.29 -22.25
C ASN C 137 42.17 9.32 -22.40
N CYS C 138 41.25 9.55 -23.35
CA CYS C 138 40.00 8.77 -23.54
C CYS C 138 40.28 7.30 -23.88
N TYR C 139 39.22 6.49 -23.80
CA TYR C 139 39.11 5.08 -24.24
C TYR C 139 38.18 5.04 -25.47
N ILE C 140 38.54 4.31 -26.52
CA ILE C 140 37.82 4.33 -27.83
C ILE C 140 37.20 2.96 -28.08
N ILE C 141 35.89 2.93 -28.23
CA ILE C 141 35.13 1.71 -28.66
C ILE C 141 34.64 1.96 -30.09
N VAL C 142 35.03 1.11 -31.04
CA VAL C 142 34.76 1.27 -32.51
C VAL C 142 33.68 0.28 -32.93
N LEU C 143 32.65 0.75 -33.61
CA LEU C 143 31.58 -0.11 -34.16
C LEU C 143 31.74 -0.27 -35.68
N THR C 144 32.39 0.69 -36.34
CA THR C 144 32.44 0.83 -37.82
C THR C 144 32.94 -0.48 -38.44
N ASN C 145 32.18 -1.08 -39.37
CA ASN C 145 32.54 -2.29 -40.14
C ASN C 145 33.48 -1.91 -41.30
N PRO C 146 34.43 -2.78 -41.75
CA PRO C 146 34.86 -3.99 -41.03
C PRO C 146 35.67 -3.64 -39.78
N VAL C 147 35.13 -4.01 -38.61
CA VAL C 147 35.55 -3.42 -37.30
C VAL C 147 36.94 -3.97 -36.95
N ASP C 148 37.28 -5.14 -37.47
CA ASP C 148 38.65 -5.71 -37.37
C ASP C 148 39.69 -4.66 -37.80
N ALA C 149 39.51 -4.00 -38.94
CA ALA C 149 40.54 -3.10 -39.54
C ALA C 149 40.25 -1.63 -39.21
N MET C 150 38.96 -1.25 -39.15
CA MET C 150 38.54 0.10 -38.67
C MET C 150 39.13 0.38 -37.27
N THR C 151 39.24 -0.61 -36.40
CA THR C 151 39.87 -0.43 -35.05
C THR C 151 41.39 -0.34 -35.19
N TYR C 152 42.01 -1.23 -35.99
CA TYR C 152 43.49 -1.21 -36.20
C TYR C 152 43.89 0.23 -36.57
N THR C 153 43.13 0.83 -37.48
CA THR C 153 43.39 2.20 -38.03
C THR C 153 43.35 3.20 -36.87
N VAL C 154 42.27 3.18 -36.09
CA VAL C 154 42.10 4.08 -34.90
C VAL C 154 43.33 3.89 -34.03
N PHE C 155 43.67 2.63 -33.74
CA PHE C 155 44.77 2.28 -32.82
C PHE C 155 46.08 2.94 -33.28
N LYS C 156 46.36 2.89 -34.59
CA LYS C 156 47.64 3.37 -35.18
C LYS C 156 47.59 4.90 -35.33
N GLU C 157 46.46 5.48 -35.80
CA GLU C 157 46.31 6.95 -35.89
C GLU C 157 46.34 7.59 -34.49
N SER C 158 45.71 6.96 -33.48
CA SER C 158 45.54 7.50 -32.11
C SER C 158 46.89 7.67 -31.42
N GLY C 159 47.80 6.70 -31.60
CA GLY C 159 49.06 6.61 -30.85
C GLY C 159 48.88 6.04 -29.45
N PHE C 160 47.68 5.56 -29.09
CA PHE C 160 47.35 5.11 -27.70
C PHE C 160 47.80 3.67 -27.52
N PRO C 161 48.15 3.27 -26.27
CA PRO C 161 48.46 1.88 -25.95
C PRO C 161 47.24 1.02 -26.27
N LYS C 162 47.46 -0.28 -26.51
CA LYS C 162 46.45 -1.22 -27.08
C LYS C 162 45.25 -1.36 -26.14
N ASN C 163 45.44 -1.18 -24.83
CA ASN C 163 44.37 -1.38 -23.81
C ASN C 163 43.27 -0.34 -24.04
N ARG C 164 43.60 0.83 -24.60
CA ARG C 164 42.69 2.00 -24.75
C ARG C 164 41.90 1.99 -26.06
N VAL C 165 42.12 1.03 -26.95
CA VAL C 165 41.43 1.03 -28.28
C VAL C 165 40.89 -0.37 -28.58
N ILE C 166 39.57 -0.45 -28.64
CA ILE C 166 38.80 -1.70 -28.55
C ILE C 166 37.75 -1.59 -29.64
N GLY C 167 37.28 -2.72 -30.17
CA GLY C 167 36.15 -2.76 -31.11
C GLY C 167 35.10 -3.72 -30.64
N GLN C 168 33.86 -3.48 -31.05
CA GLN C 168 32.65 -4.28 -30.75
C GLN C 168 32.40 -5.25 -31.91
N SER C 169 32.07 -6.51 -31.61
CA SER C 169 31.60 -7.52 -32.58
C SER C 169 30.99 -8.70 -31.85
N GLY C 170 31.76 -9.37 -30.99
CA GLY C 170 31.34 -10.61 -30.29
C GLY C 170 30.05 -10.48 -29.49
N VAL C 171 29.83 -9.33 -28.84
CA VAL C 171 28.66 -9.14 -27.92
C VAL C 171 27.38 -9.23 -28.76
N LEU C 172 27.30 -8.54 -29.87
CA LEU C 172 26.12 -8.57 -30.77
C LEU C 172 25.86 -10.01 -31.24
N ASP C 173 26.89 -10.73 -31.68
CA ASP C 173 26.78 -12.14 -32.16
C ASP C 173 26.26 -13.06 -31.04
N THR C 174 26.82 -12.98 -29.83
CA THR C 174 26.33 -13.76 -28.65
C THR C 174 24.93 -13.30 -28.31
N ALA C 175 24.61 -12.01 -28.45
CA ALA C 175 23.25 -11.49 -28.20
C ALA C 175 22.25 -12.15 -29.16
N ARG C 176 22.58 -12.29 -30.45
CA ARG C 176 21.65 -12.91 -31.43
C ARG C 176 21.52 -14.40 -31.11
N PHE C 177 22.67 -15.07 -30.96
CA PHE C 177 22.78 -16.49 -30.53
C PHE C 177 21.87 -16.78 -29.33
N ARG C 178 21.98 -16.00 -28.24
CA ARG C 178 21.22 -16.29 -27.00
C ARG C 178 19.72 -16.15 -27.28
N THR C 179 19.33 -15.19 -28.12
CA THR C 179 17.91 -14.91 -28.44
C THR C 179 17.30 -16.13 -29.14
N PHE C 180 18.01 -16.71 -30.12
CA PHE C 180 17.56 -17.90 -30.88
C PHE C 180 17.53 -19.12 -29.94
N VAL C 181 18.59 -19.34 -29.15
CA VAL C 181 18.58 -20.49 -28.20
C VAL C 181 17.41 -20.30 -27.22
N ALA C 182 17.10 -19.06 -26.85
CA ALA C 182 16.06 -18.78 -25.83
C ALA C 182 14.65 -19.16 -26.35
N GLU C 183 14.29 -18.81 -27.59
CA GLU C 183 12.97 -19.19 -28.16
C GLU C 183 12.93 -20.71 -28.42
N GLU C 184 14.08 -21.32 -28.76
CA GLU C 184 14.15 -22.77 -29.06
C GLU C 184 13.73 -23.54 -27.80
N LEU C 185 14.25 -23.19 -26.61
CA LEU C 185 14.02 -23.97 -25.37
C LEU C 185 12.85 -23.41 -24.56
N ASN C 186 12.35 -22.23 -24.92
CA ASN C 186 11.28 -21.50 -24.17
C ASN C 186 11.77 -21.21 -22.73
N ILE C 187 12.90 -20.51 -22.60
CA ILE C 187 13.50 -20.07 -21.29
C ILE C 187 14.00 -18.61 -21.40
N SER C 188 14.23 -17.97 -20.26
CA SER C 188 14.80 -16.61 -20.18
C SER C 188 16.13 -16.59 -20.95
N VAL C 189 16.39 -15.52 -21.69
CA VAL C 189 17.71 -15.26 -22.32
C VAL C 189 18.78 -15.08 -21.23
N LYS C 190 18.38 -14.77 -19.98
CA LYS C 190 19.30 -14.47 -18.85
C LYS C 190 20.10 -15.72 -18.50
N ASP C 191 19.57 -16.88 -18.83
CA ASP C 191 20.15 -18.20 -18.46
C ASP C 191 20.73 -18.88 -19.70
N VAL C 192 20.94 -18.14 -20.79
CA VAL C 192 21.62 -18.69 -22.00
C VAL C 192 22.97 -17.98 -22.11
N THR C 193 24.01 -18.73 -22.48
CA THR C 193 25.35 -18.18 -22.77
C THR C 193 25.80 -18.66 -24.16
N GLY C 194 26.32 -17.75 -24.97
CA GLY C 194 27.01 -18.09 -26.22
C GLY C 194 28.47 -17.81 -26.02
N PHE C 195 29.32 -18.41 -26.85
CA PHE C 195 30.77 -18.12 -26.90
C PHE C 195 31.16 -17.91 -28.36
N VAL C 196 31.74 -16.75 -28.70
CA VAL C 196 32.14 -16.43 -30.11
C VAL C 196 33.54 -15.84 -30.11
N LEU C 197 34.41 -16.41 -30.92
CA LEU C 197 35.71 -15.84 -31.33
C LEU C 197 35.51 -15.27 -32.74
N GLY C 198 36.46 -14.46 -33.21
CA GLY C 198 36.51 -13.95 -34.61
C GLY C 198 35.48 -12.87 -34.89
N GLY C 199 35.06 -12.74 -36.15
CA GLY C 199 34.19 -11.64 -36.63
C GLY C 199 32.78 -12.09 -36.90
N HIS C 200 32.01 -11.29 -37.65
CA HIS C 200 30.65 -11.62 -38.17
C HIS C 200 30.76 -12.62 -39.34
N GLY C 201 29.63 -13.26 -39.69
CA GLY C 201 29.45 -14.07 -40.91
C GLY C 201 30.31 -15.32 -40.91
N ASP C 202 31.32 -15.34 -41.78
CA ASP C 202 32.22 -16.50 -42.06
C ASP C 202 33.50 -16.34 -41.23
N ASP C 203 33.77 -15.12 -40.75
CA ASP C 203 34.88 -14.83 -39.81
C ASP C 203 34.51 -15.37 -38.42
N MET C 204 33.21 -15.58 -38.16
CA MET C 204 32.69 -16.00 -36.83
C MET C 204 33.12 -17.45 -36.58
N VAL C 205 33.68 -17.67 -35.38
CA VAL C 205 34.16 -18.98 -34.86
C VAL C 205 33.35 -19.25 -33.60
N PRO C 206 32.14 -19.83 -33.71
CA PRO C 206 31.37 -20.25 -32.55
C PRO C 206 31.96 -21.49 -31.85
N LEU C 207 31.94 -21.47 -30.52
CA LEU C 207 32.27 -22.61 -29.62
C LEU C 207 30.98 -23.05 -28.94
N VAL C 208 30.20 -23.90 -29.60
CA VAL C 208 28.90 -24.40 -29.09
C VAL C 208 29.14 -25.34 -27.90
N ARG C 209 30.40 -25.75 -27.66
CA ARG C 209 30.80 -26.62 -26.53
C ARG C 209 30.95 -25.78 -25.25
N TYR C 210 31.21 -24.47 -25.42
CA TYR C 210 31.19 -23.45 -24.34
C TYR C 210 29.89 -22.64 -24.41
N SER C 211 28.80 -23.23 -24.90
CA SER C 211 27.47 -22.57 -25.00
C SER C 211 26.47 -23.41 -24.23
N TYR C 212 25.72 -22.79 -23.32
CA TYR C 212 24.93 -23.50 -22.30
C TYR C 212 23.55 -22.88 -22.05
N ALA C 213 22.64 -23.68 -21.49
CA ALA C 213 21.37 -23.27 -20.86
C ALA C 213 21.36 -23.82 -19.44
N GLY C 214 21.27 -22.91 -18.45
CA GLY C 214 21.33 -23.21 -17.01
C GLY C 214 22.67 -23.84 -16.65
N GLY C 215 23.71 -23.62 -17.47
CA GLY C 215 25.02 -24.30 -17.40
C GLY C 215 25.05 -25.69 -18.01
N ILE C 216 23.93 -26.20 -18.55
CA ILE C 216 23.89 -27.50 -19.29
C ILE C 216 24.33 -27.25 -20.73
N PRO C 217 25.39 -27.94 -21.24
CA PRO C 217 25.84 -27.79 -22.62
C PRO C 217 24.70 -27.85 -23.64
N LEU C 218 24.64 -26.91 -24.58
CA LEU C 218 23.50 -26.86 -25.54
C LEU C 218 23.44 -28.16 -26.35
N GLU C 219 24.60 -28.75 -26.65
CA GLU C 219 24.73 -30.01 -27.46
C GLU C 219 23.93 -31.15 -26.82
N LYS C 220 23.52 -31.01 -25.55
CA LYS C 220 22.74 -32.01 -24.77
C LYS C 220 21.25 -31.68 -24.76
N LEU C 221 20.84 -30.53 -25.35
CA LEU C 221 19.47 -29.97 -25.20
C LEU C 221 18.79 -29.71 -26.56
N ILE C 222 19.57 -29.49 -27.64
CA ILE C 222 19.10 -29.14 -29.01
C ILE C 222 19.66 -30.16 -30.01
N PRO C 223 18.83 -31.00 -30.65
CA PRO C 223 19.31 -31.89 -31.72
C PRO C 223 20.21 -31.19 -32.73
N LYS C 224 21.18 -31.92 -33.30
CA LYS C 224 22.29 -31.44 -34.17
C LYS C 224 21.78 -30.46 -35.24
N ASP C 225 20.63 -30.73 -35.88
CA ASP C 225 20.16 -29.99 -37.07
C ASP C 225 19.69 -28.58 -36.66
N ARG C 226 18.74 -28.51 -35.73
CA ARG C 226 18.16 -27.29 -35.14
C ARG C 226 19.26 -26.38 -34.57
N LEU C 227 20.33 -26.95 -34.00
CA LEU C 227 21.46 -26.22 -33.35
C LEU C 227 22.37 -25.58 -34.40
N ASP C 228 22.72 -26.32 -35.46
CA ASP C 228 23.61 -25.84 -36.55
C ASP C 228 22.89 -24.74 -37.36
N ALA C 229 21.56 -24.79 -37.43
CA ALA C 229 20.70 -23.74 -38.04
C ALA C 229 20.75 -22.45 -37.19
N ILE C 230 20.69 -22.59 -35.85
CA ILE C 230 20.83 -21.46 -34.86
C ILE C 230 22.20 -20.83 -35.03
N VAL C 231 23.24 -21.65 -35.27
CA VAL C 231 24.64 -21.16 -35.51
C VAL C 231 24.69 -20.42 -36.84
N GLU C 232 23.97 -20.94 -37.84
CA GLU C 232 23.91 -20.38 -39.22
C GLU C 232 23.14 -19.06 -39.16
N ARG C 233 22.01 -19.04 -38.45
CA ARG C 233 21.14 -17.84 -38.27
C ARG C 233 21.92 -16.74 -37.54
N THR C 234 22.82 -17.08 -36.60
CA THR C 234 23.75 -16.14 -35.92
C THR C 234 24.76 -15.57 -36.93
N ARG C 235 25.41 -16.42 -37.71
CA ARG C 235 26.30 -16.01 -38.84
C ARG C 235 25.56 -15.03 -39.79
N LYS C 236 24.26 -15.27 -40.05
CA LYS C 236 23.39 -14.49 -40.97
C LYS C 236 22.45 -13.62 -40.13
N GLY C 237 22.91 -13.15 -38.96
CA GLY C 237 22.13 -12.28 -38.06
C GLY C 237 22.06 -10.86 -38.58
N GLY C 238 23.22 -10.27 -38.89
CA GLY C 238 23.37 -8.87 -39.37
C GLY C 238 22.66 -8.65 -40.71
N GLY C 239 22.70 -9.65 -41.61
CA GLY C 239 22.07 -9.62 -42.93
C GLY C 239 20.57 -9.84 -42.84
N GLU C 240 20.12 -10.71 -41.93
CA GLU C 240 18.66 -10.99 -41.73
C GLU C 240 17.93 -9.68 -41.42
N ILE C 241 18.57 -8.73 -40.70
CA ILE C 241 17.97 -7.42 -40.28
C ILE C 241 18.07 -6.45 -41.46
N VAL C 242 19.22 -6.37 -42.13
CA VAL C 242 19.43 -5.59 -43.39
C VAL C 242 18.39 -6.00 -44.45
N ASN C 243 17.96 -7.27 -44.51
CA ASN C 243 16.96 -7.77 -45.48
C ASN C 243 15.55 -7.29 -45.10
N LEU C 244 15.24 -7.26 -43.80
CA LEU C 244 13.89 -6.95 -43.29
C LEU C 244 13.65 -5.43 -43.37
N LEU C 245 14.63 -4.62 -42.98
CA LEU C 245 14.49 -3.14 -42.88
C LEU C 245 14.42 -2.53 -44.29
N GLY C 246 15.16 -3.10 -45.25
CA GLY C 246 15.28 -2.63 -46.65
C GLY C 246 16.43 -1.64 -46.82
N ASN C 247 16.38 -0.52 -46.09
CA ASN C 247 17.41 0.55 -46.03
C ASN C 247 18.10 0.49 -44.67
N GLY C 248 19.44 0.48 -44.64
CA GLY C 248 20.23 0.56 -43.39
C GLY C 248 20.34 -0.76 -42.63
N SER C 249 21.27 -0.82 -41.68
CA SER C 249 21.58 -2.02 -40.86
C SER C 249 20.96 -1.89 -39.46
N ALA C 250 21.19 -2.87 -38.59
CA ALA C 250 20.58 -2.99 -37.24
C ALA C 250 21.04 -1.83 -36.35
N TYR C 251 20.28 -1.42 -35.34
CA TYR C 251 20.77 -0.33 -34.45
C TYR C 251 20.45 -0.61 -32.96
N TYR C 252 19.36 -1.29 -32.63
CA TYR C 252 18.95 -1.60 -31.24
C TYR C 252 19.94 -2.54 -30.54
N ALA C 253 20.17 -3.72 -31.12
CA ALA C 253 21.08 -4.70 -30.51
C ALA C 253 22.49 -4.14 -30.58
N PRO C 254 22.93 -3.55 -31.71
CA PRO C 254 24.28 -3.00 -31.77
C PRO C 254 24.49 -1.88 -30.74
N ALA C 255 23.50 -1.03 -30.48
CA ALA C 255 23.62 0.06 -29.48
C ALA C 255 23.77 -0.55 -28.06
N ALA C 256 23.00 -1.58 -27.75
CA ALA C 256 23.05 -2.35 -26.48
C ALA C 256 24.47 -2.87 -26.21
N SER C 257 25.08 -3.49 -27.23
CA SER C 257 26.41 -4.12 -27.17
C SER C 257 27.47 -3.08 -26.85
N LEU C 258 27.35 -1.88 -27.41
CA LEU C 258 28.31 -0.77 -27.15
C LEU C 258 28.17 -0.29 -25.70
N VAL C 259 26.92 -0.18 -25.22
CA VAL C 259 26.57 0.31 -23.85
C VAL C 259 27.09 -0.67 -22.79
N GLU C 260 26.92 -1.97 -23.01
CA GLU C 260 27.48 -3.02 -22.13
C GLU C 260 28.99 -2.86 -22.07
N MET C 261 29.63 -2.53 -23.18
CA MET C 261 31.11 -2.36 -23.20
C MET C 261 31.51 -1.02 -22.55
N VAL C 262 30.70 0.04 -22.73
CA VAL C 262 30.95 1.36 -22.09
C VAL C 262 30.84 1.21 -20.56
N GLU C 263 29.79 0.51 -20.09
CA GLU C 263 29.43 0.34 -18.66
C GLU C 263 30.57 -0.44 -17.97
N ALA C 264 31.02 -1.51 -18.60
CA ALA C 264 32.16 -2.34 -18.18
C ALA C 264 33.40 -1.47 -17.90
N ILE C 265 33.62 -0.43 -18.68
CA ILE C 265 34.81 0.46 -18.53
C ILE C 265 34.52 1.53 -17.47
N LEU C 266 33.44 2.30 -17.63
CA LEU C 266 33.13 3.46 -16.72
C LEU C 266 32.99 2.97 -15.28
N LYS C 267 32.42 1.78 -15.05
CA LYS C 267 32.11 1.25 -13.70
C LYS C 267 33.17 0.24 -13.27
N ASP C 268 34.23 0.06 -14.07
CA ASP C 268 35.38 -0.85 -13.80
C ASP C 268 34.87 -2.23 -13.33
N GLN C 269 34.05 -2.89 -14.14
CA GLN C 269 33.28 -4.10 -13.75
C GLN C 269 34.12 -5.37 -13.92
N ARG C 270 35.19 -5.33 -14.72
CA ARG C 270 36.00 -6.52 -15.10
C ARG C 270 35.03 -7.62 -15.59
N ARG C 271 34.20 -7.25 -16.56
CA ARG C 271 33.33 -8.17 -17.32
C ARG C 271 34.21 -9.09 -18.18
N ILE C 272 33.83 -10.36 -18.34
CA ILE C 272 34.36 -11.24 -19.42
C ILE C 272 33.41 -11.11 -20.62
N LEU C 273 33.85 -10.42 -21.67
CA LEU C 273 33.06 -10.16 -22.93
C LEU C 273 33.97 -10.35 -24.14
N PRO C 274 33.46 -10.93 -25.24
CA PRO C 274 34.22 -10.98 -26.49
C PRO C 274 34.35 -9.54 -26.97
N ALA C 275 35.55 -9.12 -27.33
CA ALA C 275 35.79 -7.82 -27.98
C ALA C 275 36.82 -7.98 -29.11
N ILE C 276 36.89 -6.98 -30.00
CA ILE C 276 37.97 -6.83 -31.03
C ILE C 276 39.19 -6.24 -30.34
N ALA C 277 40.24 -7.02 -30.16
CA ALA C 277 41.45 -6.61 -29.39
C ALA C 277 42.71 -6.89 -30.21
N TYR C 278 43.71 -6.05 -29.97
CA TYR C 278 45.04 -6.11 -30.62
C TYR C 278 45.87 -7.22 -29.98
N LEU C 279 46.31 -8.20 -30.78
CA LEU C 279 47.09 -9.38 -30.31
C LEU C 279 48.59 -9.08 -30.46
N GLU C 280 49.39 -9.44 -29.45
CA GLU C 280 50.88 -9.38 -29.48
C GLU C 280 51.42 -10.73 -29.00
N GLY C 281 50.87 -11.83 -29.53
CA GLY C 281 51.26 -13.22 -29.21
C GLY C 281 50.07 -14.14 -29.06
N GLU C 282 48.95 -13.63 -28.53
CA GLU C 282 47.82 -14.49 -28.07
C GLU C 282 47.26 -15.26 -29.27
N TYR C 283 46.98 -16.55 -29.06
CA TYR C 283 46.40 -17.50 -30.05
C TYR C 283 47.35 -17.71 -31.25
N GLY C 284 48.63 -17.34 -31.11
CA GLY C 284 49.70 -17.52 -32.12
C GLY C 284 49.92 -16.30 -33.00
N TYR C 285 48.96 -15.36 -33.05
CA TYR C 285 48.93 -14.19 -33.96
C TYR C 285 49.53 -12.97 -33.24
N GLU C 286 50.06 -12.02 -34.01
CA GLU C 286 50.77 -10.81 -33.55
C GLU C 286 50.47 -9.65 -34.52
N GLY C 287 50.25 -8.45 -34.01
CA GLY C 287 50.17 -7.21 -34.81
C GLY C 287 48.82 -7.02 -35.48
N ILE C 288 47.80 -7.80 -35.11
CA ILE C 288 46.43 -7.68 -35.71
C ILE C 288 45.37 -7.43 -34.63
N TYR C 289 44.20 -6.95 -35.03
CA TYR C 289 42.99 -6.94 -34.18
C TYR C 289 42.18 -8.20 -34.45
N LEU C 290 41.59 -8.79 -33.41
CA LEU C 290 40.73 -10.01 -33.55
C LEU C 290 39.73 -10.11 -32.39
N GLY C 291 38.56 -10.70 -32.67
CA GLY C 291 37.49 -11.01 -31.71
C GLY C 291 37.91 -12.11 -30.77
N VAL C 292 38.27 -11.76 -29.53
CA VAL C 292 38.75 -12.70 -28.48
C VAL C 292 38.02 -12.43 -27.17
N PRO C 293 37.96 -13.43 -26.25
CA PRO C 293 37.44 -13.19 -24.92
C PRO C 293 38.40 -12.24 -24.21
N THR C 294 37.88 -11.19 -23.59
CA THR C 294 38.68 -10.22 -22.81
C THR C 294 38.06 -10.04 -21.41
N ILE C 295 38.81 -9.39 -20.54
CA ILE C 295 38.28 -8.71 -19.32
C ILE C 295 38.29 -7.22 -19.63
N LEU C 296 37.09 -6.63 -19.69
CA LEU C 296 36.82 -5.18 -19.90
C LEU C 296 36.72 -4.51 -18.51
N GLY C 297 37.56 -3.53 -18.25
CA GLY C 297 37.60 -2.85 -16.94
C GLY C 297 37.96 -1.41 -17.11
N GLY C 298 38.19 -0.73 -15.98
CA GLY C 298 38.51 0.71 -15.91
C GLY C 298 39.81 1.07 -16.61
N ASN C 299 40.60 0.06 -17.00
CA ASN C 299 41.87 0.27 -17.76
C ASN C 299 41.64 -0.19 -19.20
N GLY C 300 40.38 -0.35 -19.59
CA GLY C 300 39.95 -0.90 -20.89
C GLY C 300 40.18 -2.39 -20.91
N ILE C 301 40.88 -2.91 -21.91
CA ILE C 301 41.19 -4.36 -21.96
C ILE C 301 42.21 -4.63 -20.85
N GLU C 302 41.79 -5.30 -19.77
CA GLU C 302 42.66 -5.71 -18.64
C GLU C 302 43.49 -6.91 -19.12
N LYS C 303 42.89 -7.82 -19.89
CA LYS C 303 43.55 -9.08 -20.36
C LYS C 303 42.86 -9.56 -21.64
N VAL C 304 43.63 -10.07 -22.60
CA VAL C 304 43.08 -10.96 -23.66
C VAL C 304 43.14 -12.38 -23.08
N ILE C 305 42.03 -13.10 -23.02
CA ILE C 305 41.98 -14.46 -22.42
C ILE C 305 42.38 -15.47 -23.51
N GLU C 306 43.38 -16.30 -23.21
CA GLU C 306 43.89 -17.41 -24.06
C GLU C 306 43.20 -18.73 -23.68
N LEU C 307 42.32 -19.28 -24.52
CA LEU C 307 41.75 -20.64 -24.28
C LEU C 307 42.56 -21.67 -25.08
N GLU C 308 42.59 -22.91 -24.56
CA GLU C 308 42.96 -24.16 -25.29
C GLU C 308 41.82 -24.45 -26.28
N LEU C 309 42.08 -24.30 -27.59
CA LEU C 309 41.07 -24.56 -28.67
C LEU C 309 41.25 -25.98 -29.23
N THR C 310 40.20 -26.51 -29.85
CA THR C 310 40.26 -27.76 -30.68
C THR C 310 40.94 -27.43 -32.02
N GLU C 311 41.54 -28.44 -32.67
CA GLU C 311 42.19 -28.32 -34.00
C GLU C 311 41.18 -27.73 -35.00
N GLU C 312 39.92 -28.20 -34.97
CA GLU C 312 38.78 -27.70 -35.81
C GLU C 312 38.56 -26.19 -35.58
N GLU C 313 38.77 -25.71 -34.34
CA GLU C 313 38.54 -24.30 -33.92
C GLU C 313 39.73 -23.42 -34.35
N LYS C 314 40.96 -23.87 -34.06
CA LYS C 314 42.24 -23.20 -34.45
C LYS C 314 42.29 -23.01 -35.97
N ALA C 315 41.76 -23.97 -36.73
CA ALA C 315 41.75 -23.98 -38.21
C ALA C 315 40.71 -22.98 -38.70
N ALA C 316 39.54 -22.94 -38.05
CA ALA C 316 38.42 -22.03 -38.38
C ALA C 316 38.79 -20.58 -37.99
N LEU C 317 39.68 -20.43 -37.01
CA LEU C 317 40.19 -19.12 -36.55
C LEU C 317 41.29 -18.64 -37.51
N ALA C 318 42.12 -19.57 -38.03
CA ALA C 318 43.18 -19.29 -39.02
C ALA C 318 42.59 -18.77 -40.34
N LYS C 319 41.43 -19.28 -40.75
CA LYS C 319 40.65 -18.80 -41.92
C LYS C 319 40.14 -17.38 -41.65
N SER C 320 39.56 -17.16 -40.46
CA SER C 320 39.03 -15.85 -39.99
C SER C 320 40.15 -14.80 -40.03
N VAL C 321 41.35 -15.16 -39.54
CA VAL C 321 42.53 -14.25 -39.48
C VAL C 321 43.00 -13.94 -40.92
N GLU C 322 42.60 -14.77 -41.89
CA GLU C 322 42.96 -14.61 -43.34
C GLU C 322 42.06 -13.53 -43.98
N SER C 323 40.82 -13.38 -43.53
CA SER C 323 39.89 -12.33 -44.02
C SER C 323 40.17 -10.99 -43.31
N VAL C 324 40.84 -11.03 -42.15
CA VAL C 324 41.32 -9.83 -41.40
C VAL C 324 42.57 -9.27 -42.09
N LYS C 325 43.43 -10.16 -42.63
CA LYS C 325 44.60 -9.78 -43.47
C LYS C 325 44.11 -9.32 -44.85
N ASN C 326 42.94 -9.81 -45.30
CA ASN C 326 42.33 -9.52 -46.64
C ASN C 326 41.99 -8.02 -46.78
N VAL C 327 41.87 -7.28 -45.66
CA VAL C 327 41.40 -5.86 -45.65
C VAL C 327 42.55 -4.95 -45.21
N MET C 328 43.73 -5.11 -45.83
CA MET C 328 44.95 -4.29 -45.53
C MET C 328 44.88 -2.97 -46.31
N ALA D 22 -2.90 -18.73 -13.05
CA ALA D 22 -1.43 -18.62 -13.39
C ALA D 22 -1.06 -17.19 -13.77
N MET D 23 0.09 -16.71 -13.29
CA MET D 23 0.65 -15.35 -13.55
C MET D 23 0.96 -15.24 -15.04
N LYS D 24 0.44 -14.21 -15.70
CA LYS D 24 0.66 -13.99 -17.16
C LYS D 24 1.23 -12.59 -17.31
N ARG D 25 2.15 -12.40 -18.25
CA ARG D 25 2.67 -11.05 -18.54
C ARG D 25 1.49 -10.18 -19.02
N LYS D 26 1.65 -8.86 -18.89
CA LYS D 26 0.84 -7.84 -19.58
C LYS D 26 1.19 -7.87 -21.07
N LYS D 27 0.19 -7.68 -21.92
CA LYS D 27 0.36 -7.57 -23.40
C LYS D 27 0.07 -6.13 -23.82
N ILE D 28 1.03 -5.46 -24.45
CA ILE D 28 0.89 -4.10 -25.01
C ILE D 28 1.05 -4.20 -26.53
N SER D 29 0.10 -3.66 -27.29
CA SER D 29 0.17 -3.52 -28.76
C SER D 29 0.38 -2.05 -29.07
N VAL D 30 1.35 -1.75 -29.93
CA VAL D 30 1.69 -0.38 -30.41
C VAL D 30 1.34 -0.35 -31.90
N ILE D 31 0.32 0.43 -32.28
CA ILE D 31 -0.13 0.60 -33.70
C ILE D 31 0.69 1.75 -34.30
N GLY D 32 1.52 1.45 -35.30
CA GLY D 32 2.40 2.43 -35.97
C GLY D 32 3.87 2.20 -35.63
N ALA D 33 4.56 1.40 -36.43
CA ALA D 33 5.93 0.92 -36.18
C ALA D 33 6.93 1.87 -36.82
N GLY D 34 6.70 3.18 -36.68
CA GLY D 34 7.59 4.20 -37.24
C GLY D 34 8.61 4.67 -36.20
N PHE D 35 8.84 5.99 -36.14
CA PHE D 35 9.84 6.59 -35.24
C PHE D 35 9.33 6.51 -33.80
N THR D 36 8.05 6.86 -33.59
CA THR D 36 7.47 7.05 -32.24
C THR D 36 7.09 5.69 -31.64
N GLY D 37 6.43 4.84 -32.42
CA GLY D 37 5.96 3.53 -31.92
C GLY D 37 7.11 2.58 -31.63
N ALA D 38 8.19 2.66 -32.41
CA ALA D 38 9.38 1.78 -32.33
C ALA D 38 10.11 2.08 -31.02
N THR D 39 10.37 3.37 -30.78
CA THR D 39 10.98 3.95 -29.56
C THR D 39 10.09 3.60 -28.34
N THR D 40 8.77 3.68 -28.50
CA THR D 40 7.83 3.34 -27.40
C THR D 40 7.96 1.86 -27.06
N ALA D 41 7.99 0.99 -28.07
CA ALA D 41 8.05 -0.49 -27.92
C ALA D 41 9.33 -0.88 -27.18
N PHE D 42 10.46 -0.27 -27.54
CA PHE D 42 11.78 -0.62 -26.99
C PHE D 42 11.85 -0.22 -25.50
N LEU D 43 11.46 1.01 -25.16
CA LEU D 43 11.29 1.52 -23.76
C LEU D 43 10.40 0.59 -22.93
N LEU D 44 9.23 0.18 -23.46
CA LEU D 44 8.27 -0.71 -22.74
C LEU D 44 8.93 -2.07 -22.47
N ALA D 45 9.63 -2.63 -23.45
CA ALA D 45 10.38 -3.90 -23.31
C ALA D 45 11.50 -3.71 -22.28
N GLN D 46 12.32 -2.66 -22.40
CA GLN D 46 13.44 -2.37 -21.48
C GLN D 46 12.93 -2.46 -20.04
N LYS D 47 11.78 -1.85 -19.75
CA LYS D 47 11.22 -1.74 -18.38
C LYS D 47 10.43 -2.99 -18.00
N GLU D 48 10.46 -4.03 -18.84
CA GLU D 48 9.69 -5.27 -18.62
C GLU D 48 8.27 -4.89 -18.16
N LEU D 49 7.63 -3.92 -18.80
CA LEU D 49 6.21 -3.60 -18.49
C LEU D 49 5.31 -4.69 -19.08
N GLY D 50 5.75 -5.37 -20.14
CA GLY D 50 5.06 -6.57 -20.65
C GLY D 50 5.59 -7.06 -21.98
N ASP D 51 4.83 -7.96 -22.62
CA ASP D 51 4.95 -8.38 -24.03
C ASP D 51 4.52 -7.23 -24.95
N VAL D 52 5.23 -7.01 -26.05
CA VAL D 52 4.93 -5.94 -27.05
C VAL D 52 4.65 -6.56 -28.42
N VAL D 53 3.48 -6.26 -29.01
CA VAL D 53 3.15 -6.50 -30.45
C VAL D 53 3.28 -5.16 -31.19
N LEU D 54 4.17 -5.08 -32.17
CA LEU D 54 4.46 -3.85 -32.96
C LEU D 54 3.77 -3.96 -34.33
N VAL D 55 2.79 -3.08 -34.59
CA VAL D 55 1.79 -3.24 -35.69
C VAL D 55 1.92 -2.09 -36.68
N ASP D 56 2.08 -2.43 -37.98
CA ASP D 56 2.04 -1.50 -39.14
C ASP D 56 1.14 -2.11 -40.22
N ILE D 57 1.24 -1.65 -41.47
CA ILE D 57 0.39 -2.07 -42.64
C ILE D 57 1.10 -3.19 -43.39
N PRO D 58 0.37 -4.06 -44.13
CA PRO D 58 0.95 -5.27 -44.73
C PRO D 58 2.18 -5.05 -45.62
N GLN D 59 2.32 -3.87 -46.25
CA GLN D 59 3.47 -3.56 -47.16
C GLN D 59 4.71 -3.25 -46.31
N LEU D 60 4.55 -2.95 -45.02
CA LEU D 60 5.67 -2.66 -44.08
C LEU D 60 5.86 -3.80 -43.05
N GLU D 61 5.17 -4.95 -43.22
CA GLU D 61 5.18 -6.09 -42.27
C GLU D 61 6.61 -6.59 -42.05
N ASN D 62 7.48 -6.51 -43.06
CA ASN D 62 8.86 -7.04 -42.97
C ASN D 62 9.71 -6.07 -42.13
N PRO D 63 9.93 -4.79 -42.54
CA PRO D 63 10.69 -3.84 -41.73
C PRO D 63 10.20 -3.68 -40.28
N THR D 64 8.92 -3.98 -40.03
CA THR D 64 8.33 -4.03 -38.66
C THR D 64 8.89 -5.26 -37.94
N LYS D 65 8.84 -6.44 -38.55
CA LYS D 65 9.34 -7.70 -37.94
C LYS D 65 10.84 -7.56 -37.67
N GLY D 66 11.53 -6.72 -38.44
CA GLY D 66 12.98 -6.47 -38.39
C GLY D 66 13.34 -5.51 -37.29
N LYS D 67 12.42 -4.63 -36.90
CA LYS D 67 12.61 -3.68 -35.78
C LYS D 67 12.43 -4.47 -34.47
N ALA D 68 11.31 -5.19 -34.40
CA ALA D 68 10.87 -6.09 -33.31
C ALA D 68 11.96 -7.11 -32.94
N LEU D 69 12.72 -7.58 -33.94
CA LEU D 69 13.70 -8.67 -33.80
C LEU D 69 15.01 -8.05 -33.34
N ASP D 70 15.41 -6.92 -33.93
CA ASP D 70 16.54 -6.06 -33.48
C ASP D 70 16.35 -5.79 -31.97
N MET D 71 15.20 -5.27 -31.56
CA MET D 71 14.86 -4.93 -30.16
C MET D 71 15.01 -6.17 -29.28
N LEU D 72 14.44 -7.30 -29.72
CA LEU D 72 14.37 -8.54 -28.91
C LEU D 72 15.79 -9.10 -28.74
N GLU D 73 16.62 -8.89 -29.74
CA GLU D 73 18.04 -9.29 -29.80
C GLU D 73 18.87 -8.44 -28.82
N ALA D 74 18.35 -7.31 -28.37
CA ALA D 74 19.05 -6.43 -27.39
C ALA D 74 18.76 -6.91 -25.96
N SER D 75 17.73 -7.75 -25.80
CA SER D 75 17.24 -8.27 -24.49
C SER D 75 18.33 -9.01 -23.71
N PRO D 76 19.18 -9.88 -24.31
CA PRO D 76 20.21 -10.59 -23.54
C PRO D 76 21.24 -9.61 -22.96
N VAL D 77 21.53 -8.56 -23.73
CA VAL D 77 22.66 -7.61 -23.48
C VAL D 77 22.26 -6.66 -22.35
N LEU D 78 20.99 -6.24 -22.30
CA LEU D 78 20.43 -5.21 -21.37
C LEU D 78 19.71 -5.90 -20.20
N GLY D 79 19.43 -7.19 -20.32
CA GLY D 79 18.92 -8.02 -19.21
C GLY D 79 17.45 -7.75 -19.00
N PHE D 80 16.64 -7.94 -20.05
CA PHE D 80 15.16 -7.91 -19.91
C PHE D 80 14.55 -9.18 -20.53
N ASP D 81 13.53 -9.71 -19.85
CA ASP D 81 12.64 -10.81 -20.32
C ASP D 81 11.36 -10.14 -20.84
N ALA D 82 11.27 -9.95 -22.16
CA ALA D 82 10.04 -9.50 -22.84
C ALA D 82 10.06 -10.08 -24.26
N ASN D 83 8.91 -10.47 -24.80
CA ASN D 83 8.83 -10.82 -26.24
C ASN D 83 8.29 -9.61 -26.99
N ILE D 84 8.91 -9.35 -28.15
CA ILE D 84 8.55 -8.27 -29.11
C ILE D 84 8.38 -8.95 -30.48
N ILE D 85 7.17 -8.85 -31.06
CA ILE D 85 6.86 -9.34 -32.44
C ILE D 85 6.29 -8.19 -33.26
N GLY D 86 6.73 -8.07 -34.51
CA GLY D 86 6.10 -7.26 -35.58
C GLY D 86 5.02 -8.04 -36.30
N THR D 87 3.89 -7.40 -36.60
CA THR D 87 2.71 -8.04 -37.26
C THR D 87 2.05 -7.02 -38.21
N SER D 88 1.16 -7.48 -39.09
CA SER D 88 0.12 -6.68 -39.79
C SER D 88 -1.24 -7.34 -39.59
N ASP D 89 -1.31 -8.33 -38.69
CA ASP D 89 -2.49 -9.20 -38.41
C ASP D 89 -2.92 -8.90 -36.98
N TYR D 90 -4.15 -8.40 -36.79
CA TYR D 90 -4.65 -7.84 -35.51
C TYR D 90 -5.08 -8.97 -34.59
N ALA D 91 -5.06 -10.21 -35.07
CA ALA D 91 -5.28 -11.42 -34.25
C ALA D 91 -4.14 -11.56 -33.24
N ASP D 92 -2.95 -11.09 -33.60
CA ASP D 92 -1.74 -11.12 -32.74
C ASP D 92 -1.90 -10.15 -31.55
N THR D 93 -2.75 -9.12 -31.65
CA THR D 93 -3.01 -8.12 -30.56
C THR D 93 -4.14 -8.60 -29.65
N ALA D 94 -4.39 -9.90 -29.60
CA ALA D 94 -5.55 -10.51 -28.91
C ALA D 94 -5.31 -10.46 -27.40
N ASP D 95 -6.31 -9.96 -26.68
CA ASP D 95 -6.36 -9.94 -25.19
C ASP D 95 -5.31 -8.94 -24.67
N SER D 96 -4.94 -7.94 -25.48
CA SER D 96 -4.09 -6.79 -25.07
C SER D 96 -4.67 -6.18 -23.79
N ASP D 97 -3.79 -5.79 -22.85
CA ASP D 97 -4.17 -5.01 -21.65
C ASP D 97 -4.21 -3.54 -22.09
N ILE D 98 -3.29 -3.14 -22.97
CA ILE D 98 -3.11 -1.72 -23.35
C ILE D 98 -2.82 -1.71 -24.83
N VAL D 99 -3.45 -0.77 -25.55
CA VAL D 99 -3.11 -0.47 -26.97
C VAL D 99 -2.72 1.00 -27.04
N VAL D 100 -1.61 1.25 -27.71
CA VAL D 100 -1.02 2.60 -27.90
C VAL D 100 -1.05 2.89 -29.40
N ILE D 101 -1.69 4.00 -29.81
CA ILE D 101 -1.91 4.37 -31.24
C ILE D 101 -0.93 5.46 -31.62
N THR D 102 0.04 5.09 -32.46
CA THR D 102 0.99 5.99 -33.13
C THR D 102 0.73 6.02 -34.65
N ALA D 103 -0.28 5.27 -35.12
CA ALA D 103 -0.68 5.18 -36.55
C ALA D 103 -0.92 6.59 -37.10
N GLY D 104 0.05 7.09 -37.86
CA GLY D 104 0.10 8.47 -38.39
C GLY D 104 0.40 8.45 -39.88
N ILE D 105 -0.08 9.45 -40.61
CA ILE D 105 0.02 9.51 -42.10
C ILE D 105 1.31 10.25 -42.49
N ALA D 106 1.91 9.86 -43.62
CA ALA D 106 3.08 10.51 -44.25
C ALA D 106 3.07 10.20 -45.75
N MET D 111 -0.70 18.13 -49.72
CA MET D 111 -1.45 17.64 -48.53
C MET D 111 -1.89 18.83 -47.68
N SER D 112 -3.21 19.02 -47.52
CA SER D 112 -3.84 20.12 -46.75
C SER D 112 -3.87 19.79 -45.26
N ARG D 113 -4.30 20.74 -44.42
CA ARG D 113 -4.44 20.56 -42.96
C ARG D 113 -5.71 19.74 -42.68
N ASP D 114 -6.72 19.88 -43.55
CA ASP D 114 -7.97 19.09 -43.48
C ASP D 114 -7.75 17.69 -44.11
N ASP D 115 -6.72 17.51 -44.94
CA ASP D 115 -6.37 16.22 -45.57
C ASP D 115 -5.87 15.25 -44.48
N LEU D 116 -4.81 15.65 -43.75
CA LEU D 116 -4.15 14.82 -42.70
C LEU D 116 -5.20 14.45 -41.64
N VAL D 117 -5.93 15.44 -41.15
CA VAL D 117 -7.00 15.22 -40.14
C VAL D 117 -7.92 14.11 -40.66
N THR D 118 -8.59 14.32 -41.79
CA THR D 118 -9.57 13.39 -42.41
C THR D 118 -8.94 12.02 -42.67
N THR D 119 -7.71 11.97 -43.21
CA THR D 119 -7.00 10.69 -43.48
C THR D 119 -6.73 10.00 -42.14
N ASN D 120 -6.13 10.70 -41.17
CA ASN D 120 -5.82 10.16 -39.82
C ASN D 120 -7.12 9.67 -39.17
N GLN D 121 -8.23 10.36 -39.41
CA GLN D 121 -9.55 10.03 -38.80
C GLN D 121 -9.99 8.62 -39.21
N LYS D 122 -9.74 8.22 -40.46
CA LYS D 122 -10.19 6.92 -41.05
C LYS D 122 -9.27 5.80 -40.55
N ILE D 123 -7.95 6.05 -40.62
CA ILE D 123 -6.89 5.27 -39.93
C ILE D 123 -7.35 4.99 -38.49
N MET D 124 -7.62 6.04 -37.71
CA MET D 124 -8.11 5.89 -36.31
C MET D 124 -9.29 4.90 -36.27
N LYS D 125 -10.29 5.12 -37.14
CA LYS D 125 -11.53 4.29 -37.28
C LYS D 125 -11.12 2.84 -37.60
N GLN D 126 -10.43 2.64 -38.72
CA GLN D 126 -9.93 1.32 -39.19
C GLN D 126 -9.22 0.59 -38.03
N VAL D 127 -8.26 1.28 -37.38
CA VAL D 127 -7.39 0.74 -36.30
C VAL D 127 -8.25 0.36 -35.09
N THR D 128 -9.06 1.30 -34.60
CA THR D 128 -9.91 1.06 -33.41
C THR D 128 -10.80 -0.16 -33.61
N LYS D 129 -11.21 -0.43 -34.86
CA LYS D 129 -12.25 -1.44 -35.23
C LYS D 129 -11.72 -2.85 -34.96
N GLU D 130 -10.52 -3.17 -35.44
CA GLU D 130 -9.86 -4.48 -35.23
C GLU D 130 -9.46 -4.60 -33.75
N VAL D 131 -9.07 -3.48 -33.12
CA VAL D 131 -8.59 -3.42 -31.70
C VAL D 131 -9.70 -3.92 -30.76
N VAL D 132 -10.92 -3.37 -30.86
CA VAL D 132 -12.04 -3.65 -29.89
C VAL D 132 -12.68 -5.01 -30.18
N LYS D 133 -12.39 -5.59 -31.35
CA LYS D 133 -12.80 -6.97 -31.70
C LYS D 133 -11.88 -7.96 -30.99
N TYR D 134 -10.55 -7.78 -31.16
CA TYR D 134 -9.50 -8.74 -30.71
C TYR D 134 -9.16 -8.53 -29.23
N SER D 135 -9.15 -7.29 -28.73
CA SER D 135 -8.96 -6.96 -27.29
C SER D 135 -10.16 -6.13 -26.82
N PRO D 136 -11.25 -6.77 -26.36
CA PRO D 136 -12.45 -6.04 -25.96
C PRO D 136 -12.29 -5.16 -24.72
N ASN D 137 -11.36 -5.52 -23.82
CA ASN D 137 -11.28 -4.98 -22.43
C ASN D 137 -10.07 -4.04 -22.25
N CYS D 138 -9.31 -3.79 -23.31
CA CYS D 138 -8.06 -2.97 -23.27
C CYS D 138 -8.39 -1.53 -22.86
N TYR D 139 -7.32 -0.76 -22.58
CA TYR D 139 -7.28 0.71 -22.41
C TYR D 139 -6.54 1.23 -23.63
N ILE D 140 -6.86 2.43 -24.13
CA ILE D 140 -6.24 2.97 -25.38
C ILE D 140 -5.58 4.30 -25.10
N ILE D 141 -4.35 4.47 -25.59
CA ILE D 141 -3.61 5.74 -25.45
C ILE D 141 -3.26 6.18 -26.87
N VAL D 142 -3.74 7.37 -27.26
CA VAL D 142 -3.62 7.94 -28.63
C VAL D 142 -2.59 9.06 -28.61
N LEU D 143 -1.69 9.06 -29.60
CA LEU D 143 -0.58 10.04 -29.80
C LEU D 143 -0.81 10.82 -31.11
N THR D 144 -1.42 10.19 -32.10
CA THR D 144 -1.61 10.72 -33.49
C THR D 144 -2.27 12.11 -33.43
N ASN D 145 -1.62 13.13 -34.02
CA ASN D 145 -2.07 14.55 -34.02
C ASN D 145 -3.10 14.79 -35.12
N PRO D 146 -4.08 15.72 -34.94
CA PRO D 146 -4.38 16.36 -33.65
C PRO D 146 -5.04 15.40 -32.64
N VAL D 147 -4.40 15.24 -31.47
CA VAL D 147 -4.71 14.14 -30.51
C VAL D 147 -6.14 14.33 -30.00
N ASP D 148 -6.57 15.57 -29.75
CA ASP D 148 -7.96 15.87 -29.28
C ASP D 148 -8.98 15.30 -30.29
N ALA D 149 -8.73 15.46 -31.59
CA ALA D 149 -9.64 14.96 -32.65
C ALA D 149 -9.54 13.44 -32.74
N MET D 150 -8.31 12.91 -32.85
CA MET D 150 -8.04 11.46 -33.03
C MET D 150 -8.60 10.67 -31.84
N THR D 151 -8.35 11.13 -30.61
CA THR D 151 -8.76 10.42 -29.36
C THR D 151 -10.30 10.34 -29.35
N TYR D 152 -10.97 11.37 -29.89
CA TYR D 152 -12.47 11.44 -29.98
C TYR D 152 -12.96 10.32 -30.89
N THR D 153 -12.41 10.22 -32.10
CA THR D 153 -12.70 9.16 -33.10
C THR D 153 -12.60 7.79 -32.42
N VAL D 154 -11.41 7.47 -31.87
CA VAL D 154 -11.10 6.17 -31.22
C VAL D 154 -12.18 5.92 -30.18
N PHE D 155 -12.47 6.95 -29.38
CA PHE D 155 -13.49 6.88 -28.30
C PHE D 155 -14.84 6.49 -28.91
N LYS D 156 -15.20 7.07 -30.06
CA LYS D 156 -16.54 6.87 -30.67
C LYS D 156 -16.63 5.46 -31.27
N GLU D 157 -15.65 5.07 -32.09
CA GLU D 157 -15.62 3.75 -32.80
C GLU D 157 -15.54 2.61 -31.78
N SER D 158 -14.98 2.85 -30.59
CA SER D 158 -14.65 1.80 -29.58
C SER D 158 -15.90 1.38 -28.78
N GLY D 159 -16.77 2.33 -28.44
CA GLY D 159 -17.93 2.06 -27.56
C GLY D 159 -17.51 1.79 -26.13
N PHE D 160 -16.25 2.08 -25.78
CA PHE D 160 -15.71 1.92 -24.39
C PHE D 160 -16.13 3.13 -23.57
N PRO D 161 -16.26 3.01 -22.23
CA PRO D 161 -16.50 4.18 -21.38
C PRO D 161 -15.31 5.15 -21.42
N LYS D 162 -15.51 6.37 -20.90
CA LYS D 162 -14.60 7.55 -21.00
C LYS D 162 -13.22 7.20 -20.39
N ASN D 163 -13.22 6.52 -19.24
CA ASN D 163 -12.02 6.18 -18.45
C ASN D 163 -11.01 5.40 -19.30
N ARG D 164 -11.48 4.69 -20.34
CA ARG D 164 -10.68 3.66 -21.06
C ARG D 164 -10.09 4.24 -22.34
N VAL D 165 -10.20 5.54 -22.58
CA VAL D 165 -9.64 6.15 -23.81
C VAL D 165 -9.10 7.53 -23.49
N ILE D 166 -7.81 7.71 -23.83
CA ILE D 166 -6.90 8.80 -23.37
C ILE D 166 -5.98 9.18 -24.53
N GLY D 167 -5.65 10.46 -24.65
CA GLY D 167 -4.59 10.93 -25.54
C GLY D 167 -3.43 11.48 -24.74
N GLN D 168 -2.29 11.62 -25.39
CA GLN D 168 -1.02 12.19 -24.85
C GLN D 168 -0.83 13.59 -25.41
N SER D 169 -0.62 14.58 -24.53
CA SER D 169 -0.22 15.96 -24.92
C SER D 169 0.51 16.69 -23.79
N GLY D 170 -0.11 16.86 -22.62
CA GLY D 170 0.45 17.73 -21.55
C GLY D 170 1.80 17.24 -21.00
N VAL D 171 1.98 15.92 -20.87
CA VAL D 171 3.22 15.26 -20.33
C VAL D 171 4.42 15.71 -21.17
N LEU D 172 4.26 15.71 -22.49
CA LEU D 172 5.30 16.10 -23.46
C LEU D 172 5.57 17.61 -23.38
N ASP D 173 4.53 18.40 -23.15
CA ASP D 173 4.67 19.88 -23.04
C ASP D 173 5.36 20.22 -21.72
N THR D 174 4.92 19.60 -20.61
CA THR D 174 5.57 19.76 -19.28
C THR D 174 7.03 19.34 -19.37
N ALA D 175 7.35 18.29 -20.15
CA ALA D 175 8.70 17.73 -20.28
C ALA D 175 9.63 18.73 -20.96
N ARG D 176 9.11 19.46 -21.93
CA ARG D 176 9.86 20.53 -22.64
C ARG D 176 10.08 21.69 -21.66
N PHE D 177 8.99 22.17 -21.07
CA PHE D 177 8.98 23.25 -20.05
C PHE D 177 10.05 22.96 -19.00
N ARG D 178 9.98 21.76 -18.41
CA ARG D 178 10.90 21.33 -17.33
C ARG D 178 12.33 21.34 -17.84
N THR D 179 12.56 20.91 -19.08
CA THR D 179 13.92 20.89 -19.67
C THR D 179 14.48 22.31 -19.75
N PHE D 180 13.67 23.29 -20.16
CA PHE D 180 14.12 24.70 -20.38
C PHE D 180 14.33 25.36 -19.01
N VAL D 181 13.39 25.17 -18.09
CA VAL D 181 13.52 25.70 -16.70
C VAL D 181 14.81 25.14 -16.10
N ALA D 182 15.07 23.83 -16.26
CA ALA D 182 16.25 23.16 -15.67
C ALA D 182 17.56 23.80 -16.17
N GLU D 183 17.64 24.06 -17.48
CA GLU D 183 18.79 24.75 -18.14
C GLU D 183 18.88 26.19 -17.62
N GLU D 184 17.76 26.93 -17.64
CA GLU D 184 17.69 28.32 -17.10
C GLU D 184 18.24 28.35 -15.66
N LEU D 185 17.86 27.42 -14.78
CA LEU D 185 18.28 27.50 -13.34
C LEU D 185 19.54 26.68 -13.03
N ASN D 186 20.07 25.95 -14.01
CA ASN D 186 21.14 24.94 -13.82
C ASN D 186 20.79 23.98 -12.65
N ILE D 187 19.60 23.38 -12.64
CA ILE D 187 19.20 22.35 -11.64
C ILE D 187 18.72 21.07 -12.36
N SER D 188 18.74 19.95 -11.64
CA SER D 188 18.11 18.66 -12.05
C SER D 188 16.70 18.91 -12.54
N VAL D 189 16.31 18.27 -13.65
CA VAL D 189 14.91 18.18 -14.18
C VAL D 189 13.98 17.53 -13.15
N LYS D 190 14.51 16.71 -12.24
CA LYS D 190 13.68 15.98 -11.25
C LYS D 190 12.94 16.97 -10.35
N ASP D 191 13.51 18.14 -10.06
CA ASP D 191 12.94 19.06 -9.05
C ASP D 191 12.20 20.21 -9.76
N VAL D 192 11.95 20.12 -11.07
CA VAL D 192 11.15 21.14 -11.81
C VAL D 192 9.76 20.57 -12.08
N THR D 193 8.73 21.33 -11.73
CA THR D 193 7.32 21.04 -12.11
C THR D 193 6.87 22.03 -13.18
N GLY D 194 6.02 21.55 -14.07
CA GLY D 194 5.28 22.34 -15.06
C GLY D 194 3.82 22.00 -14.92
N PHE D 195 2.94 22.87 -15.39
CA PHE D 195 1.48 22.67 -15.31
C PHE D 195 0.84 23.23 -16.57
N VAL D 196 0.19 22.37 -17.36
CA VAL D 196 -0.43 22.77 -18.66
C VAL D 196 -1.82 22.15 -18.77
N LEU D 197 -2.81 22.97 -19.12
CA LEU D 197 -4.13 22.55 -19.68
C LEU D 197 -4.08 22.69 -21.21
N GLY D 198 -5.05 22.13 -21.90
CA GLY D 198 -5.17 22.21 -23.37
C GLY D 198 -4.01 21.51 -24.07
N GLY D 199 -3.74 21.90 -25.33
CA GLY D 199 -2.89 21.17 -26.27
C GLY D 199 -1.66 21.95 -26.66
N HIS D 200 -1.07 21.63 -27.81
CA HIS D 200 0.23 22.20 -28.28
C HIS D 200 -0.02 23.60 -28.86
N GLY D 201 1.04 24.27 -29.30
CA GLY D 201 1.01 25.56 -30.01
C GLY D 201 0.39 26.65 -29.17
N ASP D 202 -0.55 27.40 -29.74
CA ASP D 202 -1.25 28.51 -29.03
C ASP D 202 -2.48 27.98 -28.29
N ASP D 203 -2.79 26.69 -28.35
CA ASP D 203 -3.87 26.06 -27.51
C ASP D 203 -3.33 25.77 -26.10
N MET D 204 -2.01 25.79 -25.92
CA MET D 204 -1.39 25.52 -24.58
C MET D 204 -1.80 26.65 -23.64
N VAL D 205 -2.34 26.25 -22.48
CA VAL D 205 -2.70 27.13 -21.33
C VAL D 205 -1.80 26.78 -20.15
N PRO D 206 -0.54 27.26 -20.08
CA PRO D 206 0.31 27.00 -18.93
C PRO D 206 -0.07 27.89 -17.74
N LEU D 207 -0.05 27.30 -16.54
CA LEU D 207 -0.15 28.02 -15.24
C LEU D 207 1.22 28.04 -14.59
N VAL D 208 2.04 29.07 -14.90
CA VAL D 208 3.39 29.24 -14.29
C VAL D 208 3.27 29.28 -12.77
N ARG D 209 2.21 29.89 -12.24
CA ARG D 209 1.94 30.03 -10.78
C ARG D 209 1.84 28.66 -10.12
N TYR D 210 1.52 27.60 -10.87
CA TYR D 210 1.47 26.18 -10.40
C TYR D 210 2.68 25.40 -10.94
N SER D 211 3.78 26.12 -11.18
CA SER D 211 5.07 25.56 -11.63
C SER D 211 6.16 26.02 -10.66
N TYR D 212 7.06 25.10 -10.30
CA TYR D 212 8.00 25.24 -9.17
C TYR D 212 9.33 24.56 -9.46
N ALA D 213 10.39 25.08 -8.84
CA ALA D 213 11.72 24.49 -8.64
C ALA D 213 11.86 24.07 -7.17
N GLY D 214 11.76 22.76 -6.87
CA GLY D 214 11.84 22.22 -5.51
C GLY D 214 10.75 22.77 -4.60
N GLY D 215 9.56 23.04 -5.14
CA GLY D 215 8.42 23.58 -4.38
C GLY D 215 8.37 25.12 -4.38
N ILE D 216 9.44 25.79 -4.81
CA ILE D 216 9.51 27.27 -4.92
C ILE D 216 8.93 27.68 -6.28
N PRO D 217 7.93 28.61 -6.30
CA PRO D 217 7.34 29.07 -7.56
C PRO D 217 8.38 29.71 -8.49
N LEU D 218 8.28 29.46 -9.80
CA LEU D 218 9.26 29.95 -10.80
C LEU D 218 9.18 31.48 -10.98
N GLU D 219 8.03 32.09 -10.66
CA GLU D 219 7.84 33.56 -10.69
C GLU D 219 8.91 34.19 -9.78
N LYS D 220 9.21 33.55 -8.66
CA LYS D 220 10.15 34.04 -7.62
C LYS D 220 11.61 33.70 -7.99
N LEU D 221 11.87 32.94 -9.07
CA LEU D 221 13.23 32.41 -9.39
C LEU D 221 13.71 32.85 -10.78
N ILE D 222 12.80 33.05 -11.73
CA ILE D 222 13.11 33.39 -13.16
C ILE D 222 12.38 34.68 -13.53
N PRO D 223 13.09 35.72 -13.99
CA PRO D 223 12.46 36.99 -14.37
C PRO D 223 11.33 36.85 -15.41
N LYS D 224 10.41 37.81 -15.41
CA LYS D 224 9.20 37.84 -16.27
C LYS D 224 9.57 37.58 -17.74
N ASP D 225 10.56 38.30 -18.26
CA ASP D 225 10.98 38.23 -19.69
C ASP D 225 11.45 36.79 -20.00
N ARG D 226 12.37 36.24 -19.20
CA ARG D 226 13.03 34.94 -19.47
C ARG D 226 12.03 33.78 -19.28
N LEU D 227 11.00 33.98 -18.44
CA LEU D 227 9.94 32.97 -18.17
C LEU D 227 8.92 32.99 -19.31
N ASP D 228 8.64 34.17 -19.88
CA ASP D 228 7.75 34.37 -21.04
C ASP D 228 8.32 33.62 -22.26
N ALA D 229 9.65 33.65 -22.45
CA ALA D 229 10.37 33.04 -23.61
C ALA D 229 10.42 31.50 -23.50
N ILE D 230 10.58 30.95 -22.28
CA ILE D 230 10.53 29.49 -21.99
C ILE D 230 9.16 28.92 -22.34
N VAL D 231 8.10 29.66 -22.00
CA VAL D 231 6.68 29.31 -22.29
C VAL D 231 6.47 29.34 -23.81
N GLU D 232 7.02 30.36 -24.47
CA GLU D 232 6.89 30.54 -25.94
C GLU D 232 7.64 29.37 -26.60
N ARG D 233 8.81 29.02 -26.06
CA ARG D 233 9.62 27.87 -26.57
C ARG D 233 8.87 26.55 -26.36
N THR D 234 8.05 26.44 -25.30
CA THR D 234 7.20 25.24 -25.03
C THR D 234 6.05 25.21 -26.05
N ARG D 235 5.45 26.37 -26.35
CA ARG D 235 4.39 26.47 -27.41
C ARG D 235 4.98 25.95 -28.73
N LYS D 236 6.25 26.28 -29.02
CA LYS D 236 6.93 26.04 -30.33
C LYS D 236 7.91 24.86 -30.25
N GLY D 237 7.70 23.93 -29.31
CA GLY D 237 8.66 22.86 -28.97
C GLY D 237 8.70 21.80 -30.05
N GLY D 238 7.54 21.21 -30.39
CA GLY D 238 7.39 20.36 -31.58
C GLY D 238 8.15 20.96 -32.76
N GLY D 239 7.73 22.14 -33.21
CA GLY D 239 8.26 22.80 -34.41
C GLY D 239 9.77 22.90 -34.39
N GLU D 240 10.36 23.19 -33.24
CA GLU D 240 11.83 23.36 -33.08
C GLU D 240 12.57 22.07 -33.47
N ILE D 241 11.99 20.90 -33.20
CA ILE D 241 12.60 19.57 -33.50
C ILE D 241 12.40 19.31 -35.00
N VAL D 242 11.16 19.40 -35.48
CA VAL D 242 10.79 19.38 -36.93
C VAL D 242 11.84 20.17 -37.72
N ASN D 243 12.05 21.44 -37.37
CA ASN D 243 12.94 22.36 -38.11
C ASN D 243 14.37 21.81 -38.12
N LEU D 244 14.86 21.35 -36.96
CA LEU D 244 16.26 20.86 -36.80
C LEU D 244 16.38 19.50 -37.47
N LEU D 245 15.33 18.67 -37.44
CA LEU D 245 15.37 17.28 -37.97
C LEU D 245 15.39 17.31 -39.51
N GLY D 246 14.91 18.40 -40.14
CA GLY D 246 14.91 18.55 -41.60
C GLY D 246 13.79 17.78 -42.25
N ASN D 247 13.66 16.48 -41.92
CA ASN D 247 12.51 15.62 -42.31
C ASN D 247 11.99 14.90 -41.06
N GLY D 248 10.67 14.94 -40.80
CA GLY D 248 10.00 14.19 -39.71
C GLY D 248 9.97 14.93 -38.36
N SER D 249 9.10 14.48 -37.45
CA SER D 249 8.83 15.09 -36.11
C SER D 249 9.61 14.37 -34.97
N ALA D 250 9.30 14.72 -33.72
CA ALA D 250 10.01 14.25 -32.51
C ALA D 250 9.49 12.85 -32.14
N TYR D 251 10.33 12.05 -31.49
CA TYR D 251 9.96 10.68 -31.05
C TYR D 251 10.49 10.33 -29.64
N TYR D 252 11.74 10.64 -29.30
CA TYR D 252 12.34 10.22 -28.00
C TYR D 252 11.41 10.67 -26.88
N ALA D 253 11.19 11.99 -26.75
CA ALA D 253 10.37 12.59 -25.68
C ALA D 253 8.91 12.17 -25.80
N PRO D 254 8.29 12.14 -27.00
CA PRO D 254 6.93 11.62 -27.13
C PRO D 254 6.77 10.15 -26.73
N ALA D 255 7.72 9.29 -27.11
CA ALA D 255 7.72 7.86 -26.70
C ALA D 255 7.77 7.83 -25.17
N ALA D 256 8.70 8.58 -24.58
CA ALA D 256 8.89 8.66 -23.11
C ALA D 256 7.58 9.05 -22.46
N SER D 257 6.90 10.04 -23.04
CA SER D 257 5.60 10.58 -22.54
C SER D 257 4.53 9.48 -22.54
N LEU D 258 4.50 8.62 -23.56
CA LEU D 258 3.49 7.53 -23.65
C LEU D 258 3.76 6.47 -22.57
N VAL D 259 5.04 6.10 -22.40
CA VAL D 259 5.46 5.04 -21.43
C VAL D 259 5.08 5.48 -20.02
N GLU D 260 5.24 6.76 -19.65
CA GLU D 260 4.84 7.27 -18.31
C GLU D 260 3.35 6.99 -18.11
N MET D 261 2.52 7.23 -19.13
CA MET D 261 1.06 7.01 -19.04
C MET D 261 0.76 5.51 -19.03
N VAL D 262 1.45 4.69 -19.83
CA VAL D 262 1.25 3.21 -19.81
C VAL D 262 1.59 2.70 -18.41
N GLU D 263 2.71 3.16 -17.84
CA GLU D 263 3.22 2.68 -16.52
C GLU D 263 2.16 3.01 -15.47
N ALA D 264 1.60 4.22 -15.48
CA ALA D 264 0.63 4.67 -14.46
C ALA D 264 -0.59 3.73 -14.46
N ILE D 265 -0.90 3.14 -15.62
CA ILE D 265 -2.10 2.25 -15.81
C ILE D 265 -1.67 0.81 -15.50
N LEU D 266 -0.66 0.28 -16.17
CA LEU D 266 -0.23 -1.13 -15.93
C LEU D 266 0.07 -1.34 -14.43
N LYS D 267 0.58 -0.34 -13.71
CA LYS D 267 1.03 -0.49 -12.28
C LYS D 267 0.06 0.20 -11.32
N ASP D 268 -1.06 0.72 -11.83
CA ASP D 268 -2.10 1.37 -11.00
C ASP D 268 -1.43 2.37 -10.03
N GLN D 269 -0.62 3.30 -10.55
CA GLN D 269 0.17 4.26 -9.73
C GLN D 269 -0.68 5.42 -9.23
N ARG D 270 -1.80 5.77 -9.90
CA ARG D 270 -2.66 6.91 -9.48
C ARG D 270 -1.81 8.17 -9.52
N ARG D 271 -1.08 8.32 -10.60
CA ARG D 271 -0.31 9.55 -10.95
C ARG D 271 -1.32 10.69 -11.17
N ILE D 272 -0.97 11.92 -10.77
CA ILE D 272 -1.61 13.16 -11.28
C ILE D 272 -0.84 13.57 -12.54
N LEU D 273 -1.38 13.28 -13.73
CA LEU D 273 -0.74 13.64 -15.03
C LEU D 273 -1.73 14.44 -15.89
N PRO D 274 -1.27 15.44 -16.66
CA PRO D 274 -2.13 16.04 -17.69
C PRO D 274 -2.41 15.03 -18.81
N ALA D 275 -3.67 14.87 -19.21
CA ALA D 275 -4.08 13.98 -20.32
C ALA D 275 -5.28 14.55 -21.09
N ILE D 276 -5.28 14.32 -22.41
CA ILE D 276 -6.47 14.49 -23.29
C ILE D 276 -7.54 13.49 -22.80
N ALA D 277 -8.57 14.00 -22.11
CA ALA D 277 -9.71 13.23 -21.57
C ALA D 277 -11.03 13.85 -22.03
N TYR D 278 -12.10 13.05 -21.95
CA TYR D 278 -13.51 13.41 -22.27
C TYR D 278 -14.15 14.13 -21.08
N LEU D 279 -14.62 15.37 -21.29
CA LEU D 279 -15.27 16.19 -20.23
C LEU D 279 -16.79 16.02 -20.29
N GLU D 280 -17.45 16.11 -19.13
CA GLU D 280 -18.93 15.99 -18.96
C GLU D 280 -19.36 16.87 -17.77
N GLY D 281 -19.00 18.16 -17.81
CA GLY D 281 -19.31 19.14 -16.76
C GLY D 281 -18.07 19.90 -16.29
N GLU D 282 -16.89 19.32 -16.50
CA GLU D 282 -15.61 19.82 -15.94
C GLU D 282 -15.13 21.06 -16.70
N TYR D 283 -14.82 22.14 -15.98
CA TYR D 283 -14.37 23.44 -16.55
C TYR D 283 -15.50 24.11 -17.35
N GLY D 284 -16.75 23.65 -17.16
CA GLY D 284 -17.97 24.19 -17.79
C GLY D 284 -18.24 23.59 -19.16
N TYR D 285 -17.25 22.96 -19.78
CA TYR D 285 -17.35 22.34 -21.13
C TYR D 285 -17.83 20.89 -20.98
N GLU D 286 -18.31 20.29 -22.08
CA GLU D 286 -18.93 18.93 -22.09
C GLU D 286 -18.96 18.41 -23.53
N GLY D 287 -18.88 17.09 -23.69
CA GLY D 287 -18.78 16.39 -24.98
C GLY D 287 -17.54 16.77 -25.77
N ILE D 288 -16.43 17.13 -25.12
CA ILE D 288 -15.11 17.37 -25.80
C ILE D 288 -13.98 16.56 -25.15
N TYR D 289 -12.90 16.36 -25.90
CA TYR D 289 -11.57 15.89 -25.42
C TYR D 289 -10.66 17.12 -25.28
N LEU D 290 -10.30 17.45 -24.03
CA LEU D 290 -9.45 18.61 -23.68
C LEU D 290 -8.28 18.13 -22.80
N GLY D 291 -7.14 18.82 -22.91
CA GLY D 291 -6.00 18.70 -21.97
C GLY D 291 -6.42 19.13 -20.58
N VAL D 292 -6.46 18.19 -19.64
CA VAL D 292 -6.84 18.46 -18.22
C VAL D 292 -5.93 17.66 -17.29
N PRO D 293 -5.75 18.09 -16.02
CA PRO D 293 -5.16 17.25 -14.99
C PRO D 293 -6.05 16.04 -14.67
N THR D 294 -5.45 14.85 -14.62
CA THR D 294 -6.13 13.56 -14.35
C THR D 294 -5.35 12.74 -13.30
N ILE D 295 -6.07 11.97 -12.50
CA ILE D 295 -5.59 10.76 -11.79
C ILE D 295 -5.68 9.59 -12.76
N LEU D 296 -4.52 9.11 -13.21
CA LEU D 296 -4.30 7.94 -14.10
C LEU D 296 -3.92 6.72 -13.24
N GLY D 297 -4.69 5.64 -13.32
CA GLY D 297 -4.56 4.45 -12.48
C GLY D 297 -5.03 3.17 -13.17
N GLY D 298 -5.32 2.14 -12.40
CA GLY D 298 -5.78 0.82 -12.88
C GLY D 298 -6.99 0.91 -13.81
N ASN D 299 -7.87 1.89 -13.61
CA ASN D 299 -9.08 2.13 -14.45
C ASN D 299 -8.83 3.27 -15.45
N GLY D 300 -7.68 3.35 -16.08
CA GLY D 300 -7.31 4.54 -16.87
C GLY D 300 -7.57 5.80 -16.06
N ILE D 301 -8.33 6.77 -16.62
CA ILE D 301 -8.70 8.06 -15.96
C ILE D 301 -9.64 7.76 -14.79
N GLU D 302 -9.17 7.98 -13.56
CA GLU D 302 -9.89 7.67 -12.30
C GLU D 302 -10.78 8.85 -11.92
N LYS D 303 -10.33 10.05 -12.27
CA LYS D 303 -10.98 11.35 -11.98
C LYS D 303 -10.34 12.39 -12.91
N VAL D 304 -11.16 13.32 -13.40
CA VAL D 304 -10.68 14.58 -14.02
C VAL D 304 -10.63 15.60 -12.90
N ILE D 305 -9.50 16.28 -12.72
CA ILE D 305 -9.32 17.26 -11.62
C ILE D 305 -9.73 18.65 -12.13
N GLU D 306 -10.63 19.33 -11.40
CA GLU D 306 -11.09 20.71 -11.70
C GLU D 306 -10.47 21.67 -10.69
N LEU D 307 -9.67 22.65 -11.14
CA LEU D 307 -9.09 23.69 -10.24
C LEU D 307 -9.99 24.93 -10.32
N GLU D 308 -9.86 25.84 -9.34
CA GLU D 308 -10.37 27.23 -9.40
C GLU D 308 -9.48 28.03 -10.34
N LEU D 309 -9.92 28.25 -11.59
CA LEU D 309 -9.18 29.05 -12.61
C LEU D 309 -9.51 30.54 -12.41
N THR D 310 -8.59 31.43 -12.80
CA THR D 310 -8.81 32.89 -12.89
C THR D 310 -9.52 33.17 -14.22
N GLU D 311 -9.86 34.44 -14.51
CA GLU D 311 -10.62 34.82 -15.74
C GLU D 311 -9.67 34.74 -16.95
N GLU D 312 -8.44 35.27 -16.85
CA GLU D 312 -7.47 35.35 -17.98
C GLU D 312 -7.01 33.94 -18.37
N GLU D 313 -7.13 32.97 -17.44
CA GLU D 313 -6.90 31.53 -17.67
C GLU D 313 -8.20 30.88 -18.18
N LYS D 314 -9.35 31.17 -17.55
CA LYS D 314 -10.71 30.73 -17.98
C LYS D 314 -10.93 31.06 -19.46
N ALA D 315 -10.62 32.29 -19.85
CA ALA D 315 -10.77 32.80 -21.23
C ALA D 315 -9.80 32.07 -22.16
N ALA D 316 -8.54 31.93 -21.72
CA ALA D 316 -7.46 31.23 -22.45
C ALA D 316 -7.87 29.77 -22.76
N LEU D 317 -8.69 29.15 -21.89
CA LEU D 317 -9.16 27.75 -22.08
C LEU D 317 -10.32 27.73 -23.09
N ALA D 318 -11.23 28.69 -23.00
CA ALA D 318 -12.31 28.94 -24.00
C ALA D 318 -11.68 29.08 -25.41
N LYS D 319 -10.66 29.92 -25.57
CA LYS D 319 -9.88 30.10 -26.83
C LYS D 319 -9.18 28.79 -27.23
N SER D 320 -8.88 27.92 -26.26
CA SER D 320 -8.28 26.58 -26.48
C SER D 320 -9.37 25.58 -26.92
N VAL D 321 -10.53 25.60 -26.25
CA VAL D 321 -11.72 24.79 -26.62
C VAL D 321 -12.12 25.13 -28.07
N GLU D 322 -12.11 26.41 -28.43
CA GLU D 322 -12.65 26.94 -29.71
C GLU D 322 -11.65 26.65 -30.84
N SER D 323 -10.36 26.53 -30.53
CA SER D 323 -9.27 26.25 -31.52
C SER D 323 -9.21 24.76 -31.87
N VAL D 324 -9.78 23.89 -31.00
CA VAL D 324 -9.85 22.41 -31.19
C VAL D 324 -11.03 22.05 -32.12
N LYS D 325 -11.60 23.04 -32.82
CA LYS D 325 -12.70 22.88 -33.81
C LYS D 325 -12.38 23.73 -35.06
N ALA E 22 -34.37 -7.00 56.36
CA ALA E 22 -35.18 -6.20 55.37
C ALA E 22 -34.92 -6.70 53.93
N MET E 23 -35.93 -6.63 53.05
CA MET E 23 -35.84 -7.07 51.63
C MET E 23 -35.23 -5.91 50.86
N LYS E 24 -34.14 -6.17 50.13
CA LYS E 24 -33.36 -5.14 49.41
C LYS E 24 -33.33 -5.54 47.93
N ARG E 25 -33.57 -4.56 47.05
CA ARG E 25 -33.31 -4.71 45.60
C ARG E 25 -31.85 -5.11 45.40
N LYS E 26 -31.64 -6.04 44.46
CA LYS E 26 -30.29 -6.33 43.91
C LYS E 26 -29.72 -5.04 43.33
N LYS E 27 -28.40 -4.89 43.39
CA LYS E 27 -27.70 -3.70 42.83
C LYS E 27 -26.76 -4.16 41.72
N ILE E 28 -26.95 -3.62 40.51
CA ILE E 28 -26.06 -3.96 39.37
C ILE E 28 -25.36 -2.68 38.97
N SER E 29 -24.03 -2.74 38.84
CA SER E 29 -23.20 -1.61 38.32
C SER E 29 -22.74 -1.97 36.90
N VAL E 30 -23.04 -1.10 35.95
CA VAL E 30 -22.57 -1.23 34.55
C VAL E 30 -21.45 -0.22 34.34
N ILE E 31 -20.23 -0.72 34.09
CA ILE E 31 -19.02 0.12 33.91
C ILE E 31 -18.82 0.35 32.41
N GLY E 32 -18.88 1.62 32.03
CA GLY E 32 -18.87 2.06 30.64
C GLY E 32 -20.30 2.24 30.16
N ALA E 33 -20.65 3.47 29.82
CA ALA E 33 -22.01 3.95 29.48
C ALA E 33 -22.04 4.29 28.00
N GLY E 34 -21.33 3.52 27.19
CA GLY E 34 -21.49 3.57 25.73
C GLY E 34 -22.65 2.73 25.28
N PHE E 35 -22.67 2.38 24.01
CA PHE E 35 -23.83 1.76 23.32
C PHE E 35 -24.25 0.49 24.07
N THR E 36 -23.31 -0.40 24.38
CA THR E 36 -23.56 -1.72 24.99
C THR E 36 -23.94 -1.56 26.46
N GLY E 37 -23.23 -0.70 27.19
CA GLY E 37 -23.44 -0.45 28.63
C GLY E 37 -24.81 0.15 28.88
N ALA E 38 -25.15 1.18 28.10
CA ALA E 38 -26.44 1.90 28.16
C ALA E 38 -27.58 0.90 27.87
N THR E 39 -27.48 0.16 26.76
CA THR E 39 -28.48 -0.84 26.28
C THR E 39 -28.68 -1.93 27.33
N THR E 40 -27.59 -2.45 27.89
CA THR E 40 -27.58 -3.37 29.03
C THR E 40 -28.35 -2.76 30.22
N ALA E 41 -28.07 -1.50 30.54
CA ALA E 41 -28.67 -0.83 31.73
C ALA E 41 -30.20 -0.86 31.59
N PHE E 42 -30.71 -0.51 30.41
CA PHE E 42 -32.15 -0.33 30.11
C PHE E 42 -32.86 -1.68 30.23
N LEU E 43 -32.32 -2.74 29.61
CA LEU E 43 -32.81 -4.14 29.74
C LEU E 43 -32.87 -4.58 31.21
N LEU E 44 -31.84 -4.28 31.99
CA LEU E 44 -31.79 -4.74 33.41
C LEU E 44 -32.92 -4.07 34.19
N ALA E 45 -33.14 -2.78 33.97
CA ALA E 45 -34.11 -1.96 34.71
C ALA E 45 -35.55 -2.38 34.29
N GLN E 46 -35.79 -2.49 32.99
CA GLN E 46 -37.05 -2.95 32.35
C GLN E 46 -37.55 -4.26 32.97
N LYS E 47 -36.63 -5.18 33.20
CA LYS E 47 -36.89 -6.54 33.70
C LYS E 47 -36.92 -6.54 35.23
N GLU E 48 -36.69 -5.38 35.85
CA GLU E 48 -36.71 -5.20 37.33
C GLU E 48 -35.72 -6.17 37.97
N LEU E 49 -34.55 -6.36 37.37
CA LEU E 49 -33.55 -7.29 37.95
C LEU E 49 -32.84 -6.62 39.12
N GLY E 50 -32.81 -5.27 39.17
CA GLY E 50 -32.30 -4.52 40.34
C GLY E 50 -32.21 -3.03 40.08
N ASP E 51 -31.63 -2.28 41.01
CA ASP E 51 -31.22 -0.87 40.76
C ASP E 51 -29.93 -0.92 39.91
N VAL E 52 -29.80 0.03 39.01
CA VAL E 52 -28.64 0.07 38.08
C VAL E 52 -27.83 1.33 38.38
N VAL E 53 -26.51 1.18 38.50
CA VAL E 53 -25.53 2.30 38.48
C VAL E 53 -24.70 2.21 37.19
N LEU E 54 -24.79 3.27 36.40
CA LEU E 54 -24.10 3.43 35.10
C LEU E 54 -22.84 4.27 35.38
N VAL E 55 -21.65 3.72 35.15
CA VAL E 55 -20.36 4.37 35.52
C VAL E 55 -19.58 4.68 34.24
N ASP E 56 -19.06 5.91 34.13
CA ASP E 56 -18.07 6.26 33.07
C ASP E 56 -17.03 7.24 33.65
N ILE E 57 -16.13 7.69 32.78
CA ILE E 57 -15.01 8.62 33.09
C ILE E 57 -15.63 9.98 33.39
N PRO E 58 -15.04 10.72 34.38
CA PRO E 58 -15.52 12.04 34.77
C PRO E 58 -15.86 12.97 33.60
N GLN E 59 -15.17 12.82 32.47
CA GLN E 59 -15.30 13.68 31.26
C GLN E 59 -16.68 13.44 30.63
N LEU E 60 -17.25 12.24 30.83
CA LEU E 60 -18.57 11.88 30.27
C LEU E 60 -19.62 11.73 31.39
N GLU E 61 -19.54 12.53 32.46
CA GLU E 61 -20.46 12.41 33.64
C GLU E 61 -21.86 12.89 33.22
N ASN E 62 -21.94 14.05 32.59
CA ASN E 62 -23.20 14.67 32.14
C ASN E 62 -23.91 13.73 31.15
N PRO E 63 -23.26 13.31 30.04
CA PRO E 63 -23.85 12.29 29.16
C PRO E 63 -24.28 10.99 29.87
N THR E 64 -23.46 10.42 30.78
CA THR E 64 -23.82 9.24 31.59
C THR E 64 -25.11 9.53 32.39
N LYS E 65 -25.20 10.67 33.08
CA LYS E 65 -26.39 11.10 33.86
C LYS E 65 -27.58 11.36 32.95
N GLY E 66 -27.36 11.86 31.74
CA GLY E 66 -28.44 12.10 30.78
C GLY E 66 -29.10 10.80 30.32
N LYS E 67 -28.29 9.76 30.05
CA LYS E 67 -28.80 8.45 29.60
C LYS E 67 -29.56 7.81 30.77
N ALA E 68 -28.94 7.79 31.95
CA ALA E 68 -29.49 7.20 33.17
C ALA E 68 -30.87 7.83 33.42
N LEU E 69 -30.97 9.15 33.33
CA LEU E 69 -32.20 9.93 33.62
C LEU E 69 -33.24 9.68 32.52
N ASP E 70 -32.84 9.63 31.26
CA ASP E 70 -33.74 9.33 30.11
C ASP E 70 -34.40 7.96 30.35
N MET E 71 -33.61 6.94 30.70
CA MET E 71 -34.10 5.58 31.02
C MET E 71 -35.09 5.65 32.20
N LEU E 72 -34.80 6.42 33.25
CA LEU E 72 -35.60 6.41 34.50
C LEU E 72 -36.94 7.06 34.22
N GLU E 73 -36.97 8.04 33.31
CA GLU E 73 -38.20 8.73 32.85
C GLU E 73 -39.09 7.79 32.01
N ALA E 74 -38.61 6.60 31.63
CA ALA E 74 -39.38 5.60 30.84
C ALA E 74 -40.12 4.65 31.79
N SER E 75 -39.61 4.53 33.02
CA SER E 75 -40.05 3.63 34.10
C SER E 75 -41.56 3.78 34.36
N PRO E 76 -42.17 4.99 34.44
CA PRO E 76 -43.61 5.09 34.64
C PRO E 76 -44.39 4.53 33.44
N VAL E 77 -43.87 4.75 32.22
CA VAL E 77 -44.55 4.35 30.97
C VAL E 77 -44.44 2.82 30.77
N LEU E 78 -43.27 2.20 30.98
CA LEU E 78 -43.12 0.74 30.81
C LEU E 78 -43.57 0.03 32.09
N GLY E 79 -43.71 0.77 33.19
CA GLY E 79 -44.21 0.21 34.46
C GLY E 79 -43.20 -0.72 35.11
N PHE E 80 -41.96 -0.26 35.28
CA PHE E 80 -40.94 -0.95 36.12
C PHE E 80 -40.55 0.00 37.25
N ASP E 81 -40.32 -0.56 38.43
CA ASP E 81 -39.72 0.11 39.62
C ASP E 81 -38.24 -0.21 39.64
N ALA E 82 -37.39 0.70 39.19
CA ALA E 82 -35.92 0.53 39.28
C ALA E 82 -35.30 1.90 39.33
N ASN E 83 -34.39 2.11 40.28
CA ASN E 83 -33.47 3.28 40.30
C ASN E 83 -32.41 3.02 39.22
N ILE E 84 -32.18 4.04 38.42
CA ILE E 84 -31.02 4.14 37.51
C ILE E 84 -30.33 5.48 37.81
N ILE E 85 -29.04 5.45 38.11
CA ILE E 85 -28.20 6.68 38.27
C ILE E 85 -26.96 6.55 37.39
N GLY E 86 -26.48 7.71 36.93
CA GLY E 86 -25.19 7.87 36.25
C GLY E 86 -24.18 8.48 37.20
N THR E 87 -22.94 7.99 37.19
CA THR E 87 -21.88 8.51 38.08
C THR E 87 -20.51 8.38 37.39
N SER E 88 -19.54 9.15 37.88
CA SER E 88 -18.09 8.90 37.66
C SER E 88 -17.45 8.43 38.98
N ASP E 89 -18.23 8.25 40.07
CA ASP E 89 -17.69 7.98 41.43
C ASP E 89 -18.08 6.56 41.88
N TYR E 90 -17.10 5.73 42.21
CA TYR E 90 -17.32 4.30 42.47
C TYR E 90 -17.96 4.07 43.84
N ALA E 91 -17.95 5.08 44.72
CA ALA E 91 -18.70 5.06 45.99
C ALA E 91 -20.17 4.68 45.72
N ASP E 92 -20.74 5.18 44.61
CA ASP E 92 -22.15 4.96 44.20
C ASP E 92 -22.36 3.48 43.76
N THR E 93 -21.30 2.69 43.56
CA THR E 93 -21.34 1.25 43.22
C THR E 93 -21.18 0.36 44.46
N ALA E 94 -21.13 0.94 45.65
CA ALA E 94 -20.88 0.16 46.90
C ALA E 94 -21.92 -0.97 47.02
N ASP E 95 -21.43 -2.18 47.30
CA ASP E 95 -22.27 -3.38 47.60
C ASP E 95 -23.18 -3.66 46.40
N SER E 96 -22.63 -3.52 45.18
CA SER E 96 -23.24 -4.06 43.94
C SER E 96 -23.20 -5.56 44.08
N ASP E 97 -24.25 -6.27 43.67
CA ASP E 97 -24.25 -7.76 43.64
C ASP E 97 -23.51 -8.23 42.37
N ILE E 98 -23.70 -7.51 41.28
CA ILE E 98 -23.12 -7.88 39.97
C ILE E 98 -22.52 -6.60 39.42
N VAL E 99 -21.36 -6.74 38.80
CA VAL E 99 -20.70 -5.64 38.06
C VAL E 99 -20.44 -6.18 36.67
N VAL E 100 -20.90 -5.44 35.68
CA VAL E 100 -20.77 -5.75 34.22
C VAL E 100 -19.76 -4.74 33.66
N ILE E 101 -18.69 -5.23 33.04
CA ILE E 101 -17.59 -4.35 32.57
C ILE E 101 -17.69 -4.30 31.05
N THR E 102 -18.16 -3.15 30.53
CA THR E 102 -18.18 -2.80 29.09
C THR E 102 -17.15 -1.67 28.83
N ALA E 103 -16.45 -1.20 29.86
CA ALA E 103 -15.38 -0.19 29.72
C ALA E 103 -14.41 -0.65 28.64
N GLY E 104 -14.01 0.29 27.80
CA GLY E 104 -13.17 -0.03 26.64
C GLY E 104 -13.00 1.16 25.75
N ILE E 105 -11.95 1.13 24.94
CA ILE E 105 -11.70 2.13 23.88
C ILE E 105 -12.22 1.53 22.57
N ALA E 106 -12.60 2.37 21.61
CA ALA E 106 -13.04 1.97 20.26
C ALA E 106 -11.84 2.07 19.30
N ARG E 107 -11.67 1.09 18.43
CA ARG E 107 -10.59 1.07 17.40
C ARG E 107 -10.59 2.42 16.65
N LYS E 108 -9.41 3.02 16.50
CA LYS E 108 -9.15 4.24 15.68
C LYS E 108 -8.93 3.80 14.24
N PRO E 109 -8.53 4.71 13.31
CA PRO E 109 -7.95 4.28 12.03
C PRO E 109 -6.66 3.45 12.16
N GLY E 110 -5.61 4.04 12.75
CA GLY E 110 -4.22 3.52 12.70
C GLY E 110 -3.88 2.56 13.84
N MET E 111 -4.76 2.40 14.82
CA MET E 111 -4.48 1.56 16.02
C MET E 111 -4.37 0.08 15.62
N SER E 112 -3.40 -0.62 16.22
CA SER E 112 -3.11 -2.05 15.99
C SER E 112 -3.95 -2.92 16.92
N ARG E 113 -4.04 -4.22 16.66
CA ARG E 113 -4.79 -5.19 17.50
C ARG E 113 -4.15 -5.27 18.90
N ASP E 114 -2.83 -5.04 19.03
CA ASP E 114 -2.08 -5.19 20.31
C ASP E 114 -2.13 -3.89 21.14
N ASP E 115 -2.32 -2.73 20.51
CA ASP E 115 -2.51 -1.44 21.25
C ASP E 115 -3.90 -1.48 21.92
N LEU E 116 -4.85 -2.15 21.28
CA LEU E 116 -6.22 -2.41 21.80
C LEU E 116 -6.11 -3.22 23.11
N VAL E 117 -5.29 -4.27 23.10
CA VAL E 117 -5.14 -5.21 24.25
C VAL E 117 -4.56 -4.43 25.43
N THR E 118 -3.46 -3.72 25.20
CA THR E 118 -2.70 -2.95 26.20
C THR E 118 -3.53 -1.79 26.74
N THR E 119 -4.19 -1.01 25.87
CA THR E 119 -5.05 0.12 26.31
C THR E 119 -6.19 -0.43 27.18
N ASN E 120 -6.82 -1.53 26.76
CA ASN E 120 -8.00 -2.09 27.46
C ASN E 120 -7.55 -2.80 28.75
N GLN E 121 -6.34 -3.37 28.79
CA GLN E 121 -5.72 -3.99 30.00
C GLN E 121 -5.63 -3.00 31.15
N LYS E 122 -5.20 -1.76 30.85
CA LYS E 122 -4.93 -0.69 31.84
C LYS E 122 -6.28 -0.19 32.36
N ILE E 123 -7.27 -0.12 31.47
CA ILE E 123 -8.67 0.21 31.83
C ILE E 123 -9.17 -0.91 32.77
N MET E 124 -8.97 -2.18 32.41
CA MET E 124 -9.47 -3.27 33.29
C MET E 124 -8.87 -3.08 34.68
N LYS E 125 -7.59 -2.68 34.76
CA LYS E 125 -6.82 -2.67 36.04
C LYS E 125 -7.30 -1.51 36.91
N GLN E 126 -7.49 -0.29 36.37
CA GLN E 126 -7.99 0.85 37.17
C GLN E 126 -9.48 0.61 37.57
N VAL E 127 -10.26 -0.08 36.74
CA VAL E 127 -11.72 -0.32 36.99
C VAL E 127 -11.84 -1.33 38.14
N THR E 128 -11.18 -2.47 38.02
CA THR E 128 -11.24 -3.53 39.05
C THR E 128 -10.88 -2.96 40.43
N LYS E 129 -9.85 -2.11 40.54
CA LYS E 129 -9.33 -1.57 41.83
C LYS E 129 -10.44 -0.81 42.55
N GLU E 130 -11.17 0.02 41.80
CA GLU E 130 -12.27 0.83 42.39
C GLU E 130 -13.48 -0.11 42.63
N VAL E 131 -13.68 -1.13 41.79
CA VAL E 131 -14.86 -2.04 41.90
C VAL E 131 -14.75 -2.84 43.22
N VAL E 132 -13.67 -3.62 43.39
CA VAL E 132 -13.51 -4.61 44.50
C VAL E 132 -13.31 -3.90 45.85
N LYS E 133 -12.80 -2.66 45.86
CA LYS E 133 -12.78 -1.82 47.08
C LYS E 133 -14.22 -1.63 47.59
N TYR E 134 -15.18 -1.38 46.69
CA TYR E 134 -16.53 -0.88 47.04
C TYR E 134 -17.54 -2.03 47.09
N SER E 135 -17.34 -3.08 46.28
CA SER E 135 -18.18 -4.31 46.25
C SER E 135 -17.28 -5.53 46.32
N PRO E 136 -16.72 -5.85 47.52
CA PRO E 136 -15.77 -6.95 47.67
C PRO E 136 -16.30 -8.38 47.44
N ASN E 137 -17.64 -8.55 47.42
CA ASN E 137 -18.38 -9.84 47.32
C ASN E 137 -19.09 -9.99 45.96
N CYS E 138 -19.07 -8.93 45.13
CA CYS E 138 -19.83 -8.84 43.86
C CYS E 138 -19.33 -9.91 42.93
N TYR E 139 -20.18 -10.29 41.97
CA TYR E 139 -19.83 -11.16 40.81
C TYR E 139 -19.56 -10.21 39.66
N ILE E 140 -18.60 -10.54 38.77
CA ILE E 140 -18.20 -9.61 37.68
C ILE E 140 -18.35 -10.35 36.36
N ILE E 141 -19.03 -9.70 35.40
CA ILE E 141 -19.13 -10.24 34.02
C ILE E 141 -18.43 -9.25 33.10
N VAL E 142 -17.49 -9.75 32.32
CA VAL E 142 -16.62 -8.87 31.49
C VAL E 142 -17.06 -9.01 30.05
N LEU E 143 -17.28 -7.88 29.37
CA LEU E 143 -17.55 -7.86 27.89
C LEU E 143 -16.32 -7.35 27.07
N THR E 144 -15.60 -6.35 27.57
CA THR E 144 -14.44 -5.70 26.90
C THR E 144 -13.60 -6.73 26.13
N ASN E 145 -13.44 -6.50 24.83
CA ASN E 145 -12.60 -7.35 23.94
C ASN E 145 -11.14 -6.98 24.14
N PRO E 146 -10.20 -7.92 23.91
CA PRO E 146 -10.48 -9.35 23.79
C PRO E 146 -10.77 -9.96 25.18
N VAL E 147 -11.83 -10.78 25.25
CA VAL E 147 -12.60 -11.00 26.50
C VAL E 147 -11.87 -12.06 27.36
N ASP E 148 -11.26 -13.07 26.75
CA ASP E 148 -10.37 -14.06 27.42
C ASP E 148 -9.26 -13.32 28.19
N ALA E 149 -8.61 -12.35 27.58
CA ALA E 149 -7.48 -11.60 28.19
C ALA E 149 -8.01 -10.49 29.09
N MET E 150 -9.11 -9.83 28.72
CA MET E 150 -9.65 -8.76 29.61
C MET E 150 -10.17 -9.41 30.90
N THR E 151 -10.82 -10.55 30.79
CA THR E 151 -11.44 -11.25 31.95
C THR E 151 -10.30 -11.70 32.85
N TYR E 152 -9.23 -12.22 32.24
CA TYR E 152 -7.99 -12.72 32.92
C TYR E 152 -7.40 -11.61 33.77
N THR E 153 -7.22 -10.42 33.19
CA THR E 153 -6.74 -9.20 33.89
C THR E 153 -7.69 -8.90 35.06
N VAL E 154 -9.01 -8.92 34.80
CA VAL E 154 -10.00 -8.59 35.87
C VAL E 154 -9.82 -9.60 37.00
N PHE E 155 -9.74 -10.90 36.68
CA PHE E 155 -9.48 -11.94 37.71
C PHE E 155 -8.27 -11.54 38.55
N LYS E 156 -7.05 -11.54 37.95
CA LYS E 156 -5.77 -11.26 38.66
C LYS E 156 -5.88 -9.99 39.49
N GLU E 157 -6.43 -8.91 38.94
CA GLU E 157 -6.52 -7.62 39.68
C GLU E 157 -7.49 -7.75 40.86
N SER E 158 -8.60 -8.49 40.72
CA SER E 158 -9.66 -8.61 41.76
C SER E 158 -9.10 -9.39 42.96
N GLY E 159 -8.31 -10.43 42.67
CA GLY E 159 -7.92 -11.50 43.60
C GLY E 159 -9.02 -12.55 43.75
N PHE E 160 -10.29 -12.14 43.69
CA PHE E 160 -11.52 -12.97 43.82
C PHE E 160 -11.29 -14.39 43.35
N PRO E 161 -12.00 -15.39 43.92
CA PRO E 161 -11.94 -16.76 43.43
C PRO E 161 -12.47 -16.76 41.98
N LYS E 162 -12.23 -17.88 41.26
CA LYS E 162 -12.50 -18.12 39.82
C LYS E 162 -14.01 -18.05 39.48
N ASN E 163 -14.88 -18.47 40.39
CA ASN E 163 -16.34 -18.61 40.14
C ASN E 163 -16.97 -17.22 39.99
N ARG E 164 -16.35 -16.17 40.56
CA ARG E 164 -16.90 -14.79 40.66
C ARG E 164 -16.46 -13.89 39.51
N VAL E 165 -15.63 -14.37 38.58
CA VAL E 165 -15.17 -13.53 37.44
C VAL E 165 -15.32 -14.35 36.17
N ILE E 166 -16.13 -13.82 35.25
CA ILE E 166 -16.73 -14.50 34.06
C ILE E 166 -16.64 -13.49 32.93
N GLY E 167 -16.44 -13.94 31.69
CA GLY E 167 -16.57 -13.08 30.52
C GLY E 167 -17.63 -13.63 29.58
N GLN E 168 -18.25 -12.76 28.79
CA GLN E 168 -19.27 -13.14 27.78
C GLN E 168 -18.56 -13.39 26.43
N SER E 169 -18.99 -14.42 25.70
CA SER E 169 -18.62 -14.63 24.29
C SER E 169 -19.58 -15.59 23.60
N GLY E 170 -19.72 -16.83 24.09
CA GLY E 170 -20.46 -17.88 23.35
C GLY E 170 -21.96 -17.61 23.21
N VAL E 171 -22.59 -16.96 24.20
CA VAL E 171 -24.05 -16.61 24.11
C VAL E 171 -24.27 -15.75 22.86
N LEU E 172 -23.46 -14.71 22.63
CA LEU E 172 -23.58 -13.81 21.44
C LEU E 172 -23.38 -14.62 20.15
N ASP E 173 -22.34 -15.46 20.08
CA ASP E 173 -22.10 -16.36 18.90
C ASP E 173 -23.28 -17.30 18.71
N THR E 174 -23.76 -17.95 19.78
CA THR E 174 -24.91 -18.90 19.66
C THR E 174 -26.18 -18.16 19.29
N ALA E 175 -26.33 -16.89 19.69
CA ALA E 175 -27.52 -16.09 19.35
C ALA E 175 -27.56 -15.82 17.84
N ARG E 176 -26.43 -15.46 17.26
CA ARG E 176 -26.31 -15.20 15.80
C ARG E 176 -26.55 -16.51 15.04
N PHE E 177 -25.89 -17.60 15.46
CA PHE E 177 -26.04 -18.95 14.84
C PHE E 177 -27.51 -19.32 14.78
N ARG E 178 -28.21 -19.17 15.89
CA ARG E 178 -29.63 -19.55 16.02
C ARG E 178 -30.48 -18.67 15.10
N THR E 179 -30.14 -17.38 15.00
CA THR E 179 -30.87 -16.44 14.11
C THR E 179 -30.74 -16.92 12.65
N PHE E 180 -29.54 -17.30 12.22
CA PHE E 180 -29.31 -17.68 10.80
C PHE E 180 -30.04 -19.01 10.51
N VAL E 181 -29.92 -19.95 11.43
CA VAL E 181 -30.57 -21.28 11.28
C VAL E 181 -32.09 -21.07 11.18
N ALA E 182 -32.67 -20.21 12.02
CA ALA E 182 -34.14 -20.06 12.13
C ALA E 182 -34.69 -19.46 10.83
N GLU E 183 -33.90 -18.59 10.17
CA GLU E 183 -34.15 -18.01 8.82
C GLU E 183 -33.98 -19.10 7.74
N GLU E 184 -32.95 -19.92 7.81
CA GLU E 184 -32.79 -21.06 6.86
C GLU E 184 -34.07 -21.92 6.85
N LEU E 185 -34.58 -22.34 8.02
CA LEU E 185 -35.70 -23.32 8.14
C LEU E 185 -37.08 -22.65 8.30
N ASN E 186 -37.13 -21.33 8.54
CA ASN E 186 -38.40 -20.60 8.77
C ASN E 186 -39.12 -21.21 9.99
N ILE E 187 -38.41 -21.32 11.12
CA ILE E 187 -38.96 -21.74 12.44
C ILE E 187 -38.60 -20.74 13.55
N SER E 188 -39.37 -20.71 14.64
CA SER E 188 -39.08 -19.93 15.86
C SER E 188 -37.62 -20.14 16.27
N VAL E 189 -36.90 -19.06 16.60
CA VAL E 189 -35.53 -19.09 17.18
C VAL E 189 -35.57 -19.80 18.55
N LYS E 190 -36.73 -19.90 19.20
CA LYS E 190 -36.86 -20.66 20.48
C LYS E 190 -36.51 -22.15 20.27
N ASP E 191 -36.70 -22.71 19.08
CA ASP E 191 -36.56 -24.18 18.91
C ASP E 191 -35.22 -24.48 18.26
N VAL E 192 -34.38 -23.48 18.12
CA VAL E 192 -33.02 -23.67 17.53
C VAL E 192 -31.98 -23.59 18.64
N THR E 193 -31.04 -24.53 18.64
CA THR E 193 -29.90 -24.57 19.57
C THR E 193 -28.60 -24.51 18.76
N GLY E 194 -27.56 -23.96 19.40
CA GLY E 194 -26.18 -23.93 18.90
C GLY E 194 -25.25 -24.21 20.05
N PHE E 195 -24.00 -24.47 19.77
CA PHE E 195 -23.05 -25.01 20.76
C PHE E 195 -21.65 -24.53 20.36
N VAL E 196 -21.00 -23.72 21.20
CA VAL E 196 -19.70 -23.10 20.83
C VAL E 196 -18.76 -23.18 22.03
N LEU E 197 -17.52 -23.61 21.78
CA LEU E 197 -16.36 -23.43 22.67
C LEU E 197 -15.51 -22.30 22.08
N GLY E 198 -14.56 -21.80 22.84
CA GLY E 198 -13.61 -20.75 22.41
C GLY E 198 -14.28 -19.41 22.17
N GLY E 199 -13.55 -18.54 21.48
CA GLY E 199 -13.85 -17.11 21.28
C GLY E 199 -14.58 -16.87 19.98
N HIS E 200 -14.51 -15.64 19.48
CA HIS E 200 -15.08 -15.21 18.18
C HIS E 200 -14.13 -15.50 17.01
N GLY E 201 -14.72 -15.49 15.81
CA GLY E 201 -14.01 -15.52 14.54
C GLY E 201 -13.27 -16.82 14.38
N ASP E 202 -12.01 -16.75 13.95
CA ASP E 202 -11.24 -17.97 13.59
C ASP E 202 -11.10 -18.85 14.85
N ASP E 203 -11.06 -18.24 16.05
CA ASP E 203 -10.87 -18.92 17.37
C ASP E 203 -12.16 -19.56 17.90
N MET E 204 -13.21 -19.68 17.09
CA MET E 204 -14.53 -20.27 17.48
C MET E 204 -14.53 -21.76 17.13
N VAL E 205 -14.82 -22.60 18.13
CA VAL E 205 -15.02 -24.06 17.94
C VAL E 205 -16.51 -24.38 18.01
N PRO E 206 -17.27 -24.30 16.90
CA PRO E 206 -18.65 -24.77 16.89
C PRO E 206 -18.76 -26.31 16.86
N LEU E 207 -19.70 -26.85 17.66
CA LEU E 207 -20.10 -28.28 17.66
C LEU E 207 -21.48 -28.36 17.03
N VAL E 208 -21.49 -28.40 15.70
CA VAL E 208 -22.73 -28.47 14.88
C VAL E 208 -23.47 -29.79 15.16
N ARG E 209 -22.75 -30.80 15.69
CA ARG E 209 -23.32 -32.16 15.97
C ARG E 209 -24.20 -32.05 17.23
N TYR E 210 -23.88 -31.08 18.10
CA TYR E 210 -24.69 -30.66 19.27
C TYR E 210 -25.52 -29.40 18.94
N SER E 211 -26.02 -29.28 17.71
CA SER E 211 -26.88 -28.16 17.23
C SER E 211 -28.12 -28.76 16.57
N TYR E 212 -29.29 -28.29 16.99
CA TYR E 212 -30.59 -28.97 16.74
C TYR E 212 -31.66 -27.95 16.36
N ALA E 213 -32.73 -28.46 15.76
CA ALA E 213 -33.99 -27.74 15.49
C ALA E 213 -35.14 -28.62 16.00
N GLY E 214 -35.71 -28.24 17.16
CA GLY E 214 -36.69 -29.02 17.93
C GLY E 214 -36.15 -30.39 18.34
N GLY E 215 -34.83 -30.56 18.44
CA GLY E 215 -34.17 -31.80 18.88
C GLY E 215 -33.57 -32.60 17.72
N ILE E 216 -34.03 -32.35 16.49
CA ILE E 216 -33.53 -32.97 15.24
C ILE E 216 -32.20 -32.31 14.87
N PRO E 217 -31.06 -33.03 14.73
CA PRO E 217 -29.79 -32.39 14.39
C PRO E 217 -29.82 -31.69 13.02
N LEU E 218 -29.15 -30.53 12.94
CA LEU E 218 -29.23 -29.61 11.78
C LEU E 218 -28.57 -30.27 10.57
N GLU E 219 -27.45 -30.98 10.79
CA GLU E 219 -26.75 -31.84 9.78
C GLU E 219 -27.74 -32.70 9.00
N LYS E 220 -28.95 -32.96 9.51
CA LYS E 220 -29.98 -33.79 8.83
C LYS E 220 -31.12 -32.92 8.24
N LEU E 221 -31.06 -31.59 8.41
CA LEU E 221 -32.11 -30.64 7.91
C LEU E 221 -31.53 -29.61 6.94
N ILE E 222 -30.24 -29.29 7.00
CA ILE E 222 -29.62 -28.21 6.15
C ILE E 222 -28.42 -28.78 5.41
N PRO E 223 -28.37 -28.65 4.05
CA PRO E 223 -27.22 -29.11 3.27
C PRO E 223 -25.88 -28.62 3.84
N LYS E 224 -24.78 -29.31 3.52
CA LYS E 224 -23.46 -29.04 4.17
C LYS E 224 -22.87 -27.72 3.64
N ASP E 225 -23.34 -27.25 2.48
CA ASP E 225 -22.89 -25.97 1.85
C ASP E 225 -23.52 -24.80 2.61
N ARG E 226 -24.85 -24.80 2.77
CA ARG E 226 -25.60 -23.72 3.46
C ARG E 226 -25.19 -23.71 4.95
N LEU E 227 -24.94 -24.86 5.56
CA LEU E 227 -24.72 -24.96 7.04
C LEU E 227 -23.32 -24.45 7.36
N ASP E 228 -22.34 -24.76 6.52
CA ASP E 228 -20.95 -24.27 6.68
C ASP E 228 -20.92 -22.76 6.40
N ALA E 229 -21.82 -22.26 5.56
CA ALA E 229 -21.97 -20.82 5.31
C ALA E 229 -22.50 -20.17 6.61
N ILE E 230 -23.52 -20.78 7.22
CA ILE E 230 -24.15 -20.32 8.49
C ILE E 230 -23.09 -20.22 9.55
N VAL E 231 -22.26 -21.28 9.66
CA VAL E 231 -21.13 -21.30 10.64
C VAL E 231 -20.17 -20.15 10.31
N GLU E 232 -20.00 -19.79 9.03
CA GLU E 232 -18.97 -18.79 8.63
C GLU E 232 -19.53 -17.37 8.88
N ARG E 233 -20.81 -17.16 8.59
CA ARG E 233 -21.55 -15.92 8.95
C ARG E 233 -21.49 -15.73 10.49
N THR E 234 -21.58 -16.82 11.26
CA THR E 234 -21.49 -16.79 12.75
C THR E 234 -20.10 -16.30 13.13
N ARG E 235 -19.05 -16.83 12.49
CA ARG E 235 -17.64 -16.42 12.78
C ARG E 235 -17.47 -14.92 12.47
N LYS E 236 -18.08 -14.45 11.40
CA LYS E 236 -17.90 -13.07 10.88
C LYS E 236 -18.98 -12.13 11.42
N GLY E 237 -19.91 -12.62 12.25
CA GLY E 237 -21.14 -11.93 12.71
C GLY E 237 -20.88 -10.56 13.33
N GLY E 238 -19.84 -10.43 14.15
CA GLY E 238 -19.43 -9.16 14.76
C GLY E 238 -19.02 -8.16 13.70
N GLY E 239 -18.13 -8.60 12.79
CA GLY E 239 -17.59 -7.78 11.67
C GLY E 239 -18.67 -7.35 10.69
N GLU E 240 -19.68 -8.18 10.47
CA GLU E 240 -20.85 -7.87 9.60
C GLU E 240 -21.61 -6.64 10.17
N ILE E 241 -21.72 -6.50 11.49
CA ILE E 241 -22.49 -5.36 12.09
C ILE E 241 -21.62 -4.10 11.98
N VAL E 242 -20.34 -4.22 12.37
CA VAL E 242 -19.32 -3.14 12.21
C VAL E 242 -19.40 -2.55 10.80
N ASN E 243 -19.34 -3.40 9.78
CA ASN E 243 -19.36 -3.02 8.34
C ASN E 243 -20.66 -2.34 7.97
N LEU E 244 -21.81 -2.86 8.43
CA LEU E 244 -23.13 -2.27 8.13
C LEU E 244 -23.23 -0.90 8.83
N LEU E 245 -22.77 -0.78 10.10
CA LEU E 245 -22.87 0.44 10.94
C LEU E 245 -21.92 1.56 10.49
N GLY E 246 -20.84 1.23 9.77
CA GLY E 246 -19.81 2.21 9.37
C GLY E 246 -18.87 2.55 10.52
N ASN E 247 -19.35 3.32 11.51
CA ASN E 247 -18.61 3.60 12.78
C ASN E 247 -19.28 2.86 13.94
N GLY E 248 -18.52 2.11 14.74
CA GLY E 248 -18.97 1.43 15.96
C GLY E 248 -19.34 -0.05 15.76
N SER E 249 -19.55 -0.77 16.87
CA SER E 249 -19.83 -2.23 16.91
C SER E 249 -21.27 -2.51 17.35
N ALA E 250 -21.68 -3.78 17.35
CA ALA E 250 -23.01 -4.25 17.79
C ALA E 250 -23.19 -3.95 19.27
N TYR E 251 -24.44 -3.77 19.70
CA TYR E 251 -24.77 -3.50 21.13
C TYR E 251 -26.05 -4.20 21.57
N TYR E 252 -27.05 -4.34 20.71
CA TYR E 252 -28.34 -4.99 21.04
C TYR E 252 -28.10 -6.46 21.42
N ALA E 253 -27.56 -7.29 20.54
CA ALA E 253 -27.38 -8.73 20.85
C ALA E 253 -26.33 -8.91 21.97
N PRO E 254 -25.20 -8.18 21.98
CA PRO E 254 -24.25 -8.27 23.10
C PRO E 254 -24.88 -7.91 24.46
N ALA E 255 -25.70 -6.85 24.52
CA ALA E 255 -26.39 -6.41 25.76
C ALA E 255 -27.36 -7.50 26.21
N ALA E 256 -28.11 -8.10 25.29
CA ALA E 256 -29.06 -9.19 25.64
C ALA E 256 -28.28 -10.40 26.17
N SER E 257 -27.08 -10.69 25.64
CA SER E 257 -26.24 -11.82 26.06
C SER E 257 -25.71 -11.60 27.49
N LEU E 258 -25.34 -10.36 27.86
CA LEU E 258 -24.92 -10.01 29.25
C LEU E 258 -26.10 -10.12 30.20
N VAL E 259 -27.31 -9.75 29.78
CA VAL E 259 -28.53 -9.80 30.63
C VAL E 259 -28.85 -11.27 30.94
N GLU E 260 -28.69 -12.17 29.97
CA GLU E 260 -29.09 -13.59 30.16
C GLU E 260 -28.17 -14.19 31.23
N MET E 261 -26.91 -13.79 31.22
CA MET E 261 -25.91 -14.27 32.20
C MET E 261 -26.15 -13.57 33.55
N VAL E 262 -26.40 -12.26 33.57
CA VAL E 262 -26.69 -11.51 34.83
C VAL E 262 -27.88 -12.17 35.53
N GLU E 263 -28.92 -12.49 34.75
CA GLU E 263 -30.20 -13.08 35.25
C GLU E 263 -29.93 -14.48 35.81
N ALA E 264 -29.08 -15.27 35.15
CA ALA E 264 -28.75 -16.66 35.53
C ALA E 264 -28.12 -16.67 36.92
N ILE E 265 -27.38 -15.61 37.27
CA ILE E 265 -26.69 -15.45 38.59
C ILE E 265 -27.70 -14.93 39.63
N LEU E 266 -28.38 -13.82 39.33
CA LEU E 266 -29.25 -13.09 40.29
C LEU E 266 -30.43 -13.98 40.75
N LYS E 267 -30.98 -14.80 39.85
CA LYS E 267 -32.14 -15.69 40.17
C LYS E 267 -31.65 -17.12 40.40
N ASP E 268 -30.34 -17.37 40.39
CA ASP E 268 -29.77 -18.70 40.70
C ASP E 268 -30.46 -19.77 39.83
N GLN E 269 -30.44 -19.61 38.50
CA GLN E 269 -31.19 -20.50 37.59
C GLN E 269 -30.40 -21.78 37.27
N ARG E 270 -29.06 -21.79 37.39
CA ARG E 270 -28.23 -22.97 36.98
C ARG E 270 -28.51 -23.30 35.52
N ARG E 271 -28.37 -22.30 34.67
CA ARG E 271 -28.43 -22.42 33.19
C ARG E 271 -27.19 -23.20 32.69
N ILE E 272 -27.32 -23.85 31.55
CA ILE E 272 -26.17 -24.37 30.75
C ILE E 272 -25.92 -23.37 29.63
N LEU E 273 -24.93 -22.51 29.86
CA LEU E 273 -24.53 -21.38 28.99
C LEU E 273 -23.02 -21.43 28.74
N PRO E 274 -22.58 -21.18 27.49
CA PRO E 274 -21.16 -20.95 27.23
C PRO E 274 -20.65 -19.63 27.83
N ALA E 275 -19.55 -19.72 28.56
CA ALA E 275 -18.90 -18.56 29.20
C ALA E 275 -17.38 -18.65 29.03
N ILE E 276 -16.74 -17.50 29.10
CA ILE E 276 -15.27 -17.40 29.27
C ILE E 276 -15.00 -17.65 30.75
N ALA E 277 -14.42 -18.82 31.06
CA ALA E 277 -14.20 -19.42 32.38
C ALA E 277 -12.70 -19.67 32.64
N TYR E 278 -12.21 -19.44 33.85
CA TYR E 278 -10.85 -19.86 34.29
C TYR E 278 -10.79 -21.40 34.37
N LEU E 279 -9.92 -22.04 33.58
CA LEU E 279 -9.67 -23.50 33.61
C LEU E 279 -8.52 -23.84 34.59
N GLU E 280 -8.71 -24.85 35.44
CA GLU E 280 -7.77 -25.34 36.47
C GLU E 280 -7.66 -26.86 36.33
N GLY E 281 -7.50 -27.34 35.08
CA GLY E 281 -7.45 -28.77 34.73
C GLY E 281 -8.22 -29.07 33.46
N GLU E 282 -9.32 -28.35 33.23
CA GLU E 282 -10.44 -28.82 32.36
C GLU E 282 -10.00 -28.78 30.89
N TYR E 283 -10.30 -29.83 30.13
CA TYR E 283 -10.06 -29.99 28.66
C TYR E 283 -8.56 -30.22 28.33
N GLY E 284 -7.70 -30.28 29.35
CA GLY E 284 -6.25 -30.46 29.21
C GLY E 284 -5.47 -29.21 29.59
N TYR E 285 -6.15 -28.07 29.75
CA TYR E 285 -5.51 -26.72 29.86
C TYR E 285 -5.72 -26.20 31.28
N GLU E 286 -4.85 -25.30 31.75
CA GLU E 286 -4.89 -24.70 33.10
C GLU E 286 -4.28 -23.29 33.04
N GLY E 287 -4.59 -22.44 34.03
CA GLY E 287 -4.07 -21.07 34.18
C GLY E 287 -4.53 -20.09 33.12
N ILE E 288 -5.59 -20.41 32.35
CA ILE E 288 -6.14 -19.57 31.24
C ILE E 288 -7.66 -19.41 31.36
N TYR E 289 -8.16 -18.30 30.82
CA TYR E 289 -9.59 -18.03 30.53
C TYR E 289 -9.87 -18.55 29.11
N LEU E 290 -10.93 -19.35 28.95
CA LEU E 290 -11.33 -19.99 27.67
C LEU E 290 -12.85 -20.12 27.60
N GLY E 291 -13.40 -20.14 26.39
CA GLY E 291 -14.83 -20.36 26.14
C GLY E 291 -15.23 -21.81 26.31
N VAL E 292 -15.94 -22.13 27.40
CA VAL E 292 -16.33 -23.51 27.79
C VAL E 292 -17.80 -23.53 28.24
N PRO E 293 -18.50 -24.67 28.05
CA PRO E 293 -19.88 -24.81 28.52
C PRO E 293 -19.83 -24.82 30.04
N THR E 294 -20.55 -23.91 30.70
CA THR E 294 -20.57 -23.73 32.17
C THR E 294 -21.99 -24.00 32.70
N ILE E 295 -22.09 -24.26 33.99
CA ILE E 295 -23.35 -24.09 34.77
C ILE E 295 -23.22 -22.79 35.51
N LEU E 296 -24.15 -21.87 35.28
CA LEU E 296 -24.11 -20.49 35.82
C LEU E 296 -25.25 -20.33 36.84
N GLY E 297 -24.95 -19.88 38.05
CA GLY E 297 -25.92 -19.82 39.15
C GLY E 297 -25.57 -18.75 40.16
N GLY E 298 -26.20 -18.82 41.33
CA GLY E 298 -26.07 -17.78 42.37
C GLY E 298 -24.64 -17.68 42.90
N ASN E 299 -23.82 -18.70 42.65
CA ASN E 299 -22.38 -18.69 43.02
C ASN E 299 -21.52 -18.53 41.75
N GLY E 300 -22.13 -18.07 40.65
CA GLY E 300 -21.42 -17.76 39.39
C GLY E 300 -21.18 -19.00 38.58
N ILE E 301 -19.94 -19.26 38.18
CA ILE E 301 -19.61 -20.54 37.48
C ILE E 301 -19.67 -21.64 38.53
N GLU E 302 -20.80 -22.32 38.64
CA GLU E 302 -21.00 -23.42 39.61
C GLU E 302 -20.09 -24.58 39.20
N LYS E 303 -19.85 -24.73 37.89
CA LYS E 303 -19.08 -25.86 37.28
C LYS E 303 -18.76 -25.55 35.82
N VAL E 304 -17.52 -25.87 35.38
CA VAL E 304 -17.12 -25.96 33.95
C VAL E 304 -17.47 -27.39 33.48
N ILE E 305 -18.25 -27.52 32.40
CA ILE E 305 -18.71 -28.83 31.90
C ILE E 305 -17.70 -29.39 30.90
N GLU E 306 -17.17 -30.59 31.18
CA GLU E 306 -16.14 -31.33 30.39
C GLU E 306 -16.86 -32.25 29.42
N LEU E 307 -16.71 -32.02 28.12
CA LEU E 307 -17.29 -32.89 27.07
C LEU E 307 -16.24 -33.90 26.63
N GLU E 308 -16.68 -34.85 25.80
CA GLU E 308 -15.85 -35.80 25.01
C GLU E 308 -15.84 -35.29 23.57
N LEU E 309 -14.75 -34.61 23.19
CA LEU E 309 -14.58 -33.95 21.86
C LEU E 309 -13.92 -34.93 20.89
N THR E 310 -14.43 -35.01 19.66
CA THR E 310 -13.80 -35.76 18.53
C THR E 310 -12.45 -35.09 18.23
N GLU E 311 -11.54 -35.82 17.56
CA GLU E 311 -10.13 -35.40 17.33
C GLU E 311 -10.08 -34.10 16.52
N GLU E 312 -11.01 -33.93 15.56
CA GLU E 312 -11.18 -32.70 14.75
C GLU E 312 -11.51 -31.52 15.68
N GLU E 313 -12.41 -31.72 16.65
CA GLU E 313 -12.84 -30.70 17.66
C GLU E 313 -11.71 -30.45 18.66
N LYS E 314 -10.95 -31.50 18.99
CA LYS E 314 -9.87 -31.44 20.03
C LYS E 314 -8.73 -30.56 19.50
N ALA E 315 -8.53 -30.54 18.17
CA ALA E 315 -7.47 -29.78 17.48
C ALA E 315 -7.90 -28.32 17.28
N ALA E 316 -9.12 -28.11 16.77
CA ALA E 316 -9.83 -26.81 16.71
C ALA E 316 -9.65 -26.06 18.04
N LEU E 317 -9.94 -26.72 19.15
CA LEU E 317 -9.88 -26.09 20.50
C LEU E 317 -8.43 -25.72 20.86
N ALA E 318 -7.43 -26.44 20.33
CA ALA E 318 -5.98 -26.21 20.55
C ALA E 318 -5.53 -24.93 19.84
N LYS E 319 -5.99 -24.73 18.60
CA LYS E 319 -5.76 -23.46 17.86
C LYS E 319 -6.30 -22.33 18.73
N SER E 320 -7.59 -22.42 19.13
CA SER E 320 -8.32 -21.40 19.94
C SER E 320 -7.53 -21.09 21.22
N VAL E 321 -6.89 -22.08 21.83
CA VAL E 321 -6.08 -21.87 23.09
C VAL E 321 -4.80 -21.07 22.80
N GLU E 322 -4.16 -21.30 21.64
CA GLU E 322 -2.88 -20.61 21.30
C GLU E 322 -3.16 -19.09 21.20
N SER E 323 -4.25 -18.70 20.54
CA SER E 323 -4.69 -17.28 20.42
C SER E 323 -4.85 -16.64 21.81
N VAL E 324 -5.41 -17.37 22.77
CA VAL E 324 -5.60 -16.92 24.18
C VAL E 324 -4.22 -16.67 24.82
N LYS E 325 -3.30 -17.63 24.68
CA LYS E 325 -1.91 -17.53 25.21
C LYS E 325 -1.13 -16.39 24.54
N ASN E 326 -1.29 -16.22 23.22
CA ASN E 326 -0.45 -15.33 22.37
C ASN E 326 -0.82 -13.86 22.56
N VAL E 327 -2.09 -13.54 22.29
CA VAL E 327 -2.68 -12.17 22.44
C VAL E 327 -2.20 -11.53 23.75
N MET E 328 -2.02 -12.31 24.83
CA MET E 328 -1.60 -11.84 26.19
C MET E 328 -2.23 -10.46 26.48
N ALA F 22 -56.24 -17.15 8.15
CA ALA F 22 -55.05 -17.51 9.00
C ALA F 22 -54.60 -16.30 9.82
N MET F 23 -53.97 -16.57 10.97
CA MET F 23 -53.47 -15.55 11.94
C MET F 23 -52.15 -14.97 11.41
N LYS F 24 -52.06 -13.65 11.22
CA LYS F 24 -50.82 -12.98 10.75
C LYS F 24 -50.37 -12.01 11.84
N ARG F 25 -49.06 -11.86 12.01
CA ARG F 25 -48.50 -10.87 12.97
C ARG F 25 -48.88 -9.45 12.51
N LYS F 26 -49.11 -8.58 13.47
CA LYS F 26 -49.18 -7.12 13.27
C LYS F 26 -47.89 -6.66 12.59
N LYS F 27 -48.00 -5.74 11.64
CA LYS F 27 -46.86 -5.10 10.95
C LYS F 27 -46.75 -3.66 11.47
N ILE F 28 -45.61 -3.33 12.08
CA ILE F 28 -45.29 -1.93 12.55
C ILE F 28 -44.11 -1.41 11.73
N SER F 29 -44.29 -0.28 11.06
CA SER F 29 -43.21 0.42 10.30
C SER F 29 -42.75 1.64 11.08
N VAL F 30 -41.44 1.78 11.27
CA VAL F 30 -40.83 2.93 12.01
C VAL F 30 -40.00 3.74 11.01
N ILE F 31 -40.48 4.95 10.69
CA ILE F 31 -39.80 5.87 9.74
C ILE F 31 -38.83 6.72 10.57
N GLY F 32 -37.55 6.57 10.30
CA GLY F 32 -36.48 7.14 11.12
C GLY F 32 -35.85 6.08 11.98
N ALA F 33 -34.62 5.69 11.62
CA ALA F 33 -33.78 4.72 12.36
C ALA F 33 -32.70 5.45 13.14
N GLY F 34 -32.96 6.70 13.54
CA GLY F 34 -32.11 7.39 14.54
C GLY F 34 -32.26 6.74 15.89
N PHE F 35 -31.82 7.43 16.95
CA PHE F 35 -31.86 6.93 18.35
C PHE F 35 -33.30 6.50 18.71
N THR F 36 -34.29 7.36 18.45
CA THR F 36 -35.67 7.14 18.95
C THR F 36 -36.33 5.95 18.23
N GLY F 37 -36.28 5.96 16.90
CA GLY F 37 -36.85 4.96 15.99
C GLY F 37 -36.27 3.59 16.26
N ALA F 38 -34.95 3.48 16.46
CA ALA F 38 -34.27 2.20 16.78
C ALA F 38 -34.64 1.72 18.19
N THR F 39 -34.70 2.60 19.18
CA THR F 39 -35.08 2.23 20.57
C THR F 39 -36.53 1.72 20.63
N THR F 40 -37.37 2.29 19.79
CA THR F 40 -38.82 2.02 19.67
C THR F 40 -38.98 0.65 19.00
N ALA F 41 -38.27 0.42 17.90
CA ALA F 41 -38.22 -0.83 17.12
C ALA F 41 -37.84 -1.98 18.06
N PHE F 42 -36.80 -1.81 18.87
CA PHE F 42 -36.31 -2.86 19.78
C PHE F 42 -37.39 -3.23 20.80
N LEU F 43 -38.11 -2.23 21.31
CA LEU F 43 -39.11 -2.38 22.38
C LEU F 43 -40.33 -3.14 21.83
N LEU F 44 -40.75 -2.82 20.61
CA LEU F 44 -41.94 -3.41 19.95
C LEU F 44 -41.65 -4.90 19.72
N ALA F 45 -40.49 -5.25 19.19
CA ALA F 45 -40.01 -6.64 18.97
C ALA F 45 -39.94 -7.39 20.31
N GLN F 46 -39.26 -6.83 21.31
CA GLN F 46 -39.13 -7.47 22.64
C GLN F 46 -40.52 -7.84 23.16
N LYS F 47 -41.50 -6.97 22.94
CA LYS F 47 -42.87 -7.21 23.48
C LYS F 47 -43.69 -8.09 22.52
N GLU F 48 -43.11 -8.53 21.40
CA GLU F 48 -43.80 -9.34 20.36
C GLU F 48 -45.08 -8.63 19.91
N LEU F 49 -45.06 -7.30 19.74
CA LEU F 49 -46.28 -6.55 19.34
C LEU F 49 -46.50 -6.68 17.83
N GLY F 50 -45.47 -7.10 17.09
CA GLY F 50 -45.60 -7.36 15.64
C GLY F 50 -44.25 -7.50 14.96
N ASP F 51 -44.26 -7.61 13.64
CA ASP F 51 -43.03 -7.48 12.81
C ASP F 51 -42.75 -5.98 12.67
N VAL F 52 -41.46 -5.60 12.70
CA VAL F 52 -40.97 -4.20 12.64
C VAL F 52 -40.19 -4.01 11.34
N VAL F 53 -40.56 -2.99 10.56
CA VAL F 53 -39.77 -2.47 9.41
C VAL F 53 -39.16 -1.12 9.84
N LEU F 54 -37.82 -1.04 9.85
CA LEU F 54 -37.03 0.16 10.23
C LEU F 54 -36.65 0.88 8.94
N VAL F 55 -37.21 2.07 8.67
CA VAL F 55 -37.03 2.81 7.38
C VAL F 55 -36.20 4.08 7.59
N ASP F 56 -35.15 4.27 6.78
CA ASP F 56 -34.42 5.55 6.68
C ASP F 56 -34.11 5.88 5.22
N ILE F 57 -33.32 6.95 4.99
CA ILE F 57 -32.97 7.47 3.63
C ILE F 57 -31.96 6.52 3.02
N PRO F 58 -31.84 6.46 1.67
CA PRO F 58 -30.94 5.53 0.99
C PRO F 58 -29.45 5.56 1.36
N GLN F 59 -28.93 6.72 1.76
CA GLN F 59 -27.51 6.90 2.16
C GLN F 59 -27.28 6.28 3.56
N LEU F 60 -28.34 6.02 4.34
CA LEU F 60 -28.25 5.31 5.64
C LEU F 60 -28.87 3.89 5.55
N GLU F 61 -28.90 3.26 4.38
CA GLU F 61 -29.51 1.93 4.19
C GLU F 61 -28.72 0.88 5.00
N ASN F 62 -27.41 0.84 4.88
CA ASN F 62 -26.54 -0.18 5.56
C ASN F 62 -26.59 -0.02 7.07
N PRO F 63 -26.35 1.17 7.66
CA PRO F 63 -26.45 1.34 9.12
C PRO F 63 -27.79 0.86 9.72
N THR F 64 -28.90 1.15 9.02
CA THR F 64 -30.28 0.77 9.38
C THR F 64 -30.44 -0.76 9.35
N LYS F 65 -29.87 -1.43 8.35
CA LYS F 65 -29.85 -2.93 8.26
C LYS F 65 -29.01 -3.48 9.42
N GLY F 66 -27.93 -2.77 9.76
CA GLY F 66 -27.00 -3.18 10.83
C GLY F 66 -27.72 -3.26 12.15
N LYS F 67 -28.52 -2.24 12.45
CA LYS F 67 -29.28 -2.10 13.73
C LYS F 67 -30.39 -3.14 13.80
N ALA F 68 -31.14 -3.29 12.71
CA ALA F 68 -32.20 -4.29 12.50
C ALA F 68 -31.66 -5.70 12.79
N LEU F 69 -30.50 -6.04 12.22
CA LEU F 69 -29.86 -7.38 12.33
C LEU F 69 -29.27 -7.57 13.74
N ASP F 70 -28.74 -6.53 14.37
CA ASP F 70 -28.23 -6.58 15.78
C ASP F 70 -29.41 -6.89 16.74
N MET F 71 -30.50 -6.17 16.62
CA MET F 71 -31.78 -6.40 17.37
C MET F 71 -32.26 -7.85 17.16
N LEU F 72 -32.48 -8.25 15.91
CA LEU F 72 -32.96 -9.61 15.54
C LEU F 72 -32.08 -10.70 16.17
N GLU F 73 -30.76 -10.51 16.17
CA GLU F 73 -29.78 -11.45 16.78
C GLU F 73 -29.92 -11.43 18.31
N ALA F 74 -30.61 -10.43 18.89
CA ALA F 74 -30.97 -10.42 20.33
C ALA F 74 -32.13 -11.40 20.62
N SER F 75 -32.96 -11.75 19.62
CA SER F 75 -34.27 -12.43 19.81
C SER F 75 -34.14 -13.85 20.39
N PRO F 76 -33.11 -14.67 20.07
CA PRO F 76 -32.92 -15.97 20.73
C PRO F 76 -32.55 -15.84 22.22
N VAL F 77 -31.81 -14.83 22.61
CA VAL F 77 -31.37 -14.64 24.02
C VAL F 77 -32.56 -14.10 24.84
N LEU F 78 -33.20 -13.02 24.40
CA LEU F 78 -34.34 -12.40 25.14
C LEU F 78 -35.61 -13.25 24.91
N GLY F 79 -35.64 -14.09 23.88
CA GLY F 79 -36.71 -15.10 23.71
C GLY F 79 -37.97 -14.48 23.13
N PHE F 80 -37.84 -13.66 22.07
CA PHE F 80 -38.99 -13.06 21.36
C PHE F 80 -38.95 -13.59 19.94
N ASP F 81 -40.12 -13.89 19.37
CA ASP F 81 -40.29 -14.16 17.93
C ASP F 81 -40.82 -12.87 17.32
N ALA F 82 -39.96 -12.16 16.61
CA ALA F 82 -40.32 -11.01 15.76
C ALA F 82 -39.36 -10.97 14.57
N ASN F 83 -39.84 -10.53 13.42
CA ASN F 83 -38.98 -10.13 12.29
C ASN F 83 -38.74 -8.63 12.45
N ILE F 84 -37.50 -8.20 12.17
CA ILE F 84 -37.04 -6.80 12.13
C ILE F 84 -36.19 -6.67 10.88
N ILE F 85 -36.63 -5.89 9.89
CA ILE F 85 -35.73 -5.52 8.75
C ILE F 85 -35.44 -4.00 8.76
N GLY F 86 -34.26 -3.65 8.29
CA GLY F 86 -33.91 -2.26 7.93
C GLY F 86 -34.03 -2.09 6.44
N THR F 87 -34.53 -0.94 5.99
CA THR F 87 -34.69 -0.65 4.55
C THR F 87 -34.70 0.85 4.24
N SER F 88 -34.57 1.19 2.95
CA SER F 88 -34.85 2.52 2.37
C SER F 88 -36.03 2.46 1.39
N ASP F 89 -36.53 1.25 1.08
CA ASP F 89 -37.60 1.01 0.09
C ASP F 89 -38.95 0.91 0.81
N TYR F 90 -39.89 1.80 0.52
CA TYR F 90 -41.21 1.88 1.22
C TYR F 90 -42.13 0.72 0.85
N ALA F 91 -41.81 -0.04 -0.20
CA ALA F 91 -42.48 -1.32 -0.57
C ALA F 91 -42.48 -2.30 0.62
N ASP F 92 -41.45 -2.26 1.48
CA ASP F 92 -41.30 -3.15 2.64
C ASP F 92 -42.28 -2.77 3.75
N THR F 93 -42.88 -1.58 3.69
CA THR F 93 -43.85 -1.07 4.70
C THR F 93 -45.29 -1.45 4.30
N ALA F 94 -45.45 -2.11 3.14
CA ALA F 94 -46.76 -2.51 2.57
C ALA F 94 -47.59 -3.22 3.64
N ASP F 95 -48.81 -2.74 3.86
CA ASP F 95 -49.86 -3.37 4.69
C ASP F 95 -49.41 -3.33 6.16
N SER F 96 -48.72 -2.27 6.57
CA SER F 96 -48.47 -1.95 7.99
C SER F 96 -49.81 -1.65 8.68
N ASP F 97 -50.04 -2.18 9.88
CA ASP F 97 -51.21 -1.82 10.72
C ASP F 97 -50.93 -0.47 11.40
N ILE F 98 -49.67 -0.21 11.76
CA ILE F 98 -49.26 1.05 12.44
C ILE F 98 -47.92 1.49 11.85
N VAL F 99 -47.83 2.77 11.52
CA VAL F 99 -46.59 3.46 11.07
C VAL F 99 -46.25 4.55 12.08
N VAL F 100 -45.03 4.50 12.60
CA VAL F 100 -44.49 5.51 13.58
C VAL F 100 -43.50 6.41 12.85
N ILE F 101 -43.77 7.72 12.82
CA ILE F 101 -42.91 8.73 12.14
C ILE F 101 -42.06 9.41 13.22
N THR F 102 -40.76 9.07 13.26
CA THR F 102 -39.69 9.76 14.05
C THR F 102 -38.71 10.47 13.09
N ALA F 103 -38.96 10.44 11.78
CA ALA F 103 -38.11 11.04 10.75
C ALA F 103 -38.03 12.55 11.00
N GLY F 104 -36.86 13.14 10.73
CA GLY F 104 -36.54 14.49 11.23
C GLY F 104 -35.09 14.82 11.01
N ILE F 105 -34.85 16.09 10.68
CA ILE F 105 -33.49 16.63 10.39
C ILE F 105 -32.96 17.23 11.70
N ALA F 106 -31.67 17.01 11.99
CA ALA F 106 -30.92 17.78 13.02
C ALA F 106 -30.69 19.22 12.51
N ARG F 107 -31.38 20.20 13.10
CA ARG F 107 -31.18 21.65 12.84
C ARG F 107 -29.68 21.93 12.59
N LYS F 108 -29.36 22.59 11.48
CA LYS F 108 -27.97 23.03 11.19
C LYS F 108 -27.73 24.36 11.94
N PRO F 109 -26.49 24.63 12.42
CA PRO F 109 -26.17 25.95 12.97
C PRO F 109 -26.43 27.05 11.92
N GLY F 110 -27.11 28.13 12.33
CA GLY F 110 -27.54 29.24 11.47
C GLY F 110 -29.02 29.19 11.10
N MET F 111 -29.69 28.05 11.31
CA MET F 111 -31.05 27.77 10.80
C MET F 111 -32.07 28.52 11.66
N SER F 112 -33.03 29.23 11.03
CA SER F 112 -34.22 29.76 11.74
C SER F 112 -35.15 28.60 12.16
N ARG F 113 -35.96 28.86 13.20
CA ARG F 113 -37.11 28.02 13.60
C ARG F 113 -37.96 27.79 12.35
N ASP F 114 -38.47 28.86 11.74
CA ASP F 114 -39.37 28.81 10.55
C ASP F 114 -38.78 27.84 9.51
N ASP F 115 -37.46 27.90 9.29
CA ASP F 115 -36.69 27.05 8.33
C ASP F 115 -36.60 25.59 8.80
N LEU F 116 -36.48 25.34 10.12
CA LEU F 116 -36.47 23.96 10.70
C LEU F 116 -37.86 23.36 10.54
N VAL F 117 -38.86 24.04 11.10
CA VAL F 117 -40.31 23.72 10.97
C VAL F 117 -40.61 23.39 9.50
N THR F 118 -40.18 24.27 8.60
CA THR F 118 -40.45 24.18 7.14
C THR F 118 -39.73 22.95 6.58
N THR F 119 -38.48 22.70 6.96
CA THR F 119 -37.70 21.54 6.41
C THR F 119 -38.36 20.22 6.81
N ASN F 120 -38.87 20.14 8.05
CA ASN F 120 -39.40 18.89 8.66
C ASN F 120 -40.82 18.66 8.14
N GLN F 121 -41.59 19.74 7.97
CA GLN F 121 -42.94 19.71 7.36
C GLN F 121 -42.84 19.18 5.92
N LYS F 122 -41.74 19.47 5.21
CA LYS F 122 -41.48 18.95 3.83
C LYS F 122 -41.21 17.45 3.89
N ILE F 123 -40.55 16.99 4.96
CA ILE F 123 -40.20 15.55 5.15
C ILE F 123 -41.49 14.78 5.49
N MET F 124 -42.28 15.30 6.43
CA MET F 124 -43.63 14.79 6.81
C MET F 124 -44.44 14.53 5.54
N LYS F 125 -44.50 15.52 4.64
CA LYS F 125 -45.25 15.42 3.37
C LYS F 125 -44.67 14.29 2.53
N GLN F 126 -43.36 14.28 2.25
CA GLN F 126 -42.73 13.29 1.33
C GLN F 126 -42.87 11.87 1.93
N VAL F 127 -42.85 11.75 3.27
CA VAL F 127 -42.85 10.45 4.00
C VAL F 127 -44.27 9.88 3.91
N THR F 128 -45.24 10.70 4.34
CA THR F 128 -46.68 10.35 4.42
C THR F 128 -47.14 9.88 3.04
N LYS F 129 -46.75 10.60 1.99
CA LYS F 129 -47.03 10.22 0.58
C LYS F 129 -46.67 8.74 0.39
N GLU F 130 -45.42 8.34 0.65
CA GLU F 130 -44.96 6.95 0.38
C GLU F 130 -45.63 5.97 1.36
N VAL F 131 -45.88 6.39 2.61
CA VAL F 131 -46.55 5.56 3.64
C VAL F 131 -47.94 5.16 3.12
N VAL F 132 -48.82 6.12 2.84
CA VAL F 132 -50.28 5.86 2.60
C VAL F 132 -50.47 5.23 1.23
N LYS F 133 -49.49 5.33 0.33
CA LYS F 133 -49.51 4.60 -0.96
C LYS F 133 -49.49 3.09 -0.66
N TYR F 134 -48.69 2.67 0.31
CA TYR F 134 -48.35 1.24 0.57
C TYR F 134 -49.24 0.68 1.70
N SER F 135 -49.69 1.51 2.65
CA SER F 135 -50.57 1.14 3.78
C SER F 135 -51.72 2.14 3.94
N PRO F 136 -52.76 2.09 3.07
CA PRO F 136 -53.87 3.04 3.14
C PRO F 136 -54.81 2.81 4.32
N ASN F 137 -54.67 1.68 5.02
CA ASN F 137 -55.55 1.31 6.17
C ASN F 137 -54.83 1.56 7.51
N CYS F 138 -53.54 1.94 7.52
CA CYS F 138 -52.71 2.03 8.76
C CYS F 138 -53.18 3.15 9.71
N TYR F 139 -52.83 3.05 11.00
CA TYR F 139 -52.86 4.17 11.98
C TYR F 139 -51.46 4.78 11.99
N ILE F 140 -51.37 6.11 12.16
CA ILE F 140 -50.08 6.86 12.13
C ILE F 140 -49.90 7.57 13.47
N ILE F 141 -48.77 7.34 14.14
CA ILE F 141 -48.32 8.05 15.37
C ILE F 141 -47.07 8.85 15.00
N VAL F 142 -47.09 10.17 15.28
CA VAL F 142 -46.01 11.13 14.91
C VAL F 142 -45.32 11.61 16.19
N LEU F 143 -43.98 11.56 16.17
CA LEU F 143 -43.10 12.07 17.24
C LEU F 143 -42.42 13.38 16.78
N THR F 144 -42.19 13.57 15.48
CA THR F 144 -41.34 14.64 14.90
C THR F 144 -41.77 16.01 15.45
N ASN F 145 -40.82 16.81 15.95
CA ASN F 145 -41.11 18.14 16.53
C ASN F 145 -41.06 19.23 15.45
N PRO F 146 -41.81 20.34 15.63
CA PRO F 146 -42.82 20.45 16.68
C PRO F 146 -44.02 19.57 16.30
N VAL F 147 -44.52 18.77 17.24
CA VAL F 147 -45.33 17.56 16.91
C VAL F 147 -46.76 18.00 16.56
N ASP F 148 -47.29 19.05 17.22
CA ASP F 148 -48.61 19.67 16.89
C ASP F 148 -48.70 19.98 15.38
N ALA F 149 -47.62 20.49 14.78
CA ALA F 149 -47.57 20.95 13.38
C ALA F 149 -47.17 19.81 12.43
N MET F 150 -46.30 18.92 12.87
CA MET F 150 -45.94 17.75 12.03
C MET F 150 -47.16 16.82 11.96
N THR F 151 -47.87 16.59 13.06
CA THR F 151 -49.04 15.67 13.05
C THR F 151 -50.06 16.23 12.05
N TYR F 152 -50.32 17.53 12.14
CA TYR F 152 -51.30 18.23 11.28
C TYR F 152 -50.95 17.97 9.81
N THR F 153 -49.68 18.14 9.45
CA THR F 153 -49.19 18.03 8.05
C THR F 153 -49.37 16.60 7.56
N VAL F 154 -49.13 15.64 8.46
CA VAL F 154 -49.32 14.19 8.15
C VAL F 154 -50.81 13.98 7.92
N PHE F 155 -51.66 14.52 8.80
CA PHE F 155 -53.14 14.43 8.73
C PHE F 155 -53.61 14.95 7.37
N LYS F 156 -53.35 16.23 7.06
CA LYS F 156 -53.80 16.88 5.80
C LYS F 156 -53.33 16.05 4.59
N GLU F 157 -52.07 15.62 4.58
CA GLU F 157 -51.42 14.94 3.42
C GLU F 157 -51.93 13.49 3.27
N SER F 158 -52.44 12.84 4.34
CA SER F 158 -52.83 11.40 4.32
C SER F 158 -54.17 11.18 3.59
N GLY F 159 -55.13 12.09 3.81
CA GLY F 159 -56.54 11.91 3.43
C GLY F 159 -57.20 10.82 4.28
N PHE F 160 -56.73 10.62 5.53
CA PHE F 160 -57.29 9.70 6.56
C PHE F 160 -58.18 10.50 7.50
N PRO F 161 -59.25 9.90 8.08
CA PRO F 161 -59.99 10.56 9.15
C PRO F 161 -59.14 10.86 10.39
N LYS F 162 -59.61 11.82 11.21
CA LYS F 162 -59.00 12.35 12.45
C LYS F 162 -58.49 11.22 13.36
N ASN F 163 -59.26 10.14 13.50
CA ASN F 163 -58.99 9.07 14.51
C ASN F 163 -57.71 8.30 14.15
N ARG F 164 -57.22 8.36 12.91
CA ARG F 164 -56.11 7.52 12.39
C ARG F 164 -54.77 8.27 12.35
N VAL F 165 -54.71 9.54 12.74
CA VAL F 165 -53.44 10.31 12.72
C VAL F 165 -53.29 11.00 14.08
N ILE F 166 -52.37 10.49 14.90
CA ILE F 166 -52.13 10.89 16.30
C ILE F 166 -50.69 11.37 16.39
N GLY F 167 -50.40 12.18 17.41
CA GLY F 167 -49.04 12.56 17.76
C GLY F 167 -48.79 12.29 19.21
N GLN F 168 -47.51 12.18 19.58
CA GLN F 168 -47.05 11.93 20.97
C GLN F 168 -46.48 13.23 21.51
N SER F 169 -46.80 13.54 22.78
CA SER F 169 -46.29 14.67 23.57
C SER F 169 -46.58 14.42 25.04
N GLY F 170 -47.86 14.26 25.39
CA GLY F 170 -48.33 14.27 26.80
C GLY F 170 -47.82 13.10 27.62
N VAL F 171 -47.78 11.89 27.03
CA VAL F 171 -47.27 10.64 27.70
C VAL F 171 -45.85 10.90 28.19
N LEU F 172 -44.97 11.41 27.31
CA LEU F 172 -43.58 11.79 27.70
C LEU F 172 -43.62 12.82 28.85
N ASP F 173 -44.39 13.91 28.73
CA ASP F 173 -44.49 14.91 29.83
C ASP F 173 -44.92 14.25 31.14
N THR F 174 -46.01 13.46 31.12
CA THR F 174 -46.55 12.83 32.36
C THR F 174 -45.50 11.91 32.94
N ALA F 175 -44.77 11.20 32.08
CA ALA F 175 -43.73 10.22 32.48
C ALA F 175 -42.62 10.95 33.23
N ARG F 176 -42.17 12.11 32.70
CA ARG F 176 -41.16 12.95 33.41
C ARG F 176 -41.75 13.43 34.76
N PHE F 177 -42.98 13.92 34.69
CA PHE F 177 -43.72 14.46 35.87
C PHE F 177 -43.69 13.39 36.97
N ARG F 178 -44.06 12.17 36.57
CA ARG F 178 -44.27 11.03 37.49
C ARG F 178 -42.96 10.66 38.16
N THR F 179 -41.90 10.56 37.35
CA THR F 179 -40.52 10.32 37.81
C THR F 179 -40.15 11.32 38.90
N PHE F 180 -40.26 12.63 38.62
CA PHE F 180 -39.85 13.66 39.63
C PHE F 180 -40.78 13.55 40.88
N VAL F 181 -42.07 13.34 40.68
CA VAL F 181 -43.01 13.21 41.85
C VAL F 181 -42.58 11.99 42.67
N ALA F 182 -42.26 10.88 42.00
CA ALA F 182 -41.87 9.61 42.65
C ALA F 182 -40.62 9.83 43.50
N GLU F 183 -39.64 10.58 42.96
CA GLU F 183 -38.40 10.98 43.68
C GLU F 183 -38.78 11.88 44.87
N GLU F 184 -39.60 12.90 44.65
CA GLU F 184 -39.98 13.84 45.74
C GLU F 184 -40.52 13.03 46.93
N LEU F 185 -41.44 12.07 46.69
CA LEU F 185 -42.26 11.37 47.72
C LEU F 185 -41.63 10.04 48.17
N ASN F 186 -40.58 9.56 47.49
CA ASN F 186 -39.98 8.20 47.69
C ASN F 186 -41.06 7.09 47.61
N ILE F 187 -41.89 7.09 46.56
CA ILE F 187 -42.86 5.99 46.26
C ILE F 187 -42.64 5.49 44.82
N SER F 188 -43.27 4.38 44.46
CA SER F 188 -43.23 3.78 43.09
C SER F 188 -43.89 4.73 42.09
N VAL F 189 -43.33 4.80 40.88
CA VAL F 189 -43.88 5.60 39.73
C VAL F 189 -45.24 5.01 39.33
N LYS F 190 -45.48 3.74 39.65
CA LYS F 190 -46.75 3.03 39.31
C LYS F 190 -47.93 3.72 39.99
N ASP F 191 -47.71 4.32 41.17
CA ASP F 191 -48.75 4.88 42.08
C ASP F 191 -48.85 6.40 41.95
N VAL F 192 -48.07 7.02 41.06
CA VAL F 192 -48.09 8.50 40.82
C VAL F 192 -48.84 8.76 39.52
N THR F 193 -49.76 9.71 39.52
CA THR F 193 -50.47 10.13 38.28
C THR F 193 -50.20 11.63 38.04
N GLY F 194 -50.11 11.98 36.77
CA GLY F 194 -49.92 13.35 36.30
C GLY F 194 -50.89 13.59 35.18
N PHE F 195 -51.21 14.84 34.93
CA PHE F 195 -52.27 15.21 33.97
C PHE F 195 -51.77 16.47 33.26
N VAL F 196 -51.71 16.45 31.93
CA VAL F 196 -51.25 17.62 31.13
C VAL F 196 -52.05 17.68 29.82
N LEU F 197 -52.47 18.90 29.46
CA LEU F 197 -52.90 19.30 28.10
C LEU F 197 -51.79 20.12 27.45
N GLY F 198 -51.92 20.36 26.14
CA GLY F 198 -51.00 21.18 25.33
C GLY F 198 -49.78 20.40 24.88
N GLY F 199 -48.79 21.12 24.31
CA GLY F 199 -47.49 20.55 23.89
C GLY F 199 -46.48 20.60 24.99
N HIS F 200 -45.17 20.57 24.66
CA HIS F 200 -44.04 20.63 25.61
C HIS F 200 -43.73 22.08 26.02
N GLY F 201 -43.03 22.25 27.14
CA GLY F 201 -42.40 23.53 27.53
C GLY F 201 -43.43 24.52 28.02
N ASP F 202 -43.44 25.73 27.45
CA ASP F 202 -44.37 26.82 27.85
C ASP F 202 -45.80 26.42 27.45
N ASP F 203 -45.98 25.74 26.31
CA ASP F 203 -47.28 25.27 25.77
C ASP F 203 -47.90 24.20 26.67
N MET F 204 -47.16 23.63 27.63
CA MET F 204 -47.67 22.56 28.53
C MET F 204 -48.67 23.16 29.53
N VAL F 205 -49.86 22.57 29.65
CA VAL F 205 -50.92 22.98 30.61
C VAL F 205 -51.09 21.86 31.66
N PRO F 206 -50.22 21.81 32.68
CA PRO F 206 -50.36 20.86 33.79
C PRO F 206 -51.56 21.15 34.71
N LEU F 207 -52.26 20.09 35.12
CA LEU F 207 -53.43 20.12 36.04
C LEU F 207 -53.04 19.39 37.33
N VAL F 208 -52.34 20.07 38.23
CA VAL F 208 -51.83 19.49 39.50
C VAL F 208 -53.02 19.07 40.39
N ARG F 209 -54.20 19.65 40.19
CA ARG F 209 -55.41 19.27 40.97
C ARG F 209 -55.80 17.83 40.59
N TYR F 210 -55.73 17.48 39.30
CA TYR F 210 -55.97 16.11 38.75
C TYR F 210 -54.70 15.26 38.75
N SER F 211 -53.81 15.43 39.74
CA SER F 211 -52.52 14.69 39.85
C SER F 211 -52.32 14.22 41.29
N TYR F 212 -51.98 12.94 41.47
CA TYR F 212 -52.10 12.23 42.77
C TYR F 212 -50.93 11.26 42.94
N ALA F 213 -50.58 11.04 44.21
CA ALA F 213 -49.92 9.85 44.77
C ALA F 213 -51.01 8.95 45.38
N GLY F 214 -51.29 7.81 44.73
CA GLY F 214 -52.21 6.77 45.23
C GLY F 214 -53.57 7.34 45.59
N GLY F 215 -54.15 8.14 44.70
CA GLY F 215 -55.49 8.74 44.86
C GLY F 215 -55.45 10.06 45.61
N ILE F 216 -54.47 10.23 46.49
CA ILE F 216 -54.31 11.44 47.34
C ILE F 216 -53.77 12.56 46.46
N PRO F 217 -54.42 13.75 46.40
CA PRO F 217 -53.94 14.86 45.56
C PRO F 217 -52.53 15.33 45.96
N LEU F 218 -51.71 15.75 44.98
CA LEU F 218 -50.29 16.11 45.23
C LEU F 218 -50.21 17.42 46.05
N GLU F 219 -51.10 18.38 45.76
CA GLU F 219 -51.24 19.67 46.51
C GLU F 219 -51.24 19.43 48.03
N LYS F 220 -51.74 18.26 48.50
CA LYS F 220 -51.85 17.91 49.94
C LYS F 220 -50.64 17.11 50.42
N LEU F 221 -49.68 16.79 49.54
CA LEU F 221 -48.51 15.96 49.95
C LEU F 221 -47.18 16.71 49.77
N ILE F 222 -47.10 17.68 48.83
CA ILE F 222 -45.83 18.39 48.43
C ILE F 222 -46.05 19.91 48.51
N PRO F 223 -45.20 20.66 49.28
CA PRO F 223 -45.33 22.12 49.34
C PRO F 223 -45.44 22.77 47.95
N LYS F 224 -46.00 23.97 47.86
CA LYS F 224 -46.30 24.61 46.54
C LYS F 224 -45.01 24.99 45.81
N ASP F 225 -43.93 25.31 46.53
CA ASP F 225 -42.62 25.71 45.94
C ASP F 225 -42.05 24.49 45.19
N ARG F 226 -41.91 23.36 45.89
CA ARG F 226 -41.30 22.10 45.39
C ARG F 226 -42.15 21.54 44.24
N LEU F 227 -43.46 21.76 44.27
CA LEU F 227 -44.41 21.22 43.26
C LEU F 227 -44.30 22.08 42.00
N ASP F 228 -44.28 23.39 42.17
CA ASP F 228 -44.06 24.38 41.09
C ASP F 228 -42.71 24.10 40.44
N ALA F 229 -41.68 23.73 41.23
CA ALA F 229 -40.33 23.32 40.77
C ALA F 229 -40.40 22.01 39.97
N ILE F 230 -41.16 21.01 40.44
CA ILE F 230 -41.38 19.72 39.69
C ILE F 230 -42.06 20.09 38.36
N VAL F 231 -43.09 20.93 38.37
CA VAL F 231 -43.85 21.31 37.16
C VAL F 231 -42.90 21.99 36.17
N GLU F 232 -41.94 22.77 36.70
CA GLU F 232 -41.02 23.58 35.85
C GLU F 232 -40.04 22.61 35.17
N ARG F 233 -39.43 21.71 35.95
CA ARG F 233 -38.52 20.64 35.48
C ARG F 233 -39.22 19.88 34.35
N THR F 234 -40.52 19.58 34.50
CA THR F 234 -41.32 18.86 33.46
C THR F 234 -41.26 19.67 32.18
N ARG F 235 -41.49 20.99 32.26
CA ARG F 235 -41.56 21.89 31.07
C ARG F 235 -40.21 21.86 30.34
N LYS F 236 -39.11 21.73 31.09
CA LYS F 236 -37.71 21.86 30.60
C LYS F 236 -37.06 20.47 30.47
N GLY F 237 -37.81 19.39 30.74
CA GLY F 237 -37.29 18.02 30.87
C GLY F 237 -36.55 17.52 29.64
N GLY F 238 -37.07 17.83 28.45
CA GLY F 238 -36.40 17.53 27.17
C GLY F 238 -35.10 18.32 26.99
N GLY F 239 -35.05 19.59 27.42
CA GLY F 239 -33.84 20.42 27.36
C GLY F 239 -32.86 20.00 28.43
N GLU F 240 -33.33 19.54 29.59
CA GLU F 240 -32.44 18.96 30.62
C GLU F 240 -31.64 17.80 30.01
N ILE F 241 -32.25 16.95 29.17
CA ILE F 241 -31.53 15.77 28.61
C ILE F 241 -30.54 16.25 27.53
N VAL F 242 -30.96 17.15 26.64
CA VAL F 242 -30.08 17.76 25.60
C VAL F 242 -28.82 18.34 26.26
N ASN F 243 -28.97 19.16 27.31
CA ASN F 243 -27.81 19.80 27.99
C ASN F 243 -26.92 18.73 28.60
N LEU F 244 -27.50 17.60 29.01
CA LEU F 244 -26.68 16.56 29.66
C LEU F 244 -25.94 15.73 28.59
N LEU F 245 -26.57 15.46 27.46
CA LEU F 245 -26.01 14.53 26.44
C LEU F 245 -24.91 15.24 25.64
N GLY F 246 -24.99 16.57 25.44
CA GLY F 246 -24.01 17.30 24.62
C GLY F 246 -24.31 17.24 23.12
N ASN F 247 -24.68 16.08 22.57
CA ASN F 247 -25.19 15.93 21.18
C ASN F 247 -26.45 15.04 21.17
N GLY F 248 -27.48 15.46 20.42
CA GLY F 248 -28.78 14.77 20.31
C GLY F 248 -29.73 15.11 21.45
N SER F 249 -30.95 14.54 21.42
CA SER F 249 -32.01 14.66 22.47
C SER F 249 -32.41 13.29 23.04
N ALA F 250 -33.39 13.28 23.96
CA ALA F 250 -33.91 12.10 24.70
C ALA F 250 -34.23 10.98 23.70
N TYR F 251 -34.05 9.71 24.05
CA TYR F 251 -34.60 8.65 23.16
C TYR F 251 -35.27 7.54 23.96
N TYR F 252 -34.82 7.18 25.16
CA TYR F 252 -35.46 6.06 25.89
C TYR F 252 -36.92 6.39 26.22
N ALA F 253 -37.14 7.52 26.89
CA ALA F 253 -38.49 7.94 27.32
C ALA F 253 -39.34 8.22 26.08
N PRO F 254 -38.88 8.98 25.08
CA PRO F 254 -39.70 9.14 23.88
C PRO F 254 -40.11 7.78 23.32
N ALA F 255 -39.18 6.81 23.17
CA ALA F 255 -39.44 5.45 22.65
C ALA F 255 -40.52 4.75 23.49
N ALA F 256 -40.34 4.65 24.82
CA ALA F 256 -41.36 4.09 25.73
C ALA F 256 -42.73 4.74 25.48
N SER F 257 -42.77 6.05 25.29
CA SER F 257 -44.03 6.84 25.15
C SER F 257 -44.74 6.39 23.87
N LEU F 258 -44.02 6.30 22.76
CA LEU F 258 -44.62 5.85 21.47
C LEU F 258 -45.13 4.42 21.67
N VAL F 259 -44.41 3.59 22.45
CA VAL F 259 -44.74 2.15 22.53
C VAL F 259 -46.04 2.01 23.34
N GLU F 260 -46.19 2.74 24.45
CA GLU F 260 -47.44 2.76 25.24
C GLU F 260 -48.61 3.06 24.28
N MET F 261 -48.41 4.00 23.36
CA MET F 261 -49.48 4.41 22.44
C MET F 261 -49.74 3.26 21.46
N VAL F 262 -48.69 2.69 20.90
CA VAL F 262 -48.84 1.59 19.89
C VAL F 262 -49.60 0.42 20.52
N GLU F 263 -49.20 -0.01 21.71
CA GLU F 263 -49.82 -1.13 22.47
C GLU F 263 -51.33 -0.87 22.62
N ALA F 264 -51.70 0.33 23.12
CA ALA F 264 -53.10 0.77 23.35
C ALA F 264 -53.93 0.54 22.08
N ILE F 265 -53.36 0.75 20.89
CA ILE F 265 -54.04 0.55 19.58
C ILE F 265 -54.03 -0.94 19.13
N LEU F 266 -52.89 -1.62 19.13
CA LEU F 266 -52.80 -3.00 18.56
C LEU F 266 -53.63 -4.00 19.41
N LYS F 267 -53.76 -3.78 20.71
CA LYS F 267 -54.44 -4.65 21.69
C LYS F 267 -55.78 -4.02 22.15
N ASP F 268 -56.21 -2.95 21.47
CA ASP F 268 -57.53 -2.28 21.66
C ASP F 268 -57.81 -2.16 23.16
N GLN F 269 -56.94 -1.45 23.88
CA GLN F 269 -56.95 -1.38 25.36
C GLN F 269 -57.85 -0.26 25.88
N ARG F 270 -58.24 0.68 25.02
CA ARG F 270 -59.05 1.85 25.44
C ARG F 270 -58.37 2.46 26.68
N ARG F 271 -57.13 2.91 26.52
CA ARG F 271 -56.40 3.62 27.61
C ARG F 271 -56.90 5.06 27.61
N ILE F 272 -56.94 5.72 28.76
CA ILE F 272 -57.06 7.21 28.86
C ILE F 272 -55.64 7.76 28.84
N LEU F 273 -55.17 8.18 27.66
CA LEU F 273 -53.82 8.79 27.47
C LEU F 273 -53.94 10.20 26.90
N PRO F 274 -53.09 11.14 27.36
CA PRO F 274 -52.98 12.45 26.71
C PRO F 274 -52.36 12.28 25.30
N ALA F 275 -52.93 12.90 24.29
CA ALA F 275 -52.50 12.75 22.88
C ALA F 275 -52.68 14.05 22.08
N ILE F 276 -51.90 14.15 21.01
CA ILE F 276 -52.00 15.26 20.04
C ILE F 276 -53.06 14.83 19.05
N ALA F 277 -54.27 15.41 19.18
CA ALA F 277 -55.50 15.07 18.41
C ALA F 277 -56.01 16.30 17.67
N TYR F 278 -56.60 16.07 16.48
CA TYR F 278 -57.36 17.07 15.70
C TYR F 278 -58.68 17.38 16.43
N LEU F 279 -58.94 18.66 16.71
CA LEU F 279 -60.21 19.10 17.35
C LEU F 279 -61.19 19.56 16.27
N GLU F 280 -62.48 19.22 16.46
CA GLU F 280 -63.64 19.75 15.68
C GLU F 280 -64.69 20.19 16.70
N GLY F 281 -64.31 21.11 17.59
CA GLY F 281 -65.21 21.80 18.52
C GLY F 281 -64.82 21.63 19.97
N GLU F 282 -63.91 20.71 20.28
CA GLU F 282 -63.61 20.37 21.71
C GLU F 282 -62.87 21.54 22.37
N TYR F 283 -63.19 21.83 23.64
CA TYR F 283 -62.49 22.83 24.50
C TYR F 283 -62.65 24.25 23.93
N GLY F 284 -63.39 24.40 22.83
CA GLY F 284 -63.69 25.68 22.16
C GLY F 284 -63.01 25.82 20.81
N TYR F 285 -62.25 24.80 20.36
CA TYR F 285 -61.35 24.90 19.18
C TYR F 285 -61.76 23.88 18.11
N GLU F 286 -61.46 24.19 16.85
CA GLU F 286 -61.58 23.27 15.69
C GLU F 286 -60.54 23.67 14.64
N GLY F 287 -60.15 22.75 13.75
CA GLY F 287 -59.19 22.99 12.66
C GLY F 287 -57.73 22.86 13.08
N ILE F 288 -57.44 22.51 14.35
CA ILE F 288 -56.05 22.40 14.88
C ILE F 288 -55.83 21.04 15.60
N TYR F 289 -54.57 20.59 15.66
CA TYR F 289 -54.12 19.50 16.57
C TYR F 289 -53.70 20.11 17.89
N LEU F 290 -53.95 19.39 18.96
CA LEU F 290 -53.73 19.90 20.34
C LEU F 290 -53.68 18.73 21.31
N GLY F 291 -52.86 18.89 22.36
CA GLY F 291 -52.70 17.92 23.46
C GLY F 291 -53.91 17.89 24.38
N VAL F 292 -54.67 16.79 24.35
CA VAL F 292 -55.96 16.62 25.11
C VAL F 292 -56.03 15.22 25.69
N PRO F 293 -56.91 14.95 26.69
CA PRO F 293 -57.12 13.61 27.18
C PRO F 293 -57.91 12.89 26.08
N THR F 294 -57.48 11.67 25.73
CA THR F 294 -58.11 10.81 24.71
C THR F 294 -58.31 9.41 25.29
N ILE F 295 -59.28 8.70 24.72
CA ILE F 295 -59.37 7.23 24.85
C ILE F 295 -58.74 6.68 23.58
N LEU F 296 -57.70 5.85 23.77
CA LEU F 296 -56.89 5.26 22.68
C LEU F 296 -57.21 3.74 22.66
N GLY F 297 -57.59 3.25 21.48
CA GLY F 297 -58.10 1.89 21.26
C GLY F 297 -57.84 1.48 19.83
N GLY F 298 -58.51 0.43 19.37
CA GLY F 298 -58.17 -0.20 18.08
C GLY F 298 -58.67 0.60 16.89
N ASN F 299 -59.48 1.63 17.12
CA ASN F 299 -59.91 2.59 16.07
C ASN F 299 -59.08 3.87 16.19
N GLY F 300 -57.92 3.80 16.86
CA GLY F 300 -57.07 4.98 17.13
C GLY F 300 -57.63 5.80 18.27
N ILE F 301 -57.90 7.09 18.04
CA ILE F 301 -58.53 8.02 19.02
C ILE F 301 -60.03 7.73 19.02
N GLU F 302 -60.56 7.19 20.11
CA GLU F 302 -61.98 6.73 20.16
C GLU F 302 -62.83 7.96 20.52
N LYS F 303 -62.26 8.83 21.34
CA LYS F 303 -62.92 10.02 21.92
C LYS F 303 -61.84 11.01 22.40
N VAL F 304 -62.05 12.30 22.16
CA VAL F 304 -61.36 13.39 22.91
C VAL F 304 -62.18 13.59 24.19
N ILE F 305 -61.56 13.42 25.35
CA ILE F 305 -62.26 13.72 26.63
C ILE F 305 -62.27 15.26 26.77
N GLU F 306 -63.46 15.84 26.91
CA GLU F 306 -63.68 17.30 27.08
C GLU F 306 -64.06 17.55 28.55
N LEU F 307 -63.19 18.15 29.33
CA LEU F 307 -63.40 18.36 30.80
C LEU F 307 -63.86 19.80 31.08
N GLU F 308 -64.30 20.03 32.31
CA GLU F 308 -64.52 21.35 32.95
C GLU F 308 -63.16 21.90 33.37
N LEU F 309 -62.64 22.91 32.65
CA LEU F 309 -61.40 23.61 33.06
C LEU F 309 -61.76 24.82 33.92
N THR F 310 -61.01 25.06 34.99
CA THR F 310 -61.05 26.33 35.77
C THR F 310 -60.73 27.50 34.81
N GLU F 311 -60.76 28.74 35.33
CA GLU F 311 -60.68 29.98 34.49
C GLU F 311 -59.21 30.27 34.14
N GLU F 312 -58.30 30.04 35.09
CA GLU F 312 -56.84 30.17 34.89
C GLU F 312 -56.37 29.13 33.86
N GLU F 313 -56.84 27.87 33.97
CA GLU F 313 -56.46 26.75 33.06
C GLU F 313 -57.00 27.01 31.64
N LYS F 314 -58.19 27.59 31.53
CA LYS F 314 -58.85 27.89 30.22
C LYS F 314 -58.04 28.98 29.50
N ALA F 315 -57.39 29.87 30.26
CA ALA F 315 -56.56 30.99 29.76
C ALA F 315 -55.16 30.47 29.38
N ALA F 316 -54.66 29.46 30.10
CA ALA F 316 -53.39 28.76 29.77
C ALA F 316 -53.53 28.04 28.41
N LEU F 317 -54.52 27.16 28.26
CA LEU F 317 -54.76 26.42 27.00
C LEU F 317 -54.85 27.42 25.85
N ALA F 318 -55.60 28.51 26.06
CA ALA F 318 -55.80 29.67 25.15
C ALA F 318 -54.45 30.14 24.57
N LYS F 319 -53.47 30.41 25.43
CA LYS F 319 -52.08 30.79 25.04
C LYS F 319 -51.44 29.66 24.21
N SER F 320 -51.52 28.41 24.66
CA SER F 320 -50.81 27.27 24.00
C SER F 320 -51.45 26.98 22.65
N VAL F 321 -52.74 27.33 22.47
CA VAL F 321 -53.41 27.27 21.13
C VAL F 321 -52.79 28.33 20.20
N GLU F 322 -52.50 29.55 20.68
CA GLU F 322 -51.89 30.62 19.84
C GLU F 322 -50.55 30.10 19.27
N SER F 323 -49.69 29.55 20.15
CA SER F 323 -48.37 28.95 19.83
C SER F 323 -48.49 27.91 18.71
N VAL F 324 -49.52 27.05 18.76
CA VAL F 324 -49.84 26.04 17.69
C VAL F 324 -50.22 26.79 16.40
N LYS F 325 -51.06 27.82 16.51
CA LYS F 325 -51.53 28.62 15.35
C LYS F 325 -50.37 29.41 14.74
N ASN F 326 -49.29 29.67 15.49
CA ASN F 326 -48.08 30.42 15.03
C ASN F 326 -47.22 29.56 14.10
N VAL F 327 -46.85 28.34 14.48
CA VAL F 327 -46.09 27.39 13.60
C VAL F 327 -47.07 26.83 12.55
N MET F 328 -46.85 27.15 11.27
CA MET F 328 -47.79 26.86 10.14
C MET F 328 -46.99 26.50 8.87
PA NAD G . 22.39 1.75 15.93
O1A NAD G . 22.57 1.78 17.42
O2A NAD G . 21.92 0.46 15.33
O5B NAD G . 23.75 2.19 15.19
C5B NAD G . 24.77 3.04 15.77
C4B NAD G . 26.12 2.41 15.52
O4B NAD G . 27.16 3.37 15.81
C3B NAD G . 26.44 1.17 16.38
O3B NAD G . 26.79 0.04 15.59
C2B NAD G . 27.67 1.61 17.19
O2B NAD G . 28.56 0.57 17.48
C1B NAD G . 28.27 2.61 16.22
N9A NAD G . 29.33 3.46 16.79
C8A NAD G . 29.36 4.08 18.01
N7A NAD G . 30.49 4.72 18.24
C5A NAD G . 31.25 4.48 17.12
C6A NAD G . 32.56 4.87 16.75
N6A NAD G . 33.35 5.60 17.53
N1A NAD G . 33.04 4.46 15.55
C2A NAD G . 32.25 3.68 14.78
N3A NAD G . 31.01 3.27 15.02
C4A NAD G . 30.57 3.69 16.22
O3 NAD G . 21.38 2.93 15.47
PN NAD G . 20.83 3.31 13.99
O1N NAD G . 19.36 3.02 13.86
O2N NAD G . 21.73 2.64 13.00
O5D NAD G . 21.04 4.90 13.96
C5D NAD G . 22.29 5.48 14.43
C4D NAD G . 22.12 6.95 14.72
O4D NAD G . 21.51 7.61 13.60
C3D NAD G . 21.25 7.30 15.93
O3D NAD G . 22.05 7.29 17.11
C2D NAD G . 20.72 8.69 15.58
O2D NAD G . 21.55 9.68 16.16
C1D NAD G . 20.73 8.74 14.04
N1N NAD G . 19.38 8.69 13.38
C2N NAD G . 18.82 9.86 12.84
C3N NAD G . 17.57 9.84 12.20
C7N NAD G . 16.87 11.16 11.95
O7N NAD G . 15.70 11.30 12.34
N7N NAD G . 17.55 12.12 11.34
C4N NAD G . 17.03 8.61 11.89
C5N NAD G . 17.47 7.47 12.55
C6N NAD G . 18.67 7.51 13.23
PA NAD H . 13.99 -14.21 12.52
O1A NAD H . 13.98 -14.79 13.88
O2A NAD H . 14.63 -12.87 12.41
O5B NAD H . 12.51 -14.10 11.95
C5B NAD H . 11.54 -15.15 12.05
C4B NAD H . 10.22 -14.50 12.37
O4B NAD H . 9.16 -15.50 12.30
C3B NAD H . 10.11 -13.89 13.77
O3B NAD H . 9.81 -12.50 13.77
C2B NAD H . 8.95 -14.67 14.41
O2B NAD H . 8.19 -13.92 15.34
C1B NAD H . 8.16 -15.08 13.18
N9A NAD H . 7.22 -16.16 13.45
C8A NAD H . 7.38 -17.18 14.36
N7A NAD H . 6.35 -17.96 14.44
C5A NAD H . 5.43 -17.41 13.57
C6A NAD H . 4.12 -17.78 13.23
N6A NAD H . 3.47 -18.80 13.78
N1A NAD H . 3.45 -17.02 12.32
C2A NAD H . 4.10 -15.97 11.80
N3A NAD H . 5.33 -15.52 12.05
C4A NAD H . 5.95 -16.29 12.95
O3 NAD H . 14.67 -15.27 11.54
PN NAD H . 15.26 -15.11 10.08
O1N NAD H . 16.67 -14.72 10.28
O2N NAD H . 14.33 -14.27 9.28
O5D NAD H . 15.19 -16.60 9.53
C5D NAD H . 13.88 -17.12 9.25
C4D NAD H . 13.98 -18.58 8.88
O4D NAD H . 14.66 -18.67 7.61
C3D NAD H . 14.77 -19.47 9.87
O3D NAD H . 14.16 -20.75 9.99
C2D NAD H . 16.14 -19.57 9.17
O2D NAD H . 16.92 -20.70 9.52
C1D NAD H . 15.68 -19.67 7.73
N1N NAD H . 16.76 -19.44 6.71
C2N NAD H . 16.92 -20.39 5.71
C3N NAD H . 17.79 -20.16 4.66
C7N NAD H . 17.64 -20.97 3.39
O7N NAD H . 16.54 -21.41 3.02
N7N NAD H . 18.75 -21.14 2.70
C4N NAD H . 18.80 -19.18 4.84
C5N NAD H . 18.70 -18.30 5.90
C6N NAD H . 17.56 -18.34 6.72
PA NAD I . 24.37 5.56 -40.35
O1A NAD I . 24.78 5.68 -41.79
O2A NAD I . 22.90 5.62 -40.03
O5B NAD I . 25.17 6.65 -39.49
C5B NAD I . 26.57 6.93 -39.75
C4B NAD I . 26.87 8.38 -39.44
O4B NAD I . 28.30 8.62 -39.57
C3B NAD I . 26.20 9.42 -40.37
O3B NAD I . 25.13 10.10 -39.70
C2B NAD I . 27.35 10.33 -40.81
O2B NAD I . 27.09 11.72 -40.78
C1B NAD I . 28.44 10.01 -39.79
N9A NAD I . 29.78 10.39 -40.25
C8A NAD I . 30.38 10.10 -41.45
N7A NAD I . 31.58 10.62 -41.57
C5A NAD I . 31.78 11.32 -40.40
C6A NAD I . 32.86 12.10 -39.93
N6A NAD I . 33.99 12.35 -40.61
N1A NAD I . 32.73 12.68 -38.71
C2A NAD I . 31.60 12.47 -38.03
N3A NAD I . 30.53 11.74 -38.37
C4A NAD I . 30.68 11.19 -39.58
O3 NAD I . 24.92 4.16 -39.77
PN NAD I . 24.55 3.17 -38.55
O1N NAD I . 23.35 2.34 -38.88
O2N NAD I . 24.49 3.97 -37.30
O5D NAD I . 25.86 2.24 -38.55
C5D NAD I . 27.15 2.91 -38.56
C4D NAD I . 28.25 1.91 -38.80
O4D NAD I . 28.16 0.85 -37.84
C3D NAD I . 28.27 1.22 -40.18
O3D NAD I . 29.61 1.10 -40.64
C2D NAD I . 27.69 -0.16 -39.86
O2D NAD I . 28.05 -1.15 -40.81
C1D NAD I . 28.32 -0.41 -38.49
N1N NAD I . 27.66 -1.48 -37.66
C2N NAD I . 28.46 -2.47 -37.13
C3N NAD I . 27.90 -3.46 -36.31
C7N NAD I . 28.83 -4.37 -35.54
O7N NAD I . 28.53 -5.55 -35.42
N7N NAD I . 29.94 -3.85 -35.02
C4N NAD I . 26.50 -3.58 -36.29
C5N NAD I . 25.73 -2.59 -36.85
C6N NAD I . 26.33 -1.48 -37.41
PA NAD J . 5.79 7.70 -38.75
O1A NAD J . 5.23 8.03 -40.10
O2A NAD J . 7.24 7.34 -38.66
O5B NAD J . 4.90 6.54 -38.10
C5B NAD J . 3.53 6.33 -38.51
C4B NAD J . 3.38 4.89 -38.91
O4B NAD J . 1.98 4.53 -38.94
C3B NAD J . 3.93 4.51 -40.30
O3B NAD J . 4.94 3.52 -40.15
C2B NAD J . 2.68 4.05 -41.08
O2B NAD J . 2.94 3.03 -42.03
C1B NAD J . 1.80 3.56 -39.93
N9A NAD J . 0.37 3.48 -40.21
C8A NAD J . -0.40 4.38 -40.90
N7A NAD J . -1.66 4.04 -40.97
C5A NAD J . -1.74 2.84 -40.29
C6A NAD J . -2.82 1.98 -40.00
N6A NAD J . -4.06 2.21 -40.41
N1A NAD J . -2.55 0.87 -39.27
C2A NAD J . -1.29 0.64 -38.89
N3A NAD J . -0.20 1.38 -39.10
C4A NAD J . -0.49 2.49 -39.81
O3 NAD J . 5.48 8.89 -37.72
PN NAD J . 5.70 9.14 -36.14
O1N NAD J . 6.82 10.12 -35.96
O2N NAD J . 5.80 7.82 -35.46
O5D NAD J . 4.33 9.85 -35.73
C5D NAD J . 3.12 9.07 -35.56
C4D NAD J . 1.96 9.99 -35.26
O4D NAD J . 2.13 10.55 -33.93
C3D NAD J . 1.78 11.21 -36.18
O3D NAD J . 0.42 11.57 -36.27
C2D NAD J . 2.57 12.29 -35.43
O2D NAD J . 2.27 13.61 -35.83
C1D NAD J . 2.09 11.98 -34.01
N1N NAD J . 2.94 12.57 -32.93
C2N NAD J . 2.34 13.21 -31.86
C3N NAD J . 3.09 13.88 -30.90
C7N NAD J . 2.38 14.63 -29.80
O7N NAD J . 2.79 15.75 -29.49
N7N NAD J . 1.32 14.07 -29.23
C4N NAD J . 4.48 13.88 -31.01
C5N NAD J . 5.07 13.34 -32.14
C6N NAD J . 4.32 12.54 -32.98
PA NAD K . -18.27 2.38 23.54
O1A NAD K . -17.06 3.14 23.12
O2A NAD K . -19.62 2.83 23.07
O5B NAD K . -18.31 2.23 25.14
C5B NAD K . -17.15 2.09 25.98
C4B NAD K . -17.36 3.06 27.11
O4B NAD K . -16.37 2.84 28.15
C3B NAD K . -17.24 4.55 26.71
O3B NAD K . -18.39 5.26 27.15
C2B NAD K . -15.94 4.99 27.40
O2B NAD K . -15.92 6.36 27.77
C1B NAD K . -15.97 4.09 28.63
N9A NAD K . -14.69 3.99 29.33
C8A NAD K . -13.44 4.07 28.80
N7A NAD K . -12.48 3.97 29.69
C5A NAD K . -13.15 3.82 30.89
C6A NAD K . -12.70 3.67 32.22
N6A NAD K . -11.41 3.68 32.55
N1A NAD K . -13.63 3.55 33.20
C2A NAD K . -14.92 3.58 32.85
N3A NAD K . -15.47 3.70 31.64
C4A NAD K . -14.52 3.83 30.69
O3 NAD K . -18.05 0.82 23.21
PN NAD K . -19.15 -0.36 23.20
O1N NAD K . -19.70 -0.50 21.82
O2N NAD K . -20.11 -0.15 24.33
O5D NAD K . -18.26 -1.65 23.52
C5D NAD K . -17.52 -1.70 24.75
C4D NAD K . -16.61 -2.91 24.70
O4D NAD K . -17.45 -4.06 24.42
C3D NAD K . -15.56 -2.90 23.57
O3D NAD K . -14.31 -3.49 23.94
C2D NAD K . -16.22 -3.79 22.52
O2D NAD K . -15.31 -4.34 21.59
C1D NAD K . -16.80 -4.85 23.44
N1N NAD K . -17.75 -5.81 22.80
C2N NAD K . -17.50 -7.15 22.99
C3N NAD K . -18.43 -8.11 22.60
C7N NAD K . -18.19 -9.52 23.11
O7N NAD K . -18.60 -10.47 22.46
N7N NAD K . -17.53 -9.68 24.25
C4N NAD K . -19.49 -7.71 21.77
C5N NAD K . -19.64 -6.36 21.44
C6N NAD K . -18.83 -5.41 22.05
PA NAD L . -32.24 11.32 14.89
O1A NAD L . -31.72 12.49 14.12
O2A NAD L . -31.26 10.43 15.59
O5B NAD L . -33.17 10.44 13.93
C5B NAD L . -34.01 10.98 12.88
C4B NAD L . -33.83 10.09 11.68
O4B NAD L . -34.76 10.48 10.65
C3B NAD L . -32.44 10.08 11.03
O3B NAD L . -31.81 8.80 11.03
C2B NAD L . -32.72 10.55 9.59
O2B NAD L . -31.85 9.93 8.65
C1B NAD L . -34.18 10.13 9.42
N9A NAD L . -34.87 10.77 8.31
C8A NAD L . -34.76 12.09 7.92
N7A NAD L . -35.46 12.37 6.86
C5A NAD L . -36.08 11.18 6.53
C6A NAD L . -36.97 10.84 5.48
N6A NAD L . -37.37 11.70 4.55
N1A NAD L . -37.40 9.55 5.41
C2A NAD L . -36.96 8.69 6.35
N3A NAD L . -36.15 8.90 7.37
C4A NAD L . -35.72 10.18 7.41
O3 NAD L . -33.28 11.83 16.00
PN NAD L . -34.23 11.17 17.10
O1N NAD L . -33.64 11.23 18.48
O2N NAD L . -34.65 9.80 16.65
O5D NAD L . -35.48 12.17 16.99
C5D NAD L . -36.27 12.14 15.78
C4D NAD L . -37.23 13.30 15.76
O4D NAD L . -38.14 13.16 16.89
C3D NAD L . -36.60 14.70 15.87
O3D NAD L . -37.11 15.57 14.87
C2D NAD L . -36.94 15.13 17.31
O2D NAD L . -37.08 16.53 17.46
C1D NAD L . -38.26 14.42 17.58
N1N NAD L . -38.53 14.15 19.03
C2N NAD L . -39.74 14.56 19.60
C3N NAD L . -40.08 14.18 20.90
C7N NAD L . -41.52 14.27 21.38
O7N NAD L . -41.75 14.36 22.59
N7N NAD L . -42.49 14.24 20.47
C4N NAD L . -39.04 13.75 21.74
C5N NAD L . -37.80 13.46 21.19
C6N NAD L . -37.62 13.53 19.82
#